data_8TSW
#
_entry.id   8TSW
#
_cell.length_a   1.00
_cell.length_b   1.00
_cell.length_c   1.00
_cell.angle_alpha   90.00
_cell.angle_beta   90.00
_cell.angle_gamma   90.00
#
_symmetry.space_group_name_H-M   'P 1'
#
loop_
_entity.id
_entity.type
_entity.pdbx_description
1 polymer 'ABC transporter ATP-binding protein'
2 polymer 'Transport permease protein'
3 polymer 'Capsular biosynthesis protein'
#
loop_
_entity_poly.entity_id
_entity_poly.type
_entity_poly.pdbx_seq_one_letter_code
_entity_poly.pdbx_strand_id
1 'polypeptide(L)'
;MIELRNLTKWYPTPHGRRYVFRNLNFRFPDDVSIGLIGRNGAGKSTLMRLLGGIEAPNEGEVVTDVSISWPVGLSGGFQG
SLTARENVKFVCRIYGTSHEDMLRKVRFVEEFAEIGEHFDLPMKTYSSGMRSRVAFGLSMAFDFDYYLIDEAMAVGDAQF
RAKSRAVFDSRVGQANMILVSHNMNDIKEYCDVVVLVDQGQATLYEDVEAGIAAYQGSLKKAAAKPDYKDDDDK
;
A,B
2 'polypeptide(L)'
;MGKIHLAVSERSPRVKRSPWQIQQAVLFALFLRELKTRLGGRWLGVFWVLLEPVAHIAVMTTLFSLAHRAAMPSIEYPVF
LITGLIPFFMFRGLVTRLMEAIDSNRGLFAYRQVKPIDTVIARAMLEISLQSIVYLIALGTLGWLGFHFLPVRALELAGV
SAVLIMLGASLGLFFAVVTNEIPQARAIVRISLLPLYFVSGVIFPVHTIPPQYLPLLQLNPVLHLIELSRASFFPQYRVL
QGINLAYPAGFALLSLFLALMLYRLRRHQLASVV
;
C,D
3 'polypeptide(L)'
;MGKIHMKLVSRLTAKRLQWALVYLPMLVATVYFLVFSADRYVSESVITVRQTSSNAPTGGMSGAALLLAGLTPASREDTC
YLQTYIHSMGLLQKLDQQLKLREHFGTPLRDPLFRLWGGTSQEWFLEYYRSRVEVLMDDICGLLTVRVQGFEPEFAQALN
RAILEESERFVNELSHRMAREQGQFAEAELERATARLQEAKRQLIAFQAKHKLLDPLAQAQATGTLTAELQAALTRQEAE
LRNALTYLNEDSYQVKALRSQINALRQQIDEERLRATAGKNGDRINAVAAEFHDLQLQVGFAEDAYKLALAAVESARIEA
TRKLKSLVVVEPPVLPEIAEYPRRWYNLATLLVVCCLIYGVVSLVVATIRDHQDGSGSGSHHHHHHHHHH
;
E,F,G,H,I,J,K,L
#
# COMPACT_ATOMS: atom_id res chain seq x y z
N MET A 1 -26.76 -6.10 -58.68
CA MET A 1 -26.35 -7.48 -58.96
C MET A 1 -25.67 -8.11 -57.76
N ILE A 2 -26.44 -8.83 -56.94
CA ILE A 2 -25.91 -9.51 -55.77
C ILE A 2 -25.36 -10.86 -56.22
N GLU A 3 -24.05 -11.04 -56.10
CA GLU A 3 -23.38 -12.27 -56.52
C GLU A 3 -22.51 -12.80 -55.41
N LEU A 4 -22.49 -14.13 -55.26
CA LEU A 4 -21.73 -14.81 -54.22
C LEU A 4 -20.57 -15.55 -54.87
N ARG A 5 -19.40 -15.46 -54.24
CA ARG A 5 -18.17 -16.08 -54.76
C ARG A 5 -17.59 -16.92 -53.63
N ASN A 6 -17.70 -18.25 -53.79
CA ASN A 6 -17.20 -19.30 -52.88
C ASN A 6 -17.16 -18.87 -51.41
N LEU A 7 -18.34 -18.58 -50.87
CA LEU A 7 -18.45 -18.14 -49.48
C LEU A 7 -18.11 -19.27 -48.51
N THR A 8 -17.39 -18.94 -47.45
CA THR A 8 -17.10 -19.88 -46.37
C THR A 8 -17.17 -19.14 -45.04
N LYS A 9 -17.94 -19.67 -44.11
CA LYS A 9 -18.13 -19.05 -42.80
C LYS A 9 -18.23 -20.14 -41.74
N TRP A 10 -17.27 -20.16 -40.81
CA TRP A 10 -17.35 -21.04 -39.65
C TRP A 10 -18.17 -20.38 -38.55
N TYR A 11 -19.04 -21.16 -37.92
CA TYR A 11 -19.89 -20.63 -36.87
C TYR A 11 -19.14 -20.62 -35.53
N ARG A 17 -18.35 -28.89 -34.93
CA ARG A 17 -17.86 -27.79 -35.77
C ARG A 17 -18.38 -27.94 -37.20
N ARG A 18 -19.70 -27.97 -37.35
CA ARG A 18 -20.30 -28.12 -38.67
C ARG A 18 -20.09 -26.85 -39.49
N TYR A 19 -19.60 -27.02 -40.71
CA TYR A 19 -19.40 -25.89 -41.62
C TYR A 19 -20.74 -25.56 -42.26
N VAL A 20 -21.35 -24.46 -41.83
CA VAL A 20 -22.66 -24.07 -42.34
C VAL A 20 -22.60 -23.74 -43.82
N PHE A 21 -21.62 -22.94 -44.22
CA PHE A 21 -21.49 -22.48 -45.60
C PHE A 21 -20.03 -22.67 -45.97
N ARG A 22 -19.76 -23.34 -47.09
CA ARG A 22 -18.39 -23.73 -47.43
C ARG A 22 -18.19 -23.67 -48.94
N ASN A 23 -17.47 -22.64 -49.40
CA ASN A 23 -16.98 -22.44 -50.76
C ASN A 23 -17.98 -22.85 -51.85
N LEU A 24 -19.23 -22.44 -51.67
CA LEU A 24 -20.18 -22.46 -52.77
C LEU A 24 -20.35 -21.07 -53.37
N ASN A 25 -20.81 -21.06 -54.63
CA ASN A 25 -21.12 -19.85 -55.38
C ASN A 25 -22.60 -19.87 -55.75
N PHE A 26 -23.21 -18.69 -55.79
CA PHE A 26 -24.60 -18.59 -56.21
C PHE A 26 -24.83 -17.27 -56.93
N ARG A 27 -25.90 -17.23 -57.72
CA ARG A 27 -26.30 -16.06 -58.48
C ARG A 27 -27.71 -15.66 -58.09
N PHE A 28 -28.03 -14.39 -58.31
CA PHE A 28 -29.33 -13.85 -57.93
C PHE A 28 -29.95 -13.10 -59.10
N PRO A 29 -31.28 -13.07 -59.17
CA PRO A 29 -31.95 -12.32 -60.25
C PRO A 29 -31.80 -10.81 -60.05
N ASP A 30 -31.96 -10.09 -61.15
CA ASP A 30 -31.82 -8.64 -61.17
C ASP A 30 -33.20 -8.00 -61.27
N ASP A 31 -33.47 -7.07 -60.34
CA ASP A 31 -34.73 -6.32 -60.29
C ASP A 31 -35.94 -7.26 -60.18
N VAL A 32 -35.78 -8.34 -59.43
CA VAL A 32 -36.84 -9.30 -59.19
C VAL A 32 -37.02 -9.45 -57.69
N SER A 33 -38.26 -9.39 -57.21
CA SER A 33 -38.55 -9.52 -55.79
C SER A 33 -38.17 -10.92 -55.31
N ILE A 34 -37.16 -11.00 -54.45
CA ILE A 34 -36.64 -12.25 -53.93
C ILE A 34 -36.72 -12.20 -52.41
N GLY A 35 -37.20 -13.28 -51.81
CA GLY A 35 -37.24 -13.42 -50.36
C GLY A 35 -36.55 -14.68 -49.91
N LEU A 36 -35.63 -14.52 -48.97
CA LEU A 36 -34.90 -15.65 -48.41
C LEU A 36 -35.84 -16.47 -47.54
N ILE A 37 -35.83 -17.79 -47.74
CA ILE A 37 -36.68 -18.69 -46.98
C ILE A 37 -35.88 -19.97 -46.72
N GLY A 38 -36.27 -20.69 -45.69
CA GLY A 38 -35.57 -21.89 -45.30
C GLY A 38 -35.98 -22.32 -43.90
N ARG A 39 -35.33 -23.39 -43.43
CA ARG A 39 -35.59 -23.90 -42.09
C ARG A 39 -34.87 -23.03 -41.06
N ASN A 40 -35.54 -22.78 -39.94
CA ASN A 40 -34.94 -21.99 -38.88
C ASN A 40 -33.78 -22.74 -38.25
N GLY A 41 -32.62 -22.08 -38.14
CA GLY A 41 -31.43 -22.69 -37.61
C GLY A 41 -30.62 -23.49 -38.61
N ALA A 42 -31.09 -23.62 -39.84
CA ALA A 42 -30.36 -24.36 -40.87
C ALA A 42 -29.25 -23.55 -41.52
N GLY A 43 -29.24 -22.23 -41.32
CA GLY A 43 -28.23 -21.38 -41.93
C GLY A 43 -28.80 -20.15 -42.59
N LYS A 44 -30.13 -20.03 -42.58
CA LYS A 44 -30.77 -18.84 -43.14
C LYS A 44 -30.43 -17.59 -42.36
N SER A 45 -30.39 -17.70 -41.02
CA SER A 45 -30.05 -16.55 -40.19
C SER A 45 -28.63 -16.08 -40.45
N THR A 46 -27.68 -17.02 -40.57
CA THR A 46 -26.32 -16.64 -40.92
C THR A 46 -26.27 -15.98 -42.29
N LEU A 47 -27.03 -16.52 -43.24
CA LEU A 47 -27.02 -15.98 -44.60
C LEU A 47 -27.58 -14.55 -44.64
N MET A 48 -28.69 -14.28 -43.93
CA MET A 48 -29.24 -12.94 -44.00
C MET A 48 -28.43 -11.96 -43.15
N ARG A 49 -27.79 -12.44 -42.08
CA ARG A 49 -26.88 -11.58 -41.33
C ARG A 49 -25.68 -11.18 -42.19
N LEU A 50 -25.14 -12.13 -42.97
CA LEU A 50 -24.04 -11.81 -43.86
C LEU A 50 -24.50 -10.93 -45.02
N LEU A 51 -25.74 -11.11 -45.47
CA LEU A 51 -26.30 -10.27 -46.52
C LEU A 51 -26.41 -8.82 -46.05
N GLY A 52 -26.80 -8.62 -44.79
CA GLY A 52 -26.86 -7.31 -44.20
C GLY A 52 -25.54 -6.75 -43.75
N GLY A 53 -24.45 -7.50 -43.94
CA GLY A 53 -23.14 -7.01 -43.58
C GLY A 53 -22.81 -7.04 -42.11
N ILE A 54 -23.55 -7.83 -41.32
CA ILE A 54 -23.26 -7.94 -39.90
C ILE A 54 -21.92 -8.63 -39.68
N GLU A 55 -21.61 -9.63 -40.49
CA GLU A 55 -20.33 -10.31 -40.44
C GLU A 55 -19.78 -10.49 -41.85
N ALA A 56 -18.45 -10.58 -41.95
CA ALA A 56 -17.84 -10.77 -43.25
C ALA A 56 -17.45 -12.23 -43.46
N PRO A 57 -17.56 -12.75 -44.68
CA PRO A 57 -17.16 -14.14 -44.91
C PRO A 57 -15.65 -14.31 -44.75
N ASN A 58 -15.27 -15.46 -44.16
CA ASN A 58 -13.86 -15.79 -44.06
C ASN A 58 -13.24 -16.01 -45.44
N GLU A 59 -13.94 -16.71 -46.31
CA GLU A 59 -13.54 -16.89 -47.70
C GLU A 59 -14.70 -16.50 -48.60
N GLY A 60 -14.36 -16.05 -49.81
CA GLY A 60 -15.36 -15.61 -50.75
C GLY A 60 -15.89 -14.23 -50.45
N GLU A 61 -16.70 -13.71 -51.37
CA GLU A 61 -17.23 -12.37 -51.22
C GLU A 61 -18.65 -12.31 -51.78
N VAL A 62 -19.43 -11.36 -51.27
CA VAL A 62 -20.70 -10.97 -51.87
C VAL A 62 -20.49 -9.60 -52.49
N VAL A 63 -20.91 -9.45 -53.73
CA VAL A 63 -20.73 -8.21 -54.49
C VAL A 63 -22.10 -7.68 -54.91
N THR A 64 -22.26 -6.37 -54.84
CA THR A 64 -23.47 -5.68 -55.30
C THR A 64 -23.10 -4.24 -55.60
N ASP A 65 -23.47 -3.76 -56.78
CA ASP A 65 -23.18 -2.40 -57.18
C ASP A 65 -24.07 -1.38 -56.48
N VAL A 66 -25.12 -1.82 -55.78
CA VAL A 66 -26.06 -0.94 -55.11
C VAL A 66 -26.03 -1.26 -53.62
N SER A 67 -26.21 -0.23 -52.79
CA SER A 67 -26.13 -0.41 -51.34
C SER A 67 -27.26 -1.29 -50.82
N ILE A 68 -27.00 -1.93 -49.68
CA ILE A 68 -27.93 -2.85 -49.04
C ILE A 68 -28.35 -2.25 -47.71
N SER A 69 -29.66 -2.22 -47.45
CA SER A 69 -30.16 -1.75 -46.17
C SER A 69 -30.02 -2.82 -45.11
N TRP A 70 -29.66 -2.39 -43.89
CA TRP A 70 -29.51 -3.31 -42.79
C TRP A 70 -30.88 -3.85 -42.38
N PRO A 71 -30.93 -5.05 -41.78
CA PRO A 71 -32.23 -5.65 -41.42
C PRO A 71 -33.03 -4.77 -40.47
N VAL A 72 -34.34 -4.77 -40.67
CA VAL A 72 -35.23 -3.90 -39.90
C VAL A 72 -35.60 -4.57 -38.57
N GLY A 73 -36.10 -3.76 -37.65
CA GLY A 73 -36.57 -4.27 -36.37
C GLY A 73 -35.49 -4.88 -35.50
N LEU A 74 -34.32 -4.25 -35.45
CA LEU A 74 -33.20 -4.74 -34.63
C LEU A 74 -33.14 -3.90 -33.36
N SER A 75 -33.73 -4.42 -32.28
CA SER A 75 -33.71 -3.70 -31.01
C SER A 75 -32.31 -3.63 -30.43
N GLY A 76 -31.44 -4.57 -30.79
CA GLY A 76 -30.06 -4.54 -30.30
C GLY A 76 -29.25 -3.39 -30.83
N GLY A 77 -29.65 -2.80 -31.95
CA GLY A 77 -28.92 -1.69 -32.53
C GLY A 77 -29.09 -0.37 -31.81
N PHE A 78 -29.89 -0.33 -30.75
CA PHE A 78 -30.11 0.87 -29.97
C PHE A 78 -29.42 0.76 -28.61
N GLN A 79 -28.67 1.78 -28.25
CA GLN A 79 -28.00 1.81 -26.96
C GLN A 79 -29.00 2.11 -25.85
N GLY A 80 -28.91 1.36 -24.76
CA GLY A 80 -29.90 1.48 -23.70
C GLY A 80 -29.85 2.82 -22.99
N SER A 81 -28.65 3.36 -22.78
CA SER A 81 -28.50 4.59 -22.01
C SER A 81 -28.90 5.84 -22.78
N LEU A 82 -29.15 5.74 -24.09
CA LEU A 82 -29.49 6.88 -24.91
C LEU A 82 -30.90 6.72 -25.48
N THR A 83 -31.56 7.85 -25.73
CA THR A 83 -32.93 7.85 -26.21
C THR A 83 -32.96 7.67 -27.73
N ALA A 84 -34.14 7.84 -28.31
CA ALA A 84 -34.31 7.61 -29.75
C ALA A 84 -33.66 8.70 -30.59
N ARG A 85 -33.70 9.95 -30.14
CA ARG A 85 -33.17 11.05 -30.93
C ARG A 85 -31.65 10.94 -31.09
N GLU A 86 -30.94 10.68 -29.98
CA GLU A 86 -29.50 10.52 -30.09
C GLU A 86 -29.13 9.28 -30.89
N ASN A 87 -29.91 8.21 -30.78
CA ASN A 87 -29.61 7.01 -31.56
C ASN A 87 -29.80 7.25 -33.06
N VAL A 88 -30.88 7.94 -33.44
CA VAL A 88 -31.13 8.18 -34.86
C VAL A 88 -30.09 9.15 -35.42
N LYS A 89 -29.70 10.16 -34.64
CA LYS A 89 -28.64 11.05 -35.14
C LYS A 89 -27.29 10.34 -35.16
N PHE A 90 -27.07 9.38 -34.26
CA PHE A 90 -25.84 8.59 -34.29
C PHE A 90 -25.77 7.76 -35.56
N VAL A 91 -26.84 7.04 -35.89
CA VAL A 91 -26.80 6.17 -37.07
C VAL A 91 -26.75 7.00 -38.35
N CYS A 92 -27.44 8.14 -38.39
CA CYS A 92 -27.36 8.97 -39.58
C CYS A 92 -25.99 9.62 -39.73
N ARG A 93 -25.34 9.96 -38.61
CA ARG A 93 -23.96 10.45 -38.69
C ARG A 93 -23.02 9.36 -39.16
N ILE A 94 -23.29 8.12 -38.78
CA ILE A 94 -22.56 6.98 -39.34
C ILE A 94 -22.75 6.93 -40.85
N TYR A 95 -23.98 7.12 -41.31
CA TYR A 95 -24.26 7.16 -42.74
C TYR A 95 -23.84 8.47 -43.40
N GLY A 96 -23.40 9.44 -42.62
CA GLY A 96 -22.85 10.68 -43.17
C GLY A 96 -23.84 11.56 -43.90
N THR A 97 -25.03 11.77 -43.32
CA THR A 97 -26.01 12.66 -43.91
C THR A 97 -25.63 14.12 -43.65
N SER A 98 -26.28 15.03 -44.37
CA SER A 98 -26.04 16.46 -44.23
C SER A 98 -26.86 16.99 -43.05
N HIS A 99 -26.83 18.31 -42.84
CA HIS A 99 -27.50 18.91 -41.70
C HIS A 99 -29.02 18.86 -41.87
N GLU A 100 -29.53 19.50 -42.92
CA GLU A 100 -30.96 19.44 -43.22
C GLU A 100 -31.39 18.00 -43.48
N ASP A 101 -30.47 17.15 -43.94
CA ASP A 101 -30.79 15.74 -44.13
C ASP A 101 -31.19 15.08 -42.83
N MET A 102 -30.36 15.20 -41.77
CA MET A 102 -30.74 14.54 -40.54
C MET A 102 -31.85 15.28 -39.82
N LEU A 103 -32.00 16.59 -40.06
CA LEU A 103 -33.18 17.28 -39.55
C LEU A 103 -34.46 16.67 -40.13
N ARG A 104 -34.47 16.45 -41.45
CA ARG A 104 -35.62 15.80 -42.08
C ARG A 104 -35.82 14.38 -41.56
N LYS A 105 -34.71 13.64 -41.38
CA LYS A 105 -34.84 12.26 -40.94
C LYS A 105 -35.40 12.17 -39.52
N VAL A 106 -34.92 13.02 -38.61
CA VAL A 106 -35.43 12.99 -37.25
C VAL A 106 -36.87 13.50 -37.20
N ARG A 107 -37.22 14.48 -38.04
CA ARG A 107 -38.62 14.90 -38.11
C ARG A 107 -39.52 13.77 -38.59
N PHE A 108 -39.09 13.05 -39.62
CA PHE A 108 -39.88 11.93 -40.12
C PHE A 108 -40.01 10.82 -39.09
N VAL A 109 -38.93 10.51 -38.38
CA VAL A 109 -38.99 9.42 -37.42
C VAL A 109 -39.83 9.80 -36.20
N GLU A 110 -39.81 11.08 -35.79
CA GLU A 110 -40.65 11.48 -34.67
C GLU A 110 -42.11 11.62 -35.09
N GLU A 111 -42.37 11.91 -36.36
CA GLU A 111 -43.75 11.90 -36.86
C GLU A 111 -44.28 10.46 -36.95
N PHE A 112 -43.43 9.53 -37.38
CA PHE A 112 -43.86 8.14 -37.49
C PHE A 112 -44.04 7.51 -36.11
N ALA A 113 -43.20 7.90 -35.14
CA ALA A 113 -43.29 7.30 -33.81
C ALA A 113 -44.60 7.66 -33.12
N GLU A 114 -44.99 8.94 -33.18
CA GLU A 114 -46.14 9.47 -32.44
C GLU A 114 -46.01 9.23 -30.94
N ILE A 115 -44.77 9.25 -30.44
CA ILE A 115 -44.47 9.04 -29.03
C ILE A 115 -43.87 10.34 -28.50
N GLY A 116 -44.39 11.47 -28.97
CA GLY A 116 -43.84 12.77 -28.59
C GLY A 116 -43.73 12.97 -27.09
N GLU A 117 -44.72 12.48 -26.34
CA GLU A 117 -44.58 12.44 -24.90
C GLU A 117 -43.61 11.33 -24.52
N HIS A 118 -42.64 11.66 -23.65
CA HIS A 118 -41.54 10.77 -23.30
C HIS A 118 -40.75 10.31 -24.52
N PHE A 119 -40.60 11.19 -25.52
CA PHE A 119 -39.82 10.85 -26.69
C PHE A 119 -38.34 10.73 -26.36
N ASP A 120 -37.82 11.66 -25.56
CA ASP A 120 -36.42 11.62 -25.13
C ASP A 120 -36.31 10.76 -23.86
N LEU A 121 -36.58 9.47 -24.04
CA LEU A 121 -36.50 8.50 -22.96
C LEU A 121 -35.57 7.38 -23.37
N PRO A 122 -34.63 6.99 -22.52
CA PRO A 122 -33.67 5.94 -22.90
C PRO A 122 -34.34 4.58 -23.06
N MET A 123 -33.65 3.70 -23.78
CA MET A 123 -34.15 2.35 -24.00
C MET A 123 -34.19 1.50 -22.73
N LYS A 124 -33.54 1.95 -21.65
CA LYS A 124 -33.61 1.21 -20.40
C LYS A 124 -35.04 1.18 -19.86
N THR A 125 -35.66 2.35 -19.73
CA THR A 125 -37.07 2.45 -19.37
C THR A 125 -37.90 2.72 -20.61
N TYR A 126 -37.99 1.70 -21.46
CA TYR A 126 -38.71 1.81 -22.72
C TYR A 126 -39.56 0.57 -22.95
N SER A 127 -40.82 0.78 -23.31
CA SER A 127 -41.72 -0.31 -23.65
C SER A 127 -41.37 -0.87 -25.02
N SER A 128 -41.77 -2.13 -25.25
CA SER A 128 -41.46 -2.79 -26.50
C SER A 128 -42.21 -2.18 -27.68
N GLY A 129 -43.43 -1.68 -27.45
CA GLY A 129 -44.24 -1.17 -28.56
C GLY A 129 -43.63 0.05 -29.21
N MET A 130 -43.29 1.07 -28.40
CA MET A 130 -42.70 2.27 -28.98
C MET A 130 -41.28 2.02 -29.45
N ARG A 131 -40.57 1.06 -28.84
CA ARG A 131 -39.26 0.67 -29.33
C ARG A 131 -39.36 0.10 -30.74
N SER A 132 -40.34 -0.79 -30.96
CA SER A 132 -40.55 -1.33 -32.31
C SER A 132 -41.01 -0.25 -33.27
N ARG A 133 -41.84 0.69 -32.79
CA ARG A 133 -42.30 1.79 -33.64
C ARG A 133 -41.13 2.63 -34.13
N VAL A 134 -40.27 3.06 -33.21
CA VAL A 134 -39.14 3.89 -33.61
C VAL A 134 -38.13 3.09 -34.42
N ALA A 135 -37.99 1.79 -34.16
CA ALA A 135 -37.10 0.97 -34.97
C ALA A 135 -37.58 0.89 -36.41
N PHE A 136 -38.88 0.66 -36.61
CA PHE A 136 -39.43 0.61 -37.96
C PHE A 136 -39.34 1.96 -38.63
N GLY A 137 -39.61 3.04 -37.88
CA GLY A 137 -39.49 4.38 -38.46
C GLY A 137 -38.08 4.70 -38.90
N LEU A 138 -37.08 4.31 -38.10
CA LEU A 138 -35.68 4.53 -38.48
C LEU A 138 -35.31 3.70 -39.68
N SER A 139 -35.70 2.41 -39.70
CA SER A 139 -35.40 1.55 -40.82
C SER A 139 -36.08 2.01 -42.10
N MET A 140 -37.22 2.69 -41.99
CA MET A 140 -37.88 3.24 -43.16
C MET A 140 -37.29 4.58 -43.59
N ALA A 141 -36.75 5.35 -42.64
CA ALA A 141 -36.30 6.71 -42.93
C ALA A 141 -35.15 6.75 -43.93
N PHE A 142 -34.40 5.67 -44.09
CA PHE A 142 -33.28 5.64 -45.01
C PHE A 142 -33.74 5.18 -46.39
N ASP A 143 -33.16 5.80 -47.42
CA ASP A 143 -33.52 5.52 -48.81
C ASP A 143 -32.65 4.38 -49.33
N PHE A 144 -33.28 3.25 -49.64
CA PHE A 144 -32.59 2.09 -50.20
C PHE A 144 -33.52 1.40 -51.19
N ASP A 145 -33.04 0.29 -51.75
CA ASP A 145 -33.84 -0.47 -52.71
C ASP A 145 -33.78 -1.97 -52.49
N TYR A 146 -33.22 -2.44 -51.38
CA TYR A 146 -33.40 -3.83 -50.93
C TYR A 146 -33.55 -3.79 -49.41
N TYR A 147 -34.79 -3.95 -48.94
CA TYR A 147 -35.09 -3.89 -47.52
C TYR A 147 -35.09 -5.30 -46.95
N LEU A 148 -34.26 -5.54 -45.95
CA LEU A 148 -34.14 -6.86 -45.32
C LEU A 148 -35.14 -6.95 -44.17
N ILE A 149 -36.42 -7.07 -44.54
CA ILE A 149 -37.49 -7.20 -43.56
C ILE A 149 -37.47 -8.61 -43.01
N ASP A 150 -37.42 -8.74 -41.68
CA ASP A 150 -37.28 -10.03 -41.02
C ASP A 150 -38.51 -10.40 -40.20
N GLU A 151 -38.93 -9.56 -39.26
CA GLU A 151 -39.99 -9.90 -38.33
C GLU A 151 -41.11 -8.87 -38.44
N ALA A 152 -42.27 -9.30 -38.94
CA ALA A 152 -43.49 -8.51 -39.03
C ALA A 152 -43.29 -7.22 -39.81
N MET A 153 -44.21 -6.28 -39.65
CA MET A 153 -44.08 -4.97 -40.30
C MET A 153 -44.34 -3.84 -39.31
N ALA A 154 -45.16 -4.11 -38.30
CA ALA A 154 -45.48 -3.11 -37.28
C ALA A 154 -46.04 -3.81 -36.05
N VAL A 155 -46.00 -3.09 -34.93
CA VAL A 155 -46.58 -3.55 -33.68
C VAL A 155 -47.56 -2.49 -33.19
N GLY A 156 -48.80 -2.89 -32.95
CA GLY A 156 -49.83 -1.97 -32.51
C GLY A 156 -51.21 -2.51 -32.84
N ASP A 157 -52.14 -1.57 -33.07
CA ASP A 157 -53.51 -1.93 -33.40
C ASP A 157 -53.62 -2.19 -34.91
N ALA A 158 -54.86 -2.29 -35.40
CA ALA A 158 -55.07 -2.56 -36.82
C ALA A 158 -54.58 -1.41 -37.69
N GLN A 159 -54.86 -0.17 -37.29
CA GLN A 159 -54.48 0.97 -38.11
C GLN A 159 -52.97 1.17 -38.16
N PHE A 160 -52.26 0.78 -37.09
CA PHE A 160 -50.81 0.82 -37.09
C PHE A 160 -50.23 0.02 -38.25
N ARG A 161 -50.53 -1.29 -38.27
CA ARG A 161 -50.06 -2.14 -39.35
C ARG A 161 -50.65 -1.73 -40.70
N ALA A 162 -51.87 -1.19 -40.69
CA ALA A 162 -52.49 -0.78 -41.94
C ALA A 162 -51.71 0.35 -42.61
N LYS A 163 -51.43 1.41 -41.88
CA LYS A 163 -50.67 2.51 -42.48
C LYS A 163 -49.20 2.15 -42.66
N SER A 164 -48.66 1.23 -41.85
CA SER A 164 -47.30 0.74 -42.09
C SER A 164 -47.23 0.01 -43.42
N ARG A 165 -48.20 -0.85 -43.71
CA ARG A 165 -48.22 -1.54 -45.00
C ARG A 165 -48.49 -0.57 -46.13
N ALA A 166 -49.31 0.47 -45.89
CA ALA A 166 -49.55 1.47 -46.93
C ALA A 166 -48.28 2.20 -47.31
N VAL A 167 -47.54 2.71 -46.32
CA VAL A 167 -46.31 3.42 -46.63
C VAL A 167 -45.24 2.46 -47.15
N PHE A 168 -45.27 1.20 -46.71
CA PHE A 168 -44.35 0.21 -47.24
C PHE A 168 -44.59 -0.02 -48.72
N ASP A 169 -45.85 -0.16 -49.13
CA ASP A 169 -46.16 -0.29 -50.55
C ASP A 169 -45.84 0.98 -51.32
N SER A 170 -45.98 2.14 -50.68
CA SER A 170 -45.62 3.39 -51.34
C SER A 170 -44.13 3.47 -51.63
N ARG A 171 -43.30 3.03 -50.68
CA ARG A 171 -41.86 3.16 -50.82
C ARG A 171 -41.20 1.97 -51.53
N VAL A 172 -41.89 0.83 -51.62
CA VAL A 172 -41.29 -0.38 -52.18
C VAL A 172 -41.67 -0.52 -53.65
N GLY A 173 -42.80 0.10 -54.04
CA GLY A 173 -43.29 -0.01 -55.41
C GLY A 173 -42.29 0.43 -56.47
N GLN A 174 -41.35 1.29 -56.10
CA GLN A 174 -40.27 1.71 -56.99
C GLN A 174 -38.96 0.99 -56.70
N ALA A 175 -38.96 0.00 -55.78
CA ALA A 175 -37.74 -0.63 -55.32
C ALA A 175 -37.98 -2.12 -55.18
N ASN A 176 -37.06 -2.80 -54.48
CA ASN A 176 -37.13 -4.23 -54.24
C ASN A 176 -37.14 -4.50 -52.74
N MET A 177 -37.84 -5.55 -52.34
CA MET A 177 -38.09 -5.85 -50.94
C MET A 177 -37.78 -7.33 -50.69
N ILE A 178 -37.16 -7.61 -49.55
CA ILE A 178 -36.71 -8.96 -49.19
C ILE A 178 -37.42 -9.38 -47.91
N LEU A 179 -38.03 -10.57 -47.95
CA LEU A 179 -38.77 -11.11 -46.81
C LEU A 179 -38.15 -12.41 -46.35
N VAL A 180 -37.90 -12.51 -45.04
CA VAL A 180 -37.48 -13.77 -44.41
C VAL A 180 -38.46 -13.99 -43.26
N SER A 181 -39.54 -14.71 -43.52
CA SER A 181 -40.61 -14.90 -42.55
C SER A 181 -41.07 -16.35 -42.60
N HIS A 182 -42.17 -16.63 -41.91
CA HIS A 182 -42.74 -17.96 -41.84
C HIS A 182 -44.10 -18.07 -42.52
N ASN A 183 -44.96 -17.06 -42.37
CA ASN A 183 -46.23 -17.07 -43.06
C ASN A 183 -46.03 -16.80 -44.55
N MET A 184 -46.82 -17.49 -45.37
CA MET A 184 -46.67 -17.43 -46.83
C MET A 184 -47.74 -16.58 -47.51
N ASN A 185 -48.69 -16.02 -46.75
CA ASN A 185 -49.68 -15.14 -47.35
C ASN A 185 -49.03 -13.87 -47.90
N ASP A 186 -48.22 -13.21 -47.08
CA ASP A 186 -47.50 -12.02 -47.55
C ASP A 186 -46.46 -12.38 -48.60
N ILE A 187 -45.84 -13.56 -48.49
CA ILE A 187 -44.89 -13.99 -49.50
C ILE A 187 -45.58 -14.17 -50.85
N LYS A 188 -46.78 -14.77 -50.84
CA LYS A 188 -47.57 -14.86 -52.06
C LYS A 188 -48.01 -13.48 -52.54
N GLU A 189 -48.26 -12.55 -51.62
CA GLU A 189 -48.77 -11.24 -52.01
C GLU A 189 -47.69 -10.39 -52.68
N TYR A 190 -46.49 -10.35 -52.12
CA TYR A 190 -45.40 -9.54 -52.67
C TYR A 190 -44.40 -10.35 -53.49
N CYS A 191 -43.80 -11.38 -52.90
CA CYS A 191 -42.64 -12.02 -53.47
C CYS A 191 -43.00 -12.82 -54.72
N ASP A 192 -41.99 -13.00 -55.58
CA ASP A 192 -42.13 -13.72 -56.84
C ASP A 192 -41.26 -14.97 -56.90
N VAL A 193 -39.97 -14.85 -56.60
CA VAL A 193 -39.05 -15.98 -56.65
C VAL A 193 -38.60 -16.30 -55.23
N VAL A 194 -38.09 -17.53 -55.06
CA VAL A 194 -37.78 -18.06 -53.74
C VAL A 194 -36.44 -18.79 -53.79
N VAL A 195 -35.65 -18.62 -52.74
CA VAL A 195 -34.45 -19.42 -52.53
C VAL A 195 -34.59 -20.16 -51.20
N LEU A 196 -34.45 -21.48 -51.25
CA LEU A 196 -34.56 -22.33 -50.07
C LEU A 196 -33.19 -22.83 -49.66
N VAL A 197 -32.86 -22.67 -48.37
CA VAL A 197 -31.57 -23.06 -47.84
C VAL A 197 -31.77 -24.17 -46.82
N ASP A 198 -30.94 -25.22 -46.91
CA ASP A 198 -30.99 -26.31 -45.95
C ASP A 198 -29.63 -26.97 -45.87
N GLN A 199 -29.09 -27.05 -44.65
CA GLN A 199 -27.81 -27.69 -44.33
C GLN A 199 -26.65 -27.16 -45.16
N GLY A 200 -26.78 -25.97 -45.74
CA GLY A 200 -25.74 -25.39 -46.56
C GLY A 200 -25.96 -25.46 -48.06
N GLN A 201 -26.95 -26.21 -48.54
CA GLN A 201 -27.29 -26.21 -49.95
C GLN A 201 -28.55 -25.40 -50.19
N ALA A 202 -28.52 -24.61 -51.27
CA ALA A 202 -29.61 -23.71 -51.62
C ALA A 202 -30.16 -24.06 -53.00
N THR A 203 -31.48 -23.98 -53.13
CA THR A 203 -32.18 -24.24 -54.38
C THR A 203 -33.05 -23.04 -54.74
N LEU A 204 -33.06 -22.69 -56.02
CA LEU A 204 -33.79 -21.53 -56.51
C LEU A 204 -35.06 -21.98 -57.25
N TYR A 205 -36.19 -21.44 -56.83
CA TYR A 205 -37.48 -21.71 -57.46
C TYR A 205 -38.03 -20.41 -58.03
N GLU A 206 -38.34 -20.41 -59.33
CA GLU A 206 -38.99 -19.26 -59.94
C GLU A 206 -40.39 -19.07 -59.38
N ASP A 207 -41.11 -20.15 -59.14
CA ASP A 207 -42.47 -20.11 -58.60
C ASP A 207 -42.48 -20.67 -57.19
N VAL A 208 -43.27 -20.05 -56.30
CA VAL A 208 -43.39 -20.52 -54.94
C VAL A 208 -44.24 -21.78 -54.83
N GLU A 209 -44.92 -22.17 -55.91
CA GLU A 209 -45.70 -23.41 -55.90
C GLU A 209 -44.80 -24.62 -55.66
N ALA A 210 -43.61 -24.63 -56.28
CA ALA A 210 -42.63 -25.65 -55.97
C ALA A 210 -42.09 -25.52 -54.55
N GLY A 211 -42.02 -24.29 -54.03
CA GLY A 211 -41.59 -24.09 -52.66
C GLY A 211 -42.55 -24.69 -51.64
N ILE A 212 -43.85 -24.66 -51.94
CA ILE A 212 -44.83 -25.28 -51.04
C ILE A 212 -44.56 -26.79 -50.95
N ALA A 213 -44.34 -27.43 -52.09
CA ALA A 213 -44.02 -28.86 -52.09
C ALA A 213 -42.68 -29.13 -51.41
N ALA A 214 -41.72 -28.23 -51.59
CA ALA A 214 -40.41 -28.40 -50.95
C ALA A 214 -40.53 -28.36 -49.44
N TYR A 215 -41.31 -27.41 -48.90
CA TYR A 215 -41.56 -27.38 -47.47
C TYR A 215 -42.35 -28.60 -46.99
N GLN A 216 -43.34 -29.04 -47.78
CA GLN A 216 -44.13 -30.18 -47.34
C GLN A 216 -43.31 -31.46 -47.31
N GLY A 217 -42.38 -31.63 -48.25
CA GLY A 217 -41.57 -32.83 -48.29
C GLY A 217 -40.29 -32.81 -47.45
N SER A 218 -39.40 -31.85 -47.73
CA SER A 218 -38.09 -31.83 -47.11
C SER A 218 -38.09 -31.29 -45.70
N LEU A 219 -39.13 -30.59 -45.28
CA LEU A 219 -39.19 -30.03 -43.94
C LEU A 219 -40.29 -30.68 -43.11
N MET B 1 -58.35 -25.88 6.13
CA MET B 1 -59.42 -24.94 5.85
C MET B 1 -58.78 -23.58 5.57
N ILE B 2 -59.01 -23.05 4.37
CA ILE B 2 -58.34 -21.82 3.93
C ILE B 2 -59.14 -20.62 4.41
N GLU B 3 -58.46 -19.72 5.12
CA GLU B 3 -59.09 -18.51 5.65
C GLU B 3 -58.16 -17.32 5.45
N LEU B 4 -58.72 -16.22 4.93
CA LEU B 4 -57.99 -14.99 4.67
C LEU B 4 -58.49 -13.93 5.65
N ARG B 5 -57.59 -13.43 6.50
CA ARG B 5 -57.99 -12.53 7.58
C ARG B 5 -57.28 -11.19 7.43
N ASN B 6 -58.06 -10.14 7.16
CA ASN B 6 -57.63 -8.73 7.07
C ASN B 6 -56.32 -8.57 6.29
N LEU B 7 -56.24 -9.28 5.17
CA LEU B 7 -55.07 -9.22 4.29
C LEU B 7 -54.85 -7.82 3.73
N THR B 8 -53.60 -7.39 3.69
CA THR B 8 -53.23 -6.10 3.10
C THR B 8 -51.84 -6.24 2.52
N LYS B 9 -51.72 -6.08 1.20
CA LYS B 9 -50.44 -6.24 0.53
C LYS B 9 -50.36 -5.32 -0.68
N TRP B 10 -49.13 -5.11 -1.15
CA TRP B 10 -48.86 -4.33 -2.33
C TRP B 10 -47.53 -4.80 -2.91
N TYR B 11 -47.29 -4.42 -4.17
CA TYR B 11 -46.09 -4.88 -4.87
C TYR B 11 -44.82 -4.27 -4.27
N ARG B 17 -47.14 3.56 -6.04
CA ARG B 17 -47.56 2.66 -4.98
C ARG B 17 -49.07 2.37 -5.07
N ARG B 18 -49.42 1.24 -5.68
CA ARG B 18 -50.80 0.79 -5.77
C ARG B 18 -50.99 -0.37 -4.82
N TYR B 19 -51.95 -0.24 -3.91
CA TYR B 19 -52.26 -1.29 -2.94
C TYR B 19 -53.20 -2.28 -3.61
N VAL B 20 -52.66 -3.45 -3.96
CA VAL B 20 -53.45 -4.47 -4.64
C VAL B 20 -54.55 -5.00 -3.72
N PHE B 21 -54.21 -5.26 -2.47
CA PHE B 21 -55.11 -5.89 -1.51
C PHE B 21 -55.13 -5.01 -0.26
N ARG B 22 -56.32 -4.59 0.17
CA ARG B 22 -56.44 -3.72 1.34
C ARG B 22 -57.63 -4.22 2.17
N ASN B 23 -57.31 -4.83 3.32
CA ASN B 23 -58.23 -5.19 4.42
C ASN B 23 -59.57 -5.72 3.93
N LEU B 24 -59.49 -6.72 3.04
CA LEU B 24 -60.65 -7.50 2.61
C LEU B 24 -60.52 -8.91 3.17
N ASN B 25 -61.62 -9.44 3.67
CA ASN B 25 -61.70 -10.81 4.15
C ASN B 25 -62.53 -11.62 3.17
N PHE B 26 -62.06 -12.83 2.84
CA PHE B 26 -62.73 -13.68 1.87
C PHE B 26 -62.78 -15.10 2.40
N ARG B 27 -63.75 -15.86 1.89
CA ARG B 27 -63.97 -17.24 2.30
C ARG B 27 -63.76 -18.17 1.10
N PHE B 28 -63.40 -19.42 1.41
CA PHE B 28 -63.15 -20.43 0.38
C PHE B 28 -63.89 -21.71 0.71
N PRO B 29 -64.30 -22.46 -0.31
CA PRO B 29 -64.99 -23.73 -0.07
C PRO B 29 -64.05 -24.79 0.47
N ASP B 30 -64.63 -25.78 1.15
CA ASP B 30 -63.90 -26.89 1.74
C ASP B 30 -64.12 -28.15 0.91
N ASP B 31 -63.01 -28.81 0.53
CA ASP B 31 -63.03 -30.05 -0.23
C ASP B 31 -63.79 -29.90 -1.55
N VAL B 32 -63.63 -28.73 -2.19
CA VAL B 32 -64.23 -28.45 -3.48
C VAL B 32 -63.12 -27.98 -4.41
N SER B 33 -63.10 -28.55 -5.63
CA SER B 33 -62.10 -28.16 -6.61
C SER B 33 -62.33 -26.72 -7.05
N ILE B 34 -61.33 -25.86 -6.80
CA ILE B 34 -61.43 -24.44 -7.06
C ILE B 34 -60.25 -24.03 -7.94
N GLY B 35 -60.53 -23.28 -9.00
CA GLY B 35 -59.48 -22.76 -9.86
C GLY B 35 -59.43 -21.25 -9.87
N LEU B 36 -58.30 -20.67 -9.47
CA LEU B 36 -58.17 -19.22 -9.42
C LEU B 36 -58.05 -18.67 -10.84
N ILE B 37 -58.85 -17.64 -11.14
CA ILE B 37 -58.84 -17.01 -12.44
C ILE B 37 -58.87 -15.50 -12.24
N GLY B 38 -58.45 -14.78 -13.27
CA GLY B 38 -58.41 -13.33 -13.20
C GLY B 38 -57.70 -12.74 -14.39
N ARG B 39 -57.59 -11.42 -14.37
CA ARG B 39 -56.87 -10.69 -15.41
C ARG B 39 -55.38 -10.68 -15.11
N ASN B 40 -54.57 -10.79 -16.15
CA ASN B 40 -53.12 -10.77 -15.99
C ASN B 40 -52.66 -9.37 -15.60
N GLY B 41 -51.87 -9.28 -14.54
CA GLY B 41 -51.39 -8.01 -14.04
C GLY B 41 -52.34 -7.27 -13.14
N ALA B 42 -53.53 -7.81 -12.88
CA ALA B 42 -54.50 -7.17 -12.00
C ALA B 42 -54.29 -7.51 -10.53
N GLY B 43 -53.31 -8.36 -10.22
CA GLY B 43 -53.09 -8.82 -8.86
C GLY B 43 -53.28 -10.31 -8.67
N LYS B 44 -53.63 -11.06 -9.73
CA LYS B 44 -53.77 -12.50 -9.61
C LYS B 44 -52.44 -13.16 -9.28
N SER B 45 -51.36 -12.69 -9.90
CA SER B 45 -50.04 -13.24 -9.63
C SER B 45 -49.63 -13.00 -8.18
N THR B 46 -49.88 -11.80 -7.66
CA THR B 46 -49.61 -11.53 -6.26
C THR B 46 -50.42 -12.46 -5.36
N LEU B 47 -51.69 -12.67 -5.72
CA LEU B 47 -52.54 -13.53 -4.90
C LEU B 47 -52.04 -14.97 -4.87
N MET B 48 -51.70 -15.54 -6.04
CA MET B 48 -51.29 -16.95 -6.05
C MET B 48 -49.89 -17.12 -5.49
N ARG B 49 -49.05 -16.07 -5.55
CA ARG B 49 -47.80 -16.09 -4.82
C ARG B 49 -48.06 -16.07 -3.31
N LEU B 50 -49.10 -15.35 -2.89
CA LEU B 50 -49.44 -15.30 -1.47
C LEU B 50 -49.96 -16.64 -0.97
N LEU B 51 -50.81 -17.31 -1.76
CA LEU B 51 -51.29 -18.63 -1.35
C LEU B 51 -50.16 -19.65 -1.36
N GLY B 52 -49.21 -19.50 -2.27
CA GLY B 52 -48.07 -20.39 -2.33
C GLY B 52 -47.01 -20.16 -1.29
N GLY B 53 -47.16 -19.12 -0.47
CA GLY B 53 -46.19 -18.84 0.57
C GLY B 53 -44.89 -18.27 0.08
N ILE B 54 -44.86 -17.72 -1.13
CA ILE B 54 -43.64 -17.13 -1.65
C ILE B 54 -43.25 -15.88 -0.85
N GLU B 55 -44.24 -15.09 -0.45
CA GLU B 55 -44.00 -13.90 0.34
C GLU B 55 -45.01 -13.83 1.48
N ALA B 56 -44.62 -13.15 2.55
CA ALA B 56 -45.48 -12.96 3.69
C ALA B 56 -46.34 -11.72 3.51
N PRO B 57 -47.54 -11.68 4.09
CA PRO B 57 -48.36 -10.47 4.00
C PRO B 57 -47.96 -9.45 5.04
N ASN B 58 -47.98 -8.17 4.64
CA ASN B 58 -47.69 -7.09 5.58
C ASN B 58 -48.74 -7.05 6.68
N GLU B 59 -50.01 -7.18 6.32
CA GLU B 59 -51.10 -7.35 7.27
C GLU B 59 -51.97 -8.51 6.80
N GLY B 60 -52.59 -9.20 7.75
CA GLY B 60 -53.46 -10.30 7.43
C GLY B 60 -52.74 -11.63 7.39
N GLU B 61 -53.54 -12.70 7.38
CA GLU B 61 -52.99 -14.05 7.36
C GLU B 61 -53.82 -14.92 6.44
N VAL B 62 -53.14 -15.78 5.68
CA VAL B 62 -53.76 -16.89 4.96
C VAL B 62 -53.45 -18.16 5.74
N VAL B 63 -54.46 -18.73 6.38
CA VAL B 63 -54.27 -19.84 7.30
C VAL B 63 -54.98 -21.07 6.75
N THR B 64 -54.27 -22.20 6.75
CA THR B 64 -54.84 -23.48 6.32
C THR B 64 -54.21 -24.58 7.16
N ASP B 65 -55.04 -25.44 7.75
CA ASP B 65 -54.54 -26.52 8.59
C ASP B 65 -53.92 -27.65 7.79
N VAL B 66 -54.06 -27.64 6.47
CA VAL B 66 -53.52 -28.69 5.61
C VAL B 66 -52.45 -28.09 4.72
N SER B 67 -51.42 -28.88 4.44
CA SER B 67 -50.26 -28.40 3.67
C SER B 67 -50.66 -28.01 2.25
N ILE B 68 -49.98 -26.98 1.75
CA ILE B 68 -50.26 -26.40 0.44
C ILE B 68 -49.02 -26.56 -0.43
N SER B 69 -49.21 -27.03 -1.66
CA SER B 69 -48.10 -27.20 -2.59
C SER B 69 -47.61 -25.86 -3.11
N TRP B 70 -46.29 -25.75 -3.28
CA TRP B 70 -45.74 -24.59 -3.96
C TRP B 70 -46.05 -24.68 -5.46
N PRO B 71 -46.11 -23.55 -6.15
CA PRO B 71 -46.49 -23.57 -7.58
C PRO B 71 -45.54 -24.41 -8.41
N VAL B 72 -46.11 -25.12 -9.39
CA VAL B 72 -45.35 -26.05 -10.20
C VAL B 72 -44.72 -25.31 -11.37
N GLY B 73 -43.72 -25.94 -11.99
CA GLY B 73 -43.07 -25.38 -13.17
C GLY B 73 -42.32 -24.09 -12.91
N LEU B 74 -41.59 -24.03 -11.79
CA LEU B 74 -40.80 -22.85 -11.44
C LEU B 74 -39.35 -23.13 -11.78
N SER B 75 -38.93 -22.70 -12.97
CA SER B 75 -37.55 -22.91 -13.40
C SER B 75 -36.57 -22.11 -12.56
N GLY B 76 -37.02 -21.00 -11.96
CA GLY B 76 -36.15 -20.19 -11.13
C GLY B 76 -35.77 -20.86 -9.82
N GLY B 77 -36.53 -21.86 -9.38
CA GLY B 77 -36.25 -22.55 -8.15
C GLY B 77 -35.08 -23.50 -8.19
N PHE B 78 -34.43 -23.66 -9.34
CA PHE B 78 -33.28 -24.53 -9.50
C PHE B 78 -32.02 -23.70 -9.66
N GLN B 79 -31.00 -24.02 -8.86
CA GLN B 79 -29.72 -23.33 -8.97
C GLN B 79 -29.00 -23.73 -10.24
N GLY B 80 -28.45 -22.74 -10.94
CA GLY B 80 -27.85 -22.99 -12.25
C GLY B 80 -26.63 -23.89 -12.18
N SER B 81 -25.80 -23.72 -11.15
CA SER B 81 -24.54 -24.44 -11.06
C SER B 81 -24.68 -25.86 -10.58
N LEU B 82 -25.87 -26.29 -10.17
CA LEU B 82 -26.10 -27.65 -9.69
C LEU B 82 -27.08 -28.38 -10.59
N THR B 83 -26.93 -29.70 -10.64
CA THR B 83 -27.74 -30.54 -11.51
C THR B 83 -29.05 -30.88 -10.81
N ALA B 84 -29.83 -31.78 -11.40
CA ALA B 84 -31.17 -32.08 -10.89
C ALA B 84 -31.14 -32.90 -9.61
N ARG B 85 -30.15 -33.80 -9.47
CA ARG B 85 -30.14 -34.71 -8.33
C ARG B 85 -29.87 -33.96 -7.03
N GLU B 86 -28.84 -33.10 -7.01
CA GLU B 86 -28.58 -32.33 -5.82
C GLU B 86 -29.70 -31.34 -5.52
N ASN B 87 -30.38 -30.84 -6.56
CA ASN B 87 -31.49 -29.92 -6.33
C ASN B 87 -32.68 -30.63 -5.69
N VAL B 88 -33.01 -31.84 -6.17
CA VAL B 88 -34.15 -32.56 -5.60
C VAL B 88 -33.82 -33.02 -4.18
N LYS B 89 -32.57 -33.44 -3.93
CA LYS B 89 -32.24 -33.80 -2.56
C LYS B 89 -32.16 -32.56 -1.66
N PHE B 90 -31.83 -31.40 -2.23
CA PHE B 90 -31.83 -30.16 -1.47
C PHE B 90 -33.24 -29.80 -1.02
N VAL B 91 -34.20 -29.84 -1.96
CA VAL B 91 -35.57 -29.46 -1.59
C VAL B 91 -36.18 -30.51 -0.67
N CYS B 92 -35.86 -31.80 -0.86
CA CYS B 92 -36.39 -32.79 0.06
C CYS B 92 -35.78 -32.66 1.45
N ARG B 93 -34.49 -32.31 1.54
CA ARG B 93 -33.88 -32.03 2.84
C ARG B 93 -34.51 -30.80 3.49
N ILE B 94 -34.90 -29.81 2.68
CA ILE B 94 -35.66 -28.68 3.21
C ILE B 94 -36.98 -29.17 3.80
N TYR B 95 -37.66 -30.07 3.09
CA TYR B 95 -38.90 -30.64 3.60
C TYR B 95 -38.67 -31.71 4.66
N GLY B 96 -37.42 -32.07 4.92
CA GLY B 96 -37.10 -32.99 6.01
C GLY B 96 -37.59 -34.41 5.82
N THR B 97 -37.44 -34.97 4.63
CA THR B 97 -37.81 -36.36 4.40
C THR B 97 -36.77 -37.30 4.99
N SER B 98 -37.12 -38.59 5.05
CA SER B 98 -36.22 -39.59 5.59
C SER B 98 -35.21 -40.02 4.53
N HIS B 99 -34.36 -40.99 4.88
CA HIS B 99 -33.36 -41.48 3.96
C HIS B 99 -34.01 -42.27 2.82
N GLU B 100 -34.72 -43.34 3.15
CA GLU B 100 -35.42 -44.12 2.14
C GLU B 100 -36.49 -43.29 1.45
N ASP B 101 -37.05 -42.31 2.16
CA ASP B 101 -38.01 -41.39 1.54
C ASP B 101 -37.39 -40.66 0.37
N MET B 102 -36.22 -40.03 0.61
CA MET B 102 -35.58 -39.28 -0.47
C MET B 102 -35.00 -40.19 -1.54
N LEU B 103 -34.61 -41.42 -1.17
CA LEU B 103 -34.21 -42.39 -2.19
C LEU B 103 -35.38 -42.71 -3.12
N ARG B 104 -36.57 -42.93 -2.54
CA ARG B 104 -37.76 -43.18 -3.36
C ARG B 104 -38.09 -41.98 -4.23
N LYS B 105 -37.99 -40.77 -3.67
CA LYS B 105 -38.32 -39.58 -4.43
C LYS B 105 -37.35 -39.36 -5.59
N VAL B 106 -36.05 -39.56 -5.36
CA VAL B 106 -35.10 -39.38 -6.45
C VAL B 106 -35.24 -40.48 -7.49
N ARG B 107 -35.58 -41.71 -7.07
CA ARG B 107 -35.86 -42.76 -8.04
C ARG B 107 -37.08 -42.41 -8.89
N PHE B 108 -38.13 -41.88 -8.26
CA PHE B 108 -39.32 -41.49 -9.00
C PHE B 108 -39.03 -40.35 -9.98
N VAL B 109 -38.24 -39.37 -9.55
CA VAL B 109 -37.93 -38.26 -10.44
C VAL B 109 -37.02 -38.70 -11.57
N GLU B 110 -36.13 -39.68 -11.32
CA GLU B 110 -35.33 -40.23 -12.40
C GLU B 110 -36.20 -40.99 -13.41
N GLU B 111 -37.17 -41.75 -12.92
CA GLU B 111 -38.08 -42.48 -13.80
C GLU B 111 -38.94 -41.51 -14.61
N PHE B 112 -39.40 -40.42 -13.99
CA PHE B 112 -40.23 -39.47 -14.70
C PHE B 112 -39.43 -38.64 -15.70
N ALA B 113 -38.18 -38.32 -15.39
CA ALA B 113 -37.39 -37.49 -16.27
C ALA B 113 -37.05 -38.22 -17.58
N GLU B 114 -36.60 -39.47 -17.47
CA GLU B 114 -36.13 -40.26 -18.61
C GLU B 114 -34.99 -39.55 -19.34
N ILE B 115 -34.20 -38.79 -18.59
CA ILE B 115 -33.10 -37.99 -19.11
C ILE B 115 -31.83 -38.58 -18.51
N GLY B 116 -31.82 -39.91 -18.39
CA GLY B 116 -30.72 -40.65 -17.78
C GLY B 116 -29.34 -40.29 -18.32
N GLU B 117 -29.24 -40.10 -19.64
CA GLU B 117 -28.02 -39.56 -20.21
C GLU B 117 -27.96 -38.06 -19.94
N HIS B 118 -26.80 -37.59 -19.47
CA HIS B 118 -26.61 -36.21 -19.04
C HIS B 118 -27.61 -35.81 -17.96
N PHE B 119 -27.92 -36.76 -17.07
CA PHE B 119 -28.82 -36.45 -15.95
C PHE B 119 -28.13 -35.54 -14.95
N ASP B 120 -26.86 -35.81 -14.64
CA ASP B 120 -26.08 -34.96 -13.74
C ASP B 120 -25.45 -33.83 -14.54
N LEU B 121 -26.31 -32.96 -15.05
CA LEU B 121 -25.90 -31.79 -15.82
C LEU B 121 -26.53 -30.55 -15.20
N PRO B 122 -25.76 -29.50 -14.96
CA PRO B 122 -26.30 -28.30 -14.30
C PRO B 122 -27.28 -27.57 -15.21
N MET B 123 -28.06 -26.69 -14.58
CA MET B 123 -29.03 -25.88 -15.32
C MET B 123 -28.38 -24.81 -16.19
N LYS B 124 -27.07 -24.57 -16.04
CA LYS B 124 -26.38 -23.64 -16.93
C LYS B 124 -26.38 -24.16 -18.36
N THR B 125 -25.94 -25.41 -18.55
CA THR B 125 -26.05 -26.10 -19.84
C THR B 125 -27.22 -27.07 -19.76
N TYR B 126 -28.42 -26.53 -19.95
CA TYR B 126 -29.63 -27.34 -19.83
C TYR B 126 -30.68 -26.80 -20.79
N SER B 127 -31.30 -27.70 -21.56
CA SER B 127 -32.36 -27.29 -22.46
C SER B 127 -33.67 -27.13 -21.68
N SER B 128 -34.61 -26.40 -22.29
CA SER B 128 -35.86 -26.07 -21.60
C SER B 128 -36.74 -27.30 -21.43
N GLY B 129 -36.69 -28.24 -22.37
CA GLY B 129 -37.62 -29.37 -22.33
C GLY B 129 -37.38 -30.27 -21.13
N MET B 130 -36.13 -30.71 -20.95
CA MET B 130 -35.85 -31.57 -19.80
C MET B 130 -35.89 -30.80 -18.49
N ARG B 131 -35.63 -29.48 -18.54
CA ARG B 131 -35.82 -28.65 -17.36
C ARG B 131 -37.27 -28.67 -16.90
N SER B 132 -38.21 -28.48 -17.85
CA SER B 132 -39.62 -28.55 -17.51
C SER B 132 -40.02 -29.96 -17.07
N ARG B 133 -39.44 -30.97 -17.70
CA ARG B 133 -39.73 -32.35 -17.33
C ARG B 133 -39.35 -32.62 -15.88
N VAL B 134 -38.12 -32.27 -15.49
CA VAL B 134 -37.69 -32.52 -14.12
C VAL B 134 -38.42 -31.61 -13.14
N ALA B 135 -38.80 -30.40 -13.56
CA ALA B 135 -39.58 -29.53 -12.69
C ALA B 135 -40.94 -30.14 -12.39
N PHE B 136 -41.63 -30.64 -13.41
CA PHE B 136 -42.93 -31.27 -13.20
C PHE B 136 -42.79 -32.55 -12.39
N GLY B 137 -41.73 -33.33 -12.65
CA GLY B 137 -41.52 -34.55 -11.87
C GLY B 137 -41.28 -34.25 -10.40
N LEU B 138 -40.50 -33.21 -10.10
CA LEU B 138 -40.26 -32.83 -8.71
C LEU B 138 -41.55 -32.32 -8.06
N SER B 139 -42.30 -31.47 -8.77
CA SER B 139 -43.54 -30.94 -8.22
C SER B 139 -44.60 -32.02 -8.01
N MET B 140 -44.54 -33.10 -8.79
CA MET B 140 -45.44 -34.22 -8.60
C MET B 140 -44.97 -35.20 -7.54
N ALA B 141 -43.65 -35.30 -7.32
CA ALA B 141 -43.09 -36.32 -6.45
C ALA B 141 -43.54 -36.18 -5.00
N PHE B 142 -44.03 -35.02 -4.59
CA PHE B 142 -44.41 -34.80 -3.20
C PHE B 142 -45.91 -35.00 -3.02
N ASP B 143 -46.29 -35.44 -1.82
CA ASP B 143 -47.67 -35.81 -1.52
C ASP B 143 -48.37 -34.65 -0.81
N PHE B 144 -49.03 -33.80 -1.59
CA PHE B 144 -49.86 -32.72 -1.05
C PHE B 144 -51.27 -32.89 -1.59
N ASP B 145 -52.14 -31.93 -1.27
CA ASP B 145 -53.53 -31.99 -1.70
C ASP B 145 -54.11 -30.66 -2.15
N TYR B 146 -53.27 -29.64 -2.41
CA TYR B 146 -53.68 -28.41 -3.09
C TYR B 146 -52.56 -28.05 -4.06
N TYR B 147 -52.66 -28.55 -5.29
CA TYR B 147 -51.62 -28.36 -6.29
C TYR B 147 -51.84 -27.05 -7.03
N LEU B 148 -50.88 -26.12 -6.90
CA LEU B 148 -50.98 -24.82 -7.55
C LEU B 148 -50.36 -24.89 -8.94
N ILE B 149 -51.09 -25.54 -9.85
CA ILE B 149 -50.65 -25.68 -11.22
C ILE B 149 -50.90 -24.36 -11.95
N ASP B 150 -49.86 -23.83 -12.60
CA ASP B 150 -49.91 -22.52 -13.23
C ASP B 150 -49.79 -22.58 -14.74
N GLU B 151 -48.73 -23.18 -15.27
CA GLU B 151 -48.45 -23.16 -16.70
C GLU B 151 -48.50 -24.59 -17.25
N ALA B 152 -49.60 -24.92 -17.93
CA ALA B 152 -49.79 -26.20 -18.60
C ALA B 152 -49.61 -27.38 -17.68
N MET B 153 -49.38 -28.56 -18.24
CA MET B 153 -49.13 -29.77 -17.46
C MET B 153 -47.87 -30.53 -17.87
N ALA B 154 -47.43 -30.43 -19.12
CA ALA B 154 -46.21 -31.09 -19.56
C ALA B 154 -45.69 -30.42 -20.81
N VAL B 155 -44.41 -30.66 -21.11
CA VAL B 155 -43.76 -30.16 -22.32
C VAL B 155 -43.15 -31.36 -23.04
N GLY B 156 -43.50 -31.53 -24.30
CA GLY B 156 -43.01 -32.63 -25.10
C GLY B 156 -43.98 -32.94 -26.22
N ASP B 157 -44.00 -34.22 -26.62
CA ASP B 157 -44.88 -34.68 -27.68
C ASP B 157 -46.26 -35.01 -27.10
N ALA B 158 -47.09 -35.69 -27.90
CA ALA B 158 -48.44 -36.02 -27.44
C ALA B 158 -48.41 -36.99 -26.27
N GLN B 159 -47.54 -38.00 -26.32
CA GLN B 159 -47.50 -39.00 -25.26
C GLN B 159 -46.99 -38.42 -23.95
N PHE B 160 -46.12 -37.41 -24.01
CA PHE B 160 -45.65 -36.74 -22.80
C PHE B 160 -46.82 -36.16 -22.00
N ARG B 161 -47.58 -35.26 -22.64
CA ARG B 161 -48.74 -34.68 -21.97
C ARG B 161 -49.79 -35.74 -21.67
N ALA B 162 -49.89 -36.77 -22.51
CA ALA B 162 -50.88 -37.82 -22.26
C ALA B 162 -50.61 -38.55 -20.95
N LYS B 163 -49.38 -39.03 -20.75
CA LYS B 163 -49.10 -39.74 -19.52
C LYS B 163 -48.99 -38.79 -18.33
N SER B 164 -48.62 -37.53 -18.56
CA SER B 164 -48.65 -36.56 -17.47
C SER B 164 -50.08 -36.32 -16.98
N ARG B 165 -51.03 -36.18 -17.90
CA ARG B 165 -52.43 -36.04 -17.52
C ARG B 165 -52.94 -37.31 -16.85
N ALA B 166 -52.52 -38.47 -17.33
CA ALA B 166 -52.93 -39.73 -16.71
C ALA B 166 -52.47 -39.82 -15.27
N VAL B 167 -51.18 -39.56 -15.02
CA VAL B 167 -50.67 -39.67 -13.66
C VAL B 167 -51.22 -38.54 -12.79
N PHE B 168 -51.50 -37.37 -13.37
CA PHE B 168 -52.12 -36.29 -12.60
C PHE B 168 -53.52 -36.67 -12.16
N ASP B 169 -54.32 -37.25 -13.06
CA ASP B 169 -55.65 -37.70 -12.69
C ASP B 169 -55.59 -38.83 -11.67
N SER B 170 -54.59 -39.70 -11.76
CA SER B 170 -54.40 -40.74 -10.75
C SER B 170 -54.09 -40.13 -9.39
N ARG B 171 -53.24 -39.09 -9.36
CA ARG B 171 -52.82 -38.52 -8.09
C ARG B 171 -53.92 -37.69 -7.43
N VAL B 172 -54.66 -36.92 -8.22
CA VAL B 172 -55.71 -36.06 -7.69
C VAL B 172 -57.07 -36.78 -7.68
N GLY B 173 -57.06 -38.11 -7.79
CA GLY B 173 -58.28 -38.86 -7.59
C GLY B 173 -58.80 -38.82 -6.16
N GLN B 174 -57.93 -38.44 -5.21
CA GLN B 174 -58.31 -38.33 -3.80
C GLN B 174 -57.95 -36.98 -3.21
N ALA B 175 -57.49 -36.03 -4.02
CA ALA B 175 -57.04 -34.74 -3.50
C ALA B 175 -57.67 -33.58 -4.25
N ASN B 176 -57.19 -32.36 -4.02
CA ASN B 176 -57.68 -31.16 -4.67
C ASN B 176 -56.54 -30.50 -5.44
N MET B 177 -56.88 -29.89 -6.57
CA MET B 177 -55.89 -29.30 -7.46
C MET B 177 -56.44 -28.00 -8.02
N ILE B 178 -55.55 -27.06 -8.28
CA ILE B 178 -55.89 -25.67 -8.59
C ILE B 178 -55.35 -25.32 -9.97
N LEU B 179 -56.20 -24.68 -10.79
CA LEU B 179 -55.81 -24.15 -12.09
C LEU B 179 -55.76 -22.63 -12.05
N VAL B 180 -54.63 -22.07 -12.46
CA VAL B 180 -54.50 -20.64 -12.75
C VAL B 180 -53.91 -20.56 -14.15
N SER B 181 -54.77 -20.52 -15.17
CA SER B 181 -54.33 -20.63 -16.56
C SER B 181 -55.27 -19.82 -17.43
N HIS B 182 -55.20 -20.04 -18.74
CA HIS B 182 -56.01 -19.33 -19.71
C HIS B 182 -56.95 -20.21 -20.52
N ASN B 183 -56.59 -21.46 -20.77
CA ASN B 183 -57.43 -22.35 -21.57
C ASN B 183 -58.68 -22.72 -20.79
N MET B 184 -59.79 -22.89 -21.52
CA MET B 184 -61.09 -23.07 -20.90
C MET B 184 -61.52 -24.52 -20.75
N ASN B 185 -61.01 -25.43 -21.59
CA ASN B 185 -61.49 -26.81 -21.55
C ASN B 185 -61.10 -27.50 -20.25
N ASP B 186 -59.86 -27.32 -19.79
CA ASP B 186 -59.41 -27.98 -18.57
C ASP B 186 -60.17 -27.46 -17.35
N ILE B 187 -60.45 -26.15 -17.31
CA ILE B 187 -61.23 -25.60 -16.21
C ILE B 187 -62.65 -26.15 -16.24
N LYS B 188 -63.23 -26.27 -17.44
CA LYS B 188 -64.59 -26.78 -17.56
C LYS B 188 -64.69 -28.24 -17.13
N GLU B 189 -63.71 -29.06 -17.51
CA GLU B 189 -63.76 -30.49 -17.22
C GLU B 189 -63.11 -30.87 -15.90
N TYR B 190 -62.48 -29.92 -15.20
CA TYR B 190 -61.73 -30.22 -13.98
C TYR B 190 -62.33 -29.56 -12.76
N CYS B 191 -62.51 -28.25 -12.78
CA CYS B 191 -62.91 -27.48 -11.60
C CYS B 191 -64.42 -27.28 -11.56
N ASP B 192 -64.89 -26.87 -10.38
CA ASP B 192 -66.32 -26.65 -10.15
C ASP B 192 -66.63 -25.18 -9.87
N VAL B 193 -65.97 -24.59 -8.89
CA VAL B 193 -66.21 -23.20 -8.52
C VAL B 193 -65.08 -22.33 -9.07
N VAL B 194 -65.35 -21.03 -9.20
CA VAL B 194 -64.41 -20.09 -9.81
C VAL B 194 -64.38 -18.83 -8.96
N VAL B 195 -63.18 -18.27 -8.80
CA VAL B 195 -63.03 -16.94 -8.20
C VAL B 195 -62.31 -16.04 -9.20
N LEU B 196 -62.89 -14.88 -9.48
CA LEU B 196 -62.30 -13.90 -10.37
C LEU B 196 -61.81 -12.70 -9.56
N VAL B 197 -60.57 -12.30 -9.80
CA VAL B 197 -59.95 -11.18 -9.11
C VAL B 197 -59.69 -10.07 -10.11
N ASP B 198 -60.01 -8.84 -9.74
CA ASP B 198 -59.79 -7.70 -10.62
C ASP B 198 -59.61 -6.45 -9.77
N GLN B 199 -58.48 -5.77 -9.94
CA GLN B 199 -58.17 -4.48 -9.32
C GLN B 199 -58.28 -4.50 -7.81
N GLY B 200 -58.31 -5.68 -7.18
CA GLY B 200 -58.43 -5.77 -5.74
C GLY B 200 -59.74 -6.35 -5.23
N GLN B 201 -60.78 -6.39 -6.05
CA GLN B 201 -62.04 -7.01 -5.66
C GLN B 201 -62.19 -8.37 -6.32
N ALA B 202 -62.70 -9.34 -5.55
CA ALA B 202 -62.86 -10.71 -6.01
C ALA B 202 -64.32 -11.12 -5.92
N THR B 203 -64.79 -11.87 -6.91
CA THR B 203 -66.15 -12.38 -6.96
C THR B 203 -66.10 -13.89 -7.16
N LEU B 204 -66.93 -14.61 -6.41
CA LEU B 204 -66.97 -16.06 -6.48
C LEU B 204 -68.23 -16.52 -7.21
N TYR B 205 -68.06 -17.49 -8.10
CA TYR B 205 -69.11 -18.03 -8.95
C TYR B 205 -69.18 -19.54 -8.74
N GLU B 206 -70.37 -20.03 -8.38
CA GLU B 206 -70.57 -21.48 -8.29
C GLU B 206 -70.53 -22.12 -9.67
N ASP B 207 -71.14 -21.48 -10.67
CA ASP B 207 -71.18 -21.99 -12.03
C ASP B 207 -70.16 -21.26 -12.89
N VAL B 208 -69.54 -22.00 -13.82
CA VAL B 208 -68.54 -21.43 -14.69
C VAL B 208 -69.17 -20.54 -15.76
N GLU B 209 -70.46 -20.73 -16.06
CA GLU B 209 -71.13 -19.92 -17.06
C GLU B 209 -71.16 -18.45 -16.63
N ALA B 210 -71.33 -18.20 -15.33
CA ALA B 210 -71.23 -16.83 -14.82
C ALA B 210 -69.83 -16.27 -15.05
N GLY B 211 -68.81 -17.11 -14.92
CA GLY B 211 -67.45 -16.66 -15.22
C GLY B 211 -67.27 -16.32 -16.69
N ILE B 212 -67.84 -17.12 -17.59
CA ILE B 212 -67.77 -16.80 -19.02
C ILE B 212 -68.48 -15.49 -19.31
N ALA B 213 -69.65 -15.28 -18.70
CA ALA B 213 -70.38 -14.03 -18.90
C ALA B 213 -69.59 -12.84 -18.38
N ALA B 214 -68.97 -12.99 -17.20
CA ALA B 214 -68.17 -11.90 -16.64
C ALA B 214 -66.96 -11.59 -17.51
N TYR B 215 -66.32 -12.61 -18.06
CA TYR B 215 -65.17 -12.38 -18.94
C TYR B 215 -65.61 -11.73 -20.25
N GLN B 216 -66.77 -12.11 -20.77
CA GLN B 216 -67.26 -11.50 -22.01
C GLN B 216 -67.67 -10.04 -21.79
N GLY B 217 -68.22 -9.74 -20.61
CA GLY B 217 -68.69 -8.39 -20.36
C GLY B 217 -67.66 -7.42 -19.82
N SER B 218 -67.06 -7.75 -18.68
CA SER B 218 -66.16 -6.83 -17.99
C SER B 218 -64.71 -6.95 -18.43
N LEU B 219 -64.38 -7.93 -19.26
CA LEU B 219 -63.00 -8.11 -19.71
C LEU B 219 -62.92 -8.16 -21.23
N ARG C 17 -18.13 5.66 -51.17
CA ARG C 17 -17.28 6.50 -50.34
C ARG C 17 -15.93 5.84 -50.09
N SER C 18 -14.94 6.65 -49.72
CA SER C 18 -13.62 6.12 -49.44
C SER C 18 -13.64 5.29 -48.16
N PRO C 19 -12.75 4.28 -48.06
CA PRO C 19 -12.72 3.44 -46.85
C PRO C 19 -12.20 4.15 -45.61
N TRP C 20 -11.71 5.38 -45.73
CA TRP C 20 -11.22 6.13 -44.58
C TRP C 20 -12.25 7.12 -44.04
N GLN C 21 -13.09 7.71 -44.89
CA GLN C 21 -14.13 8.61 -44.42
C GLN C 21 -15.15 7.88 -43.56
N ILE C 22 -15.43 6.61 -43.88
CA ILE C 22 -16.33 5.81 -43.05
C ILE C 22 -15.77 5.68 -41.64
N GLN C 23 -14.46 5.43 -41.53
CA GLN C 23 -13.83 5.31 -40.22
C GLN C 23 -13.94 6.61 -39.44
N GLN C 24 -13.70 7.75 -40.11
CA GLN C 24 -13.79 9.04 -39.43
C GLN C 24 -15.20 9.32 -38.93
N ALA C 25 -16.20 9.05 -39.78
CA ALA C 25 -17.58 9.28 -39.38
C ALA C 25 -17.98 8.38 -38.21
N VAL C 26 -17.59 7.11 -38.27
CA VAL C 26 -17.93 6.17 -37.19
C VAL C 26 -17.23 6.59 -35.89
N LEU C 27 -15.98 7.02 -35.99
CA LEU C 27 -15.25 7.45 -34.79
C LEU C 27 -15.89 8.69 -34.17
N PHE C 28 -16.28 9.66 -34.99
CA PHE C 28 -16.94 10.84 -34.46
C PHE C 28 -18.27 10.48 -33.80
N ALA C 29 -19.06 9.61 -34.44
CA ALA C 29 -20.34 9.21 -33.88
C ALA C 29 -20.17 8.50 -32.54
N LEU C 30 -19.21 7.57 -32.47
CA LEU C 30 -18.99 6.85 -31.22
C LEU C 30 -18.43 7.76 -30.14
N PHE C 31 -17.57 8.72 -30.50
CA PHE C 31 -17.07 9.67 -29.52
C PHE C 31 -18.21 10.49 -28.93
N LEU C 32 -19.11 10.99 -29.78
CA LEU C 32 -20.24 11.76 -29.28
C LEU C 32 -21.14 10.90 -28.39
N ARG C 33 -21.42 9.66 -28.81
CA ARG C 33 -22.26 8.77 -28.02
C ARG C 33 -21.65 8.50 -26.65
N GLU C 34 -20.35 8.21 -26.62
CA GLU C 34 -19.73 7.81 -25.37
C GLU C 34 -19.57 9.02 -24.45
N LEU C 35 -19.31 10.21 -25.01
CA LEU C 35 -19.31 11.42 -24.20
C LEU C 35 -20.69 11.67 -23.61
N LYS C 36 -21.74 11.41 -24.39
CA LYS C 36 -23.10 11.61 -23.90
C LYS C 36 -23.40 10.68 -22.72
N THR C 37 -23.03 9.40 -22.84
CA THR C 37 -23.37 8.48 -21.75
C THR C 37 -22.42 8.63 -20.56
N ARG C 38 -21.19 9.08 -20.79
CA ARG C 38 -20.22 9.20 -19.69
C ARG C 38 -20.62 10.30 -18.72
N LEU C 39 -21.07 11.44 -19.22
CA LEU C 39 -21.45 12.57 -18.38
C LEU C 39 -22.91 12.38 -17.97
N GLY C 40 -23.12 11.94 -16.74
CA GLY C 40 -24.47 11.69 -16.27
C GLY C 40 -25.24 12.99 -16.07
N GLY C 41 -26.53 12.95 -16.41
CA GLY C 41 -27.36 14.14 -16.29
C GLY C 41 -26.88 15.24 -17.20
N ARG C 42 -26.79 16.46 -16.64
CA ARG C 42 -26.28 17.62 -17.38
C ARG C 42 -24.81 17.82 -17.04
N TRP C 43 -24.00 16.86 -17.49
CA TRP C 43 -22.54 16.86 -17.31
C TRP C 43 -22.17 16.95 -15.83
N LEU C 44 -22.55 15.91 -15.08
CA LEU C 44 -22.17 15.82 -13.68
C LEU C 44 -20.87 15.06 -13.46
N GLY C 45 -20.41 14.30 -14.46
CA GLY C 45 -19.18 13.55 -14.30
C GLY C 45 -17.93 14.41 -14.32
N VAL C 46 -18.01 15.56 -14.97
CA VAL C 46 -16.85 16.46 -15.02
C VAL C 46 -16.51 16.98 -13.63
N PHE C 47 -17.52 17.20 -12.79
CA PHE C 47 -17.25 17.59 -11.41
C PHE C 47 -16.51 16.48 -10.66
N TRP C 48 -16.91 15.22 -10.87
CA TRP C 48 -16.21 14.10 -10.25
C TRP C 48 -14.76 14.02 -10.71
N VAL C 49 -14.55 14.16 -12.02
CA VAL C 49 -13.20 14.09 -12.58
C VAL C 49 -12.35 15.23 -12.03
N LEU C 50 -12.96 16.40 -11.81
CA LEU C 50 -12.22 17.51 -11.25
C LEU C 50 -11.95 17.32 -9.75
N LEU C 51 -12.84 16.62 -9.04
CA LEU C 51 -12.66 16.51 -7.59
C LEU C 51 -11.76 15.35 -7.17
N GLU C 52 -11.49 14.38 -8.04
CA GLU C 52 -10.49 13.38 -7.69
C GLU C 52 -9.11 13.98 -7.41
N PRO C 53 -8.50 14.78 -8.29
CA PRO C 53 -7.12 15.20 -8.03
C PRO C 53 -6.97 16.19 -6.89
N VAL C 54 -7.94 17.08 -6.68
CA VAL C 54 -7.82 18.02 -5.57
C VAL C 54 -7.96 17.29 -4.24
N ALA C 55 -8.86 16.31 -4.16
CA ALA C 55 -8.95 15.49 -2.95
C ALA C 55 -7.65 14.74 -2.70
N HIS C 56 -7.08 14.15 -3.76
CA HIS C 56 -5.82 13.43 -3.63
C HIS C 56 -4.70 14.37 -3.16
N ILE C 57 -4.62 15.55 -3.76
CA ILE C 57 -3.58 16.50 -3.40
C ILE C 57 -3.75 16.93 -1.95
N ALA C 58 -5.00 17.10 -1.50
CA ALA C 58 -5.24 17.52 -0.12
C ALA C 58 -4.76 16.46 0.86
N VAL C 59 -5.20 15.21 0.67
CA VAL C 59 -4.86 14.18 1.65
C VAL C 59 -3.35 13.92 1.65
N MET C 60 -2.73 13.81 0.47
CA MET C 60 -1.31 13.48 0.45
C MET C 60 -0.44 14.64 0.91
N THR C 61 -0.80 15.90 0.59
CA THR C 61 -0.04 17.01 1.12
C THR C 61 -0.15 17.07 2.64
N THR C 62 -1.38 16.97 3.16
CA THR C 62 -1.57 16.96 4.61
C THR C 62 -0.75 15.86 5.27
N LEU C 63 -0.61 14.71 4.60
CA LEU C 63 0.12 13.60 5.20
C LEU C 63 1.64 13.79 5.10
N PHE C 64 2.18 13.99 3.89
CA PHE C 64 3.63 13.95 3.68
C PHE C 64 4.24 15.29 3.26
N SER C 65 3.68 16.43 3.70
CA SER C 65 4.32 17.70 3.42
C SER C 65 5.70 17.78 4.07
N LEU C 66 5.78 17.45 5.36
CA LEU C 66 7.07 17.43 6.05
C LEU C 66 7.98 16.35 5.49
N ALA C 67 7.40 15.22 5.05
CA ALA C 67 8.21 14.16 4.47
C ALA C 67 8.91 14.62 3.21
N HIS C 68 8.19 15.31 2.32
CA HIS C 68 8.84 15.80 1.11
C HIS C 68 9.81 16.94 1.46
N ARG C 69 9.45 17.76 2.45
CA ARG C 69 10.36 18.82 2.87
C ARG C 69 11.70 18.25 3.34
N ALA C 70 11.65 17.13 4.06
CA ALA C 70 12.88 16.43 4.43
C ALA C 70 13.50 15.64 3.28
N ALA C 71 12.72 15.37 2.22
CA ALA C 71 13.24 14.57 1.12
C ALA C 71 14.25 15.35 0.29
N MET C 72 13.82 16.46 -0.32
CA MET C 72 14.71 17.26 -1.16
C MET C 72 14.35 18.73 -1.09
N PRO C 73 15.33 19.62 -0.92
CA PRO C 73 15.06 21.06 -0.79
C PRO C 73 15.08 21.80 -2.13
N SER C 74 14.39 21.25 -3.13
CA SER C 74 14.31 21.91 -4.43
C SER C 74 12.93 21.90 -5.05
N ILE C 75 11.99 21.07 -4.60
CA ILE C 75 10.68 20.93 -5.23
C ILE C 75 9.61 20.98 -4.14
N GLU C 76 8.55 21.73 -4.39
CA GLU C 76 7.40 21.75 -3.50
C GLU C 76 6.44 20.61 -3.84
N TYR C 77 5.76 20.13 -2.80
CA TYR C 77 4.94 18.92 -2.93
C TYR C 77 3.78 19.03 -3.94
N PRO C 78 3.01 20.14 -4.00
CA PRO C 78 1.92 20.18 -4.99
C PRO C 78 2.32 19.87 -6.43
N VAL C 79 3.35 20.52 -6.95
CA VAL C 79 3.70 20.34 -8.35
C VAL C 79 4.28 18.94 -8.59
N PHE C 80 5.13 18.46 -7.67
CA PHE C 80 5.68 17.12 -7.79
C PHE C 80 4.56 16.08 -7.84
N LEU C 81 3.61 16.20 -6.92
CA LEU C 81 2.49 15.27 -6.89
C LEU C 81 1.62 15.39 -8.12
N ILE C 82 1.38 16.60 -8.62
CA ILE C 82 0.45 16.76 -9.73
C ILE C 82 1.06 16.18 -11.02
N THR C 83 2.35 16.42 -11.26
CA THR C 83 2.97 15.83 -12.44
C THR C 83 3.31 14.36 -12.26
N GLY C 84 3.30 13.83 -11.03
CA GLY C 84 3.36 12.39 -10.88
C GLY C 84 2.02 11.70 -10.86
N LEU C 85 0.93 12.45 -10.70
CA LEU C 85 -0.41 11.89 -10.53
C LEU C 85 -1.25 11.97 -11.80
N ILE C 86 -1.28 13.13 -12.46
CA ILE C 86 -2.11 13.28 -13.67
C ILE C 86 -1.69 12.32 -14.77
N PRO C 87 -0.41 12.11 -15.08
CA PRO C 87 -0.07 11.03 -16.03
C PRO C 87 -0.49 9.66 -15.54
N PHE C 88 -0.43 9.39 -14.24
CA PHE C 88 -0.89 8.09 -13.77
C PHE C 88 -2.41 7.96 -13.88
N PHE C 89 -3.15 9.05 -13.66
CA PHE C 89 -4.59 9.01 -13.90
C PHE C 89 -4.88 8.78 -15.38
N MET C 90 -4.08 9.39 -16.25
CA MET C 90 -4.14 9.12 -17.69
C MET C 90 -4.01 7.63 -17.96
N PHE C 91 -2.96 7.01 -17.42
CA PHE C 91 -2.69 5.60 -17.68
C PHE C 91 -3.77 4.71 -17.09
N ARG C 92 -4.21 5.00 -15.86
CA ARG C 92 -5.23 4.18 -15.21
C ARG C 92 -6.56 4.26 -15.95
N GLY C 93 -6.93 5.45 -16.42
CA GLY C 93 -8.13 5.56 -17.24
C GLY C 93 -8.00 4.80 -18.55
N LEU C 94 -6.85 4.94 -19.21
CA LEU C 94 -6.64 4.23 -20.47
C LEU C 94 -6.62 2.72 -20.29
N VAL C 95 -6.32 2.25 -19.09
CA VAL C 95 -6.38 0.81 -18.84
C VAL C 95 -7.80 0.37 -18.50
N THR C 96 -8.48 1.12 -17.63
CA THR C 96 -9.75 0.67 -17.08
C THR C 96 -10.91 0.91 -18.04
N ARG C 97 -11.02 2.11 -18.60
CA ARG C 97 -12.16 2.43 -19.44
C ARG C 97 -12.14 1.72 -20.79
N LEU C 98 -11.03 1.05 -21.13
CA LEU C 98 -10.87 0.48 -22.45
C LEU C 98 -11.30 -0.98 -22.53
N MET C 99 -11.21 -1.73 -21.43
CA MET C 99 -11.64 -3.12 -21.47
C MET C 99 -13.16 -3.25 -21.55
N GLU C 100 -13.89 -2.29 -20.99
CA GLU C 100 -15.34 -2.31 -21.02
C GLU C 100 -15.91 -1.71 -22.30
N ALA C 101 -15.05 -1.25 -23.21
CA ALA C 101 -15.51 -0.61 -24.44
C ALA C 101 -16.06 -1.61 -25.46
N ILE C 102 -15.87 -2.90 -25.24
CA ILE C 102 -16.31 -3.91 -26.19
C ILE C 102 -17.64 -4.53 -25.78
N ASP C 103 -17.80 -4.89 -24.51
CA ASP C 103 -19.03 -5.54 -24.06
C ASP C 103 -20.18 -4.56 -23.92
N SER C 104 -19.91 -3.32 -23.54
CA SER C 104 -20.99 -2.34 -23.35
C SER C 104 -21.65 -1.98 -24.67
N ASN C 105 -20.87 -1.82 -25.74
CA ASN C 105 -21.39 -1.50 -27.06
C ASN C 105 -21.52 -2.73 -27.94
N ARG C 106 -21.82 -3.89 -27.35
CA ARG C 106 -21.91 -5.12 -28.13
C ARG C 106 -23.08 -5.07 -29.13
N GLY C 107 -24.17 -4.40 -28.77
CA GLY C 107 -25.32 -4.34 -29.64
C GLY C 107 -25.14 -3.45 -30.86
N LEU C 108 -24.16 -2.56 -30.83
CA LEU C 108 -23.94 -1.63 -31.94
C LEU C 108 -23.29 -2.28 -33.15
N PHE C 109 -22.79 -3.51 -33.02
CA PHE C 109 -22.09 -4.16 -34.13
C PHE C 109 -23.08 -4.80 -35.10
N ALA C 110 -24.05 -4.03 -35.59
CA ALA C 110 -25.03 -4.56 -36.52
C ALA C 110 -25.35 -3.57 -37.65
N TYR C 111 -24.53 -2.54 -37.82
CA TYR C 111 -24.80 -1.49 -38.80
C TYR C 111 -23.80 -1.48 -39.95
N ARG C 112 -23.05 -2.58 -40.14
CA ARG C 112 -22.14 -2.78 -41.26
C ARG C 112 -20.99 -1.78 -41.27
N GLN C 113 -20.90 -0.95 -40.24
CA GLN C 113 -19.83 0.06 -40.19
C GLN C 113 -19.15 0.18 -38.84
N VAL C 114 -19.62 -0.51 -37.80
CA VAL C 114 -19.03 -0.43 -36.46
C VAL C 114 -18.24 -1.72 -36.24
N LYS C 115 -16.97 -1.56 -35.93
CA LYS C 115 -16.07 -2.66 -35.60
C LYS C 115 -15.64 -2.57 -34.15
N PRO C 116 -15.22 -3.67 -33.54
CA PRO C 116 -14.86 -3.64 -32.11
C PRO C 116 -13.76 -2.64 -31.76
N ILE C 117 -12.79 -2.43 -32.65
CA ILE C 117 -11.70 -1.52 -32.34
C ILE C 117 -12.11 -0.05 -32.43
N ASP C 118 -13.21 0.25 -33.13
CA ASP C 118 -13.65 1.63 -33.26
C ASP C 118 -14.08 2.21 -31.92
N THR C 119 -14.86 1.44 -31.15
CA THR C 119 -15.26 1.89 -29.82
C THR C 119 -14.04 2.02 -28.91
N VAL C 120 -13.05 1.13 -29.08
CA VAL C 120 -11.83 1.19 -28.29
C VAL C 120 -11.09 2.50 -28.54
N ILE C 121 -10.88 2.84 -29.81
CA ILE C 121 -10.12 4.06 -30.10
C ILE C 121 -10.93 5.30 -29.77
N ALA C 122 -12.27 5.23 -29.86
CA ALA C 122 -13.10 6.35 -29.44
C ALA C 122 -12.98 6.59 -27.94
N ARG C 123 -13.03 5.52 -27.15
CA ARG C 123 -12.83 5.65 -25.70
C ARG C 123 -11.45 6.20 -25.39
N ALA C 124 -10.43 5.71 -26.10
CA ALA C 124 -9.07 6.21 -25.88
C ALA C 124 -8.96 7.69 -26.19
N MET C 125 -9.55 8.12 -27.32
CA MET C 125 -9.50 9.53 -27.68
C MET C 125 -10.21 10.41 -26.65
N LEU C 126 -11.37 9.96 -26.17
CA LEU C 126 -12.11 10.77 -25.20
C LEU C 126 -11.37 10.83 -23.87
N GLU C 127 -10.75 9.71 -23.45
CA GLU C 127 -9.93 9.74 -22.25
C GLU C 127 -8.74 10.69 -22.40
N ILE C 128 -8.10 10.67 -23.58
CA ILE C 128 -7.00 11.60 -23.86
C ILE C 128 -7.48 13.03 -23.69
N SER C 129 -8.61 13.36 -24.32
CA SER C 129 -9.11 14.73 -24.30
C SER C 129 -9.45 15.17 -22.88
N LEU C 130 -10.17 14.33 -22.13
CA LEU C 130 -10.60 14.70 -20.79
C LEU C 130 -9.41 14.90 -19.86
N GLN C 131 -8.48 13.94 -19.85
CA GLN C 131 -7.35 14.06 -18.93
C GLN C 131 -6.38 15.15 -19.34
N SER C 132 -6.22 15.39 -20.64
CA SER C 132 -5.39 16.51 -21.08
C SER C 132 -5.99 17.84 -20.69
N ILE C 133 -7.31 17.98 -20.81
CA ILE C 133 -7.99 19.20 -20.39
C ILE C 133 -7.81 19.40 -18.89
N VAL C 134 -7.95 18.33 -18.11
CA VAL C 134 -7.78 18.41 -16.67
C VAL C 134 -6.35 18.82 -16.31
N TYR C 135 -5.37 18.23 -16.99
CA TYR C 135 -3.98 18.60 -16.78
C TYR C 135 -3.73 20.07 -17.08
N LEU C 136 -4.30 20.56 -18.19
CA LEU C 136 -4.12 21.96 -18.57
C LEU C 136 -4.71 22.91 -17.53
N ILE C 137 -5.95 22.66 -17.10
CA ILE C 137 -6.57 23.59 -16.16
C ILE C 137 -5.88 23.51 -14.80
N ALA C 138 -5.45 22.31 -14.39
CA ALA C 138 -4.77 22.18 -13.10
C ALA C 138 -3.41 22.86 -13.12
N LEU C 139 -2.67 22.74 -14.22
CA LEU C 139 -1.39 23.43 -14.34
C LEU C 139 -1.59 24.94 -14.35
N GLY C 140 -2.63 25.41 -15.04
CA GLY C 140 -2.93 26.85 -15.03
C GLY C 140 -3.28 27.35 -13.65
N THR C 141 -4.06 26.57 -12.89
CA THR C 141 -4.40 26.94 -11.53
C THR C 141 -3.17 26.98 -10.62
N LEU C 142 -2.29 26.00 -10.76
CA LEU C 142 -1.07 25.97 -9.96
C LEU C 142 -0.17 27.15 -10.29
N GLY C 143 -0.08 27.52 -11.57
CA GLY C 143 0.66 28.71 -11.94
C GLY C 143 0.01 29.99 -11.42
N TRP C 144 -1.32 30.02 -11.41
CA TRP C 144 -2.04 31.19 -10.92
C TRP C 144 -1.82 31.39 -9.43
N LEU C 145 -1.80 30.31 -8.65
CA LEU C 145 -1.61 30.45 -7.22
C LEU C 145 -0.20 30.94 -6.90
N GLY C 146 0.79 30.60 -7.72
CA GLY C 146 2.13 31.07 -7.51
C GLY C 146 3.19 29.98 -7.60
N PHE C 147 2.78 28.78 -7.96
CA PHE C 147 3.70 27.66 -8.04
C PHE C 147 4.35 27.58 -9.42
N HIS C 148 5.34 26.70 -9.53
CA HIS C 148 6.01 26.46 -10.80
C HIS C 148 5.05 25.76 -11.76
N PHE C 149 4.99 26.24 -13.00
CA PHE C 149 4.05 25.71 -13.97
C PHE C 149 4.61 25.57 -15.38
N LEU C 150 5.88 25.86 -15.60
CA LEU C 150 6.45 25.80 -16.94
C LEU C 150 7.50 24.70 -17.01
N PRO C 151 7.30 23.66 -17.82
CA PRO C 151 8.33 22.64 -17.97
C PRO C 151 9.58 23.20 -18.62
N VAL C 152 10.73 22.65 -18.22
CA VAL C 152 12.01 23.07 -18.80
C VAL C 152 12.34 22.34 -20.09
N ARG C 153 11.77 21.15 -20.31
CA ARG C 153 12.00 20.37 -21.53
C ARG C 153 10.63 19.88 -21.99
N ALA C 154 9.96 20.69 -22.82
CA ALA C 154 8.58 20.37 -23.21
C ALA C 154 8.54 19.27 -24.26
N LEU C 155 9.50 19.23 -25.19
CA LEU C 155 9.48 18.21 -26.23
C LEU C 155 9.69 16.81 -25.65
N GLU C 156 10.63 16.68 -24.72
CA GLU C 156 10.85 15.38 -24.07
C GLU C 156 9.63 14.97 -23.24
N LEU C 157 8.99 15.94 -22.58
CA LEU C 157 7.77 15.65 -21.84
C LEU C 157 6.66 15.16 -22.77
N ALA C 158 6.53 15.79 -23.94
CA ALA C 158 5.53 15.36 -24.91
C ALA C 158 5.83 13.96 -25.41
N GLY C 159 7.11 13.65 -25.68
CA GLY C 159 7.47 12.32 -26.11
C GLY C 159 7.17 11.26 -25.06
N VAL C 160 7.50 11.55 -23.80
CA VAL C 160 7.23 10.62 -22.72
C VAL C 160 5.72 10.43 -22.54
N SER C 161 4.94 11.51 -22.64
CA SER C 161 3.50 11.41 -22.54
C SER C 161 2.92 10.57 -23.67
N ALA C 162 3.44 10.75 -24.89
CA ALA C 162 2.97 9.95 -26.02
C ALA C 162 3.30 8.47 -25.82
N VAL C 163 4.50 8.18 -25.32
CA VAL C 163 4.87 6.79 -25.05
C VAL C 163 3.95 6.17 -24.00
N LEU C 164 3.68 6.92 -22.92
CA LEU C 164 2.79 6.42 -21.88
C LEU C 164 1.37 6.20 -22.41
N ILE C 165 0.89 7.12 -23.24
CA ILE C 165 -0.44 6.99 -23.83
C ILE C 165 -0.52 5.77 -24.72
N MET C 166 0.50 5.55 -25.55
CA MET C 166 0.52 4.37 -26.41
C MET C 166 0.57 3.09 -25.60
N LEU C 167 1.38 3.06 -24.54
CA LEU C 167 1.44 1.87 -23.69
C LEU C 167 0.10 1.59 -23.02
N GLY C 168 -0.55 2.63 -22.50
CA GLY C 168 -1.83 2.44 -21.85
C GLY C 168 -2.91 1.97 -22.81
N ALA C 169 -2.96 2.57 -24.00
CA ALA C 169 -3.95 2.14 -25.00
C ALA C 169 -3.68 0.71 -25.46
N SER C 170 -2.41 0.35 -25.64
CA SER C 170 -2.07 -1.01 -26.02
C SER C 170 -2.48 -2.01 -24.96
N LEU C 171 -2.20 -1.70 -23.69
CA LEU C 171 -2.61 -2.61 -22.61
C LEU C 171 -4.13 -2.71 -22.53
N GLY C 172 -4.83 -1.60 -22.70
CA GLY C 172 -6.29 -1.64 -22.67
C GLY C 172 -6.87 -2.49 -23.78
N LEU C 173 -6.35 -2.34 -25.00
CA LEU C 173 -6.82 -3.14 -26.12
C LEU C 173 -6.49 -4.62 -25.92
N PHE C 174 -5.29 -4.92 -25.42
CA PHE C 174 -4.90 -6.30 -25.17
C PHE C 174 -5.81 -6.95 -24.13
N PHE C 175 -6.10 -6.23 -23.04
CA PHE C 175 -6.98 -6.78 -22.01
C PHE C 175 -8.41 -6.93 -22.53
N ALA C 176 -8.88 -5.96 -23.33
CA ALA C 176 -10.22 -6.07 -23.90
C ALA C 176 -10.35 -7.28 -24.80
N VAL C 177 -9.30 -7.57 -25.58
CA VAL C 177 -9.31 -8.75 -26.44
C VAL C 177 -9.26 -10.03 -25.61
N VAL C 178 -8.38 -10.06 -24.60
CA VAL C 178 -8.13 -11.31 -23.87
C VAL C 178 -9.31 -11.66 -22.99
N THR C 179 -9.81 -10.71 -22.19
CA THR C 179 -10.81 -10.97 -21.18
C THR C 179 -12.22 -10.65 -21.66
N ASN C 180 -12.50 -10.90 -22.95
CA ASN C 180 -13.84 -10.65 -23.47
C ASN C 180 -14.87 -11.55 -22.80
N GLU C 181 -14.53 -12.81 -22.56
CA GLU C 181 -15.44 -13.76 -21.92
C GLU C 181 -15.17 -13.96 -20.43
N ILE C 182 -14.20 -13.24 -19.86
CA ILE C 182 -13.82 -13.44 -18.47
C ILE C 182 -13.93 -12.13 -17.71
N PRO C 183 -15.12 -11.78 -17.20
CA PRO C 183 -15.24 -10.57 -16.36
C PRO C 183 -14.41 -10.62 -15.09
N GLN C 184 -14.21 -11.82 -14.53
CA GLN C 184 -13.38 -11.95 -13.33
C GLN C 184 -11.94 -11.53 -13.59
N ALA C 185 -11.45 -11.73 -14.82
CA ALA C 185 -10.14 -11.21 -15.18
C ALA C 185 -10.11 -9.69 -15.11
N ARG C 186 -11.16 -9.03 -15.60
CA ARG C 186 -11.24 -7.59 -15.46
C ARG C 186 -11.26 -7.19 -14.00
N ALA C 187 -11.96 -7.97 -13.16
CA ALA C 187 -12.01 -7.67 -11.74
C ALA C 187 -10.63 -7.76 -11.10
N ILE C 188 -9.86 -8.81 -11.41
CA ILE C 188 -8.57 -8.98 -10.73
C ILE C 188 -7.57 -7.93 -11.22
N VAL C 189 -7.62 -7.58 -12.51
CA VAL C 189 -6.71 -6.50 -12.95
C VAL C 189 -7.15 -5.16 -12.38
N ARG C 190 -8.44 -4.94 -12.15
CA ARG C 190 -8.87 -3.73 -11.47
C ARG C 190 -8.38 -3.71 -10.03
N ILE C 191 -8.34 -4.88 -9.38
CA ILE C 191 -7.73 -4.99 -8.06
C ILE C 191 -6.25 -4.63 -8.12
N SER C 192 -5.53 -5.21 -9.06
CA SER C 192 -4.08 -5.08 -9.13
C SER C 192 -3.62 -3.72 -9.65
N LEU C 193 -4.53 -2.91 -10.21
CA LEU C 193 -4.16 -1.54 -10.57
C LEU C 193 -3.78 -0.72 -9.34
N LEU C 194 -4.41 -1.00 -8.19
CA LEU C 194 -4.13 -0.23 -6.98
C LEU C 194 -2.70 -0.39 -6.48
N PRO C 195 -2.13 -1.60 -6.36
CA PRO C 195 -0.70 -1.68 -5.98
C PRO C 195 0.23 -1.00 -6.98
N LEU C 196 -0.14 -0.98 -8.26
CA LEU C 196 0.67 -0.26 -9.25
C LEU C 196 0.69 1.23 -8.95
N TYR C 197 -0.34 1.74 -8.28
CA TYR C 197 -0.36 3.15 -7.91
C TYR C 197 0.64 3.46 -6.82
N PHE C 198 1.02 2.46 -6.02
CA PHE C 198 1.98 2.66 -4.95
C PHE C 198 3.39 2.23 -5.31
N VAL C 199 3.55 1.33 -6.29
CA VAL C 199 4.89 0.87 -6.67
C VAL C 199 5.45 1.63 -7.86
N SER C 200 4.75 2.64 -8.36
CA SER C 200 5.23 3.46 -9.47
C SER C 200 5.91 4.74 -9.01
N GLY C 201 6.04 4.96 -7.70
CA GLY C 201 6.63 6.18 -7.20
C GLY C 201 5.82 7.43 -7.50
N VAL C 202 4.49 7.30 -7.55
CA VAL C 202 3.65 8.45 -7.84
C VAL C 202 3.64 9.42 -6.67
N ILE C 203 3.50 8.91 -5.44
CA ILE C 203 3.36 9.77 -4.27
C ILE C 203 4.72 10.27 -3.80
N PHE C 204 5.60 9.35 -3.42
CA PHE C 204 6.86 9.73 -2.81
C PHE C 204 8.00 9.56 -3.79
N PRO C 205 9.02 10.43 -3.73
CA PRO C 205 10.20 10.25 -4.59
C PRO C 205 10.88 8.92 -4.33
N VAL C 206 11.41 8.33 -5.41
CA VAL C 206 11.87 6.94 -5.37
C VAL C 206 13.32 6.77 -4.96
N HIS C 207 14.10 7.86 -4.88
CA HIS C 207 15.50 7.73 -4.48
C HIS C 207 15.65 7.47 -2.99
N THR C 208 14.60 7.61 -2.20
CA THR C 208 14.65 7.26 -0.78
C THR C 208 14.19 5.82 -0.55
N ILE C 209 14.78 4.89 -1.31
CA ILE C 209 14.43 3.47 -1.25
C ILE C 209 15.73 2.69 -1.15
N PRO C 210 15.81 1.65 -0.32
CA PRO C 210 17.03 0.84 -0.22
C PRO C 210 17.37 0.22 -1.56
N PRO C 211 18.66 0.18 -1.92
CA PRO C 211 19.05 -0.30 -3.25
C PRO C 211 18.72 -1.75 -3.53
N GLN C 212 18.53 -2.57 -2.49
CA GLN C 212 18.23 -3.98 -2.71
C GLN C 212 16.88 -4.17 -3.40
N TYR C 213 15.97 -3.24 -3.22
CA TYR C 213 14.69 -3.27 -3.93
C TYR C 213 14.72 -2.47 -5.22
N LEU C 214 15.84 -1.81 -5.53
CA LEU C 214 15.92 -1.02 -6.77
C LEU C 214 15.78 -1.85 -8.04
N PRO C 215 16.53 -2.94 -8.25
CA PRO C 215 16.38 -3.68 -9.53
C PRO C 215 14.99 -4.26 -9.72
N LEU C 216 14.34 -4.72 -8.64
CA LEU C 216 13.00 -5.26 -8.76
C LEU C 216 12.00 -4.22 -9.23
N LEU C 217 12.26 -2.95 -8.92
CA LEU C 217 11.41 -1.86 -9.40
C LEU C 217 11.81 -1.36 -10.79
N GLN C 218 12.93 -1.84 -11.34
CA GLN C 218 13.32 -1.42 -12.68
C GLN C 218 12.51 -2.09 -13.77
N LEU C 219 11.69 -3.08 -13.43
CA LEU C 219 10.86 -3.79 -14.39
C LEU C 219 9.51 -3.12 -14.63
N ASN C 220 9.26 -1.98 -13.99
CA ASN C 220 7.97 -1.31 -14.11
C ASN C 220 8.15 -0.16 -15.11
N PRO C 221 7.59 -0.25 -16.32
CA PRO C 221 7.75 0.85 -17.28
C PRO C 221 7.10 2.15 -16.84
N VAL C 222 6.00 2.08 -16.07
CA VAL C 222 5.31 3.28 -15.63
C VAL C 222 6.19 4.12 -14.72
N LEU C 223 7.00 3.46 -13.88
CA LEU C 223 7.94 4.20 -13.04
C LEU C 223 8.96 4.94 -13.89
N HIS C 224 9.48 4.28 -14.93
CA HIS C 224 10.43 4.92 -15.84
C HIS C 224 9.80 6.14 -16.50
N LEU C 225 8.57 5.99 -16.98
CA LEU C 225 7.90 7.10 -17.67
C LEU C 225 7.61 8.25 -16.72
N ILE C 226 7.18 7.94 -15.49
CA ILE C 226 6.91 9.00 -14.51
C ILE C 226 8.18 9.75 -14.17
N GLU C 227 9.28 9.02 -13.93
CA GLU C 227 10.54 9.67 -13.60
C GLU C 227 11.05 10.53 -14.76
N LEU C 228 10.92 10.03 -15.99
CA LEU C 228 11.39 10.80 -17.14
C LEU C 228 10.55 12.04 -17.38
N SER C 229 9.23 11.94 -17.17
CA SER C 229 8.38 13.11 -17.30
C SER C 229 8.69 14.15 -16.23
N ARG C 230 8.95 13.70 -15.00
CA ARG C 230 9.36 14.63 -13.94
C ARG C 230 10.69 15.28 -14.26
N ALA C 231 11.62 14.52 -14.83
CA ALA C 231 12.91 15.08 -15.22
C ALA C 231 12.75 16.13 -16.32
N SER C 232 11.91 15.85 -17.31
CA SER C 232 11.67 16.82 -18.37
C SER C 232 10.87 18.02 -17.89
N PHE C 233 10.15 17.87 -16.77
CA PHE C 233 9.37 18.99 -16.23
C PHE C 233 10.23 19.88 -15.35
N PHE C 234 10.81 19.30 -14.29
CA PHE C 234 11.56 20.07 -13.31
C PHE C 234 12.98 20.36 -13.82
N PRO C 235 13.55 21.49 -13.41
CA PRO C 235 14.96 21.76 -13.73
C PRO C 235 15.90 21.03 -12.80
N GLN C 236 17.07 20.69 -13.34
CA GLN C 236 18.17 20.00 -12.67
C GLN C 236 17.71 18.81 -11.81
N TYR C 237 16.65 18.13 -12.24
CA TYR C 237 16.14 16.99 -11.51
C TYR C 237 17.04 15.78 -11.77
N ARG C 238 17.57 15.20 -10.71
CA ARG C 238 18.51 14.09 -10.85
C ARG C 238 17.77 12.81 -11.20
N VAL C 239 18.35 12.05 -12.13
CA VAL C 239 17.80 10.77 -12.57
C VAL C 239 18.79 9.68 -12.17
N LEU C 240 18.31 8.69 -11.43
CA LEU C 240 19.18 7.62 -10.94
C LEU C 240 19.42 6.61 -12.06
N GLN C 241 20.06 5.49 -11.72
CA GLN C 241 20.47 4.53 -12.73
C GLN C 241 19.29 3.74 -13.28
N GLY C 242 19.39 3.38 -14.56
CA GLY C 242 18.40 2.52 -15.19
C GLY C 242 17.02 3.13 -15.37
N ILE C 243 16.94 4.38 -15.79
CA ILE C 243 15.65 5.02 -16.08
C ILE C 243 15.63 5.42 -17.54
N ASN C 244 16.28 4.63 -18.38
CA ASN C 244 16.32 4.92 -19.81
C ASN C 244 14.94 4.75 -20.43
N LEU C 245 14.71 5.50 -21.52
CA LEU C 245 13.45 5.42 -22.25
C LEU C 245 13.35 4.18 -23.14
N ALA C 246 14.47 3.50 -23.39
CA ALA C 246 14.48 2.36 -24.29
C ALA C 246 13.60 1.23 -23.78
N TYR C 247 13.68 0.92 -22.48
CA TYR C 247 12.88 -0.16 -21.93
C TYR C 247 11.37 0.12 -22.01
N PRO C 248 10.85 1.27 -21.54
CA PRO C 248 9.41 1.50 -21.71
C PRO C 248 9.00 1.64 -23.17
N ALA C 249 9.86 2.19 -24.03
CA ALA C 249 9.51 2.29 -25.45
C ALA C 249 9.36 0.91 -26.07
N GLY C 250 10.31 0.01 -25.79
CA GLY C 250 10.18 -1.35 -26.28
C GLY C 250 9.00 -2.09 -25.69
N PHE C 251 8.73 -1.85 -24.40
CA PHE C 251 7.56 -2.45 -23.77
C PHE C 251 6.28 -2.03 -24.46
N ALA C 252 6.14 -0.73 -24.72
CA ALA C 252 4.94 -0.22 -25.38
C ALA C 252 4.83 -0.75 -26.81
N LEU C 253 5.94 -0.78 -27.55
CA LEU C 253 5.89 -1.28 -28.92
C LEU C 253 5.51 -2.75 -28.97
N LEU C 254 6.13 -3.56 -28.11
CA LEU C 254 5.82 -4.99 -28.09
C LEU C 254 4.38 -5.24 -27.67
N SER C 255 3.90 -4.50 -26.66
CA SER C 255 2.52 -4.67 -26.21
C SER C 255 1.54 -4.25 -27.30
N LEU C 256 1.85 -3.17 -28.03
CA LEU C 256 0.97 -2.74 -29.12
C LEU C 256 0.93 -3.78 -30.23
N PHE C 257 2.09 -4.32 -30.60
CA PHE C 257 2.12 -5.35 -31.64
C PHE C 257 1.33 -6.59 -31.21
N LEU C 258 1.51 -7.01 -29.95
CA LEU C 258 0.78 -8.18 -29.45
C LEU C 258 -0.72 -7.94 -29.43
N ALA C 259 -1.14 -6.74 -28.99
CA ALA C 259 -2.56 -6.44 -28.93
C ALA C 259 -3.18 -6.40 -30.32
N LEU C 260 -2.51 -5.78 -31.29
CA LEU C 260 -3.03 -5.75 -32.65
C LEU C 260 -3.08 -7.15 -33.26
N MET C 261 -2.06 -7.98 -33.00
CA MET C 261 -2.09 -9.34 -33.54
C MET C 261 -3.22 -10.15 -32.91
N LEU C 262 -3.43 -10.01 -31.60
CA LEU C 262 -4.50 -10.75 -30.94
C LEU C 262 -5.87 -10.29 -31.41
N TYR C 263 -6.04 -8.99 -31.63
CA TYR C 263 -7.31 -8.50 -32.16
C TYR C 263 -7.53 -8.99 -33.59
N ARG C 264 -6.46 -9.02 -34.40
CA ARG C 264 -6.59 -9.52 -35.76
C ARG C 264 -6.98 -11.00 -35.77
N LEU C 265 -6.42 -11.78 -34.85
CA LEU C 265 -6.80 -13.19 -34.76
C LEU C 265 -8.24 -13.35 -34.29
N ARG C 266 -8.55 -12.83 -33.10
CA ARG C 266 -9.91 -12.88 -32.57
C ARG C 266 -10.67 -11.62 -33.00
N ARG C 267 -10.96 -11.56 -34.30
CA ARG C 267 -11.64 -10.42 -34.89
C ARG C 267 -13.13 -10.66 -35.11
N HIS C 268 -13.48 -11.82 -35.67
CA HIS C 268 -14.87 -12.14 -35.96
C HIS C 268 -15.60 -12.78 -34.79
N GLN C 269 -14.94 -12.96 -33.66
CA GLN C 269 -15.54 -13.59 -32.49
C GLN C 269 -16.29 -12.61 -31.61
N LEU C 270 -16.31 -11.33 -31.96
CA LEU C 270 -17.00 -10.31 -31.17
C LEU C 270 -18.40 -10.08 -31.75
N ALA C 271 -19.25 -11.09 -31.56
CA ALA C 271 -20.64 -11.09 -32.01
C ALA C 271 -20.78 -10.77 -33.50
N ARG D 17 -44.56 -29.10 12.51
CA ARG D 17 -43.18 -28.98 12.95
C ARG D 17 -42.94 -27.61 13.59
N SER D 18 -42.07 -27.58 14.60
CA SER D 18 -41.75 -26.34 15.29
C SER D 18 -40.95 -25.42 14.35
N PRO D 19 -41.03 -24.10 14.57
CA PRO D 19 -40.34 -23.17 13.66
C PRO D 19 -38.83 -23.14 13.83
N TRP D 20 -38.27 -24.05 14.61
CA TRP D 20 -36.83 -24.10 14.80
C TRP D 20 -36.15 -25.21 14.00
N GLN D 21 -36.76 -26.39 13.93
CA GLN D 21 -36.18 -27.46 13.11
C GLN D 21 -36.24 -27.11 11.63
N ILE D 22 -37.21 -26.30 11.22
CA ILE D 22 -37.26 -25.81 9.85
C ILE D 22 -36.01 -25.02 9.52
N GLN D 23 -35.60 -24.13 10.44
CA GLN D 23 -34.39 -23.34 10.25
C GLN D 23 -33.17 -24.25 10.17
N GLN D 24 -33.09 -25.27 11.02
CA GLN D 24 -31.94 -26.17 11.00
C GLN D 24 -31.86 -26.92 9.67
N ALA D 25 -32.99 -27.43 9.20
CA ALA D 25 -33.00 -28.17 7.94
C ALA D 25 -32.62 -27.26 6.77
N VAL D 26 -33.17 -26.04 6.75
CA VAL D 26 -32.85 -25.10 5.68
C VAL D 26 -31.36 -24.72 5.71
N LEU D 27 -30.83 -24.49 6.91
CA LEU D 27 -29.42 -24.13 7.02
C LEU D 27 -28.51 -25.27 6.57
N PHE D 28 -28.84 -26.50 6.96
CA PHE D 28 -28.05 -27.65 6.50
C PHE D 28 -28.10 -27.78 4.99
N ALA D 29 -29.29 -27.62 4.41
CA ALA D 29 -29.44 -27.75 2.96
C ALA D 29 -28.63 -26.68 2.23
N LEU D 30 -28.71 -25.43 2.68
CA LEU D 30 -27.97 -24.38 2.02
C LEU D 30 -26.46 -24.52 2.23
N PHE D 31 -26.03 -25.00 3.40
CA PHE D 31 -24.61 -25.24 3.62
C PHE D 31 -24.10 -26.31 2.67
N LEU D 32 -24.84 -27.39 2.50
CA LEU D 32 -24.43 -28.43 1.56
C LEU D 32 -24.39 -27.91 0.13
N ARG D 33 -25.41 -27.14 -0.27
CA ARG D 33 -25.43 -26.57 -1.62
C ARG D 33 -24.24 -25.66 -1.86
N GLU D 34 -23.93 -24.80 -0.89
CA GLU D 34 -22.86 -23.82 -1.10
C GLU D 34 -21.50 -24.50 -1.05
N LEU D 35 -21.32 -25.50 -0.19
CA LEU D 35 -20.09 -26.28 -0.22
C LEU D 35 -19.93 -26.99 -1.56
N LYS D 36 -21.03 -27.47 -2.14
CA LYS D 36 -20.94 -28.11 -3.44
C LYS D 36 -20.50 -27.13 -4.53
N THR D 37 -21.12 -25.95 -4.57
CA THR D 37 -20.79 -25.04 -5.66
C THR D 37 -19.44 -24.34 -5.47
N ARG D 38 -19.00 -24.16 -4.22
CA ARG D 38 -17.74 -23.47 -3.98
C ARG D 38 -16.54 -24.28 -4.44
N LEU D 39 -16.55 -25.59 -4.19
CA LEU D 39 -15.44 -26.47 -4.56
C LEU D 39 -15.66 -26.92 -5.99
N GLY D 40 -14.98 -26.26 -6.92
CA GLY D 40 -15.16 -26.59 -8.33
C GLY D 40 -14.58 -27.96 -8.67
N GLY D 41 -15.27 -28.66 -9.57
CA GLY D 41 -14.84 -30.00 -9.94
C GLY D 41 -14.90 -30.93 -8.75
N ARG D 42 -13.83 -31.71 -8.57
CA ARG D 42 -13.71 -32.62 -7.44
C ARG D 42 -12.87 -31.96 -6.35
N TRP D 43 -13.46 -30.91 -5.76
CA TRP D 43 -12.85 -30.14 -4.67
C TRP D 43 -11.48 -29.58 -5.07
N LEU D 44 -11.50 -28.69 -6.07
CA LEU D 44 -10.29 -28.02 -6.50
C LEU D 44 -10.05 -26.70 -5.77
N GLY D 45 -11.08 -26.12 -5.14
CA GLY D 45 -10.92 -24.87 -4.45
C GLY D 45 -10.15 -24.96 -3.14
N VAL D 46 -10.15 -26.15 -2.52
CA VAL D 46 -9.40 -26.32 -1.28
C VAL D 46 -7.90 -26.15 -1.52
N PHE D 47 -7.41 -26.58 -2.69
CA PHE D 47 -6.02 -26.34 -3.03
C PHE D 47 -5.72 -24.86 -3.15
N TRP D 48 -6.63 -24.09 -3.75
CA TRP D 48 -6.45 -22.64 -3.84
C TRP D 48 -6.42 -22.01 -2.46
N VAL D 49 -7.36 -22.40 -1.59
CA VAL D 49 -7.43 -21.85 -0.25
C VAL D 49 -6.17 -22.20 0.54
N LEU D 50 -5.61 -23.38 0.29
CA LEU D 50 -4.37 -23.75 0.95
C LEU D 50 -3.15 -23.03 0.37
N LEU D 51 -3.19 -22.67 -0.92
CA LEU D 51 -2.01 -22.05 -1.52
C LEU D 51 -1.96 -20.54 -1.35
N GLU D 52 -3.06 -19.88 -0.99
CA GLU D 52 -2.95 -18.46 -0.66
C GLU D 52 -1.99 -18.19 0.51
N PRO D 53 -2.13 -18.82 1.68
CA PRO D 53 -1.28 -18.41 2.81
C PRO D 53 0.17 -18.81 2.67
N VAL D 54 0.48 -19.94 2.03
CA VAL D 54 1.88 -20.31 1.88
C VAL D 54 2.58 -19.39 0.89
N ALA D 55 1.88 -19.00 -0.18
CA ALA D 55 2.45 -18.01 -1.11
C ALA D 55 2.67 -16.68 -0.40
N HIS D 56 1.69 -16.24 0.40
CA HIS D 56 1.85 -15.00 1.15
C HIS D 56 3.03 -15.08 2.12
N ILE D 57 3.14 -16.20 2.85
CA ILE D 57 4.23 -16.36 3.81
C ILE D 57 5.57 -16.33 3.08
N ALA D 58 5.62 -16.95 1.89
CA ALA D 58 6.88 -16.99 1.15
C ALA D 58 7.31 -15.59 0.73
N VAL D 59 6.41 -14.84 0.09
CA VAL D 59 6.81 -13.53 -0.41
C VAL D 59 7.16 -12.58 0.74
N MET D 60 6.32 -12.55 1.78
CA MET D 60 6.59 -11.59 2.84
C MET D 60 7.80 -11.96 3.69
N THR D 61 8.03 -13.26 3.93
CA THR D 61 9.25 -13.65 4.63
C THR D 61 10.48 -13.30 3.81
N THR D 62 10.47 -13.65 2.52
CA THR D 62 11.59 -13.31 1.65
C THR D 62 11.86 -11.81 1.64
N LEU D 63 10.81 -10.99 1.74
CA LEU D 63 11.00 -9.55 1.67
C LEU D 63 11.45 -8.95 3.01
N PHE D 64 10.73 -9.23 4.10
CA PHE D 64 10.97 -8.56 5.38
C PHE D 64 11.49 -9.48 6.48
N SER D 65 12.24 -10.53 6.14
CA SER D 65 12.87 -11.35 7.18
C SER D 65 13.84 -10.52 8.01
N LEU D 66 14.76 -9.82 7.35
CA LEU D 66 15.70 -8.96 8.06
C LEU D 66 14.99 -7.80 8.74
N ALA D 67 13.89 -7.31 8.15
CA ALA D 67 13.14 -6.22 8.76
C ALA D 67 12.56 -6.64 10.11
N HIS D 68 11.96 -7.83 10.17
CA HIS D 68 11.43 -8.30 11.44
C HIS D 68 12.57 -8.64 12.40
N ARG D 69 13.67 -9.17 11.87
CA ARG D 69 14.82 -9.47 12.73
C ARG D 69 15.33 -8.21 13.42
N ALA D 70 15.34 -7.09 12.69
CA ALA D 70 15.69 -5.80 13.29
C ALA D 70 14.55 -5.21 14.10
N ALA D 71 13.32 -5.70 13.93
CA ALA D 71 12.19 -5.12 14.66
C ALA D 71 12.21 -5.51 16.13
N MET D 72 12.11 -6.82 16.42
CA MET D 72 12.10 -7.26 17.81
C MET D 72 12.76 -8.63 17.94
N PRO D 73 13.66 -8.82 18.91
CA PRO D 73 14.35 -10.11 19.08
C PRO D 73 13.62 -11.09 19.99
N SER D 74 12.33 -11.29 19.74
CA SER D 74 11.56 -12.24 20.54
C SER D 74 10.61 -13.12 19.73
N ILE D 75 10.29 -12.77 18.48
CA ILE D 75 9.31 -13.50 17.69
C ILE D 75 9.90 -13.74 16.31
N GLU D 76 9.74 -14.97 15.80
CA GLU D 76 10.15 -15.28 14.44
C GLU D 76 9.02 -14.91 13.46
N TYR D 77 9.44 -14.60 12.23
CA TYR D 77 8.50 -14.04 11.26
C TYR D 77 7.35 -14.97 10.87
N PRO D 78 7.53 -16.27 10.60
CA PRO D 78 6.38 -17.08 10.16
C PRO D 78 5.21 -17.10 11.13
N VAL D 79 5.46 -17.25 12.43
CA VAL D 79 4.36 -17.35 13.38
C VAL D 79 3.66 -16.01 13.54
N PHE D 80 4.42 -14.91 13.60
CA PHE D 80 3.83 -13.58 13.68
C PHE D 80 2.94 -13.32 12.48
N LEU D 81 3.45 -13.63 11.28
CA LEU D 81 2.68 -13.42 10.07
C LEU D 81 1.44 -14.32 10.02
N ILE D 82 1.56 -15.57 10.47
CA ILE D 82 0.42 -16.47 10.32
C ILE D 82 -0.70 -16.08 11.27
N THR D 83 -0.38 -15.71 12.52
CA THR D 83 -1.43 -15.26 13.43
C THR D 83 -1.89 -13.85 13.15
N GLY D 84 -1.16 -13.06 12.36
CA GLY D 84 -1.71 -11.82 11.88
C GLY D 84 -2.47 -11.91 10.57
N LEU D 85 -2.30 -13.00 9.84
CA LEU D 85 -2.85 -13.17 8.50
C LEU D 85 -4.11 -14.02 8.48
N ILE D 86 -4.10 -15.19 9.14
CA ILE D 86 -5.28 -16.06 9.10
C ILE D 86 -6.52 -15.39 9.69
N PRO D 87 -6.47 -14.69 10.83
CA PRO D 87 -7.65 -13.92 11.24
C PRO D 87 -8.06 -12.87 10.23
N PHE D 88 -7.11 -12.23 9.54
CA PHE D 88 -7.52 -11.26 8.53
C PHE D 88 -8.13 -11.94 7.32
N PHE D 89 -7.65 -13.13 6.94
CA PHE D 89 -8.31 -13.88 5.88
C PHE D 89 -9.73 -14.28 6.31
N MET D 90 -9.89 -14.65 7.58
CA MET D 90 -11.21 -14.88 8.15
C MET D 90 -12.13 -13.69 7.93
N PHE D 91 -11.66 -12.50 8.33
CA PHE D 91 -12.47 -11.29 8.24
C PHE D 91 -12.76 -10.92 6.78
N ARG D 92 -11.76 -11.02 5.91
CA ARG D 92 -11.94 -10.66 4.51
C ARG D 92 -12.93 -11.60 3.82
N GLY D 93 -12.84 -12.90 4.12
CA GLY D 93 -13.83 -13.82 3.60
C GLY D 93 -15.22 -13.54 4.11
N LEU D 94 -15.35 -13.29 5.42
CA LEU D 94 -16.65 -12.98 6.00
C LEU D 94 -17.24 -11.68 5.46
N VAL D 95 -16.40 -10.78 4.95
CA VAL D 95 -16.91 -9.56 4.34
C VAL D 95 -17.28 -9.80 2.87
N THR D 96 -16.40 -10.46 2.12
CA THR D 96 -16.56 -10.55 0.67
C THR D 96 -17.60 -11.60 0.27
N ARG D 97 -17.51 -12.80 0.85
CA ARG D 97 -18.42 -13.87 0.45
C ARG D 97 -19.84 -13.66 0.93
N LEU D 98 -20.10 -12.67 1.77
CA LEU D 98 -21.40 -12.51 2.39
C LEU D 98 -22.32 -11.57 1.63
N MET D 99 -21.78 -10.60 0.90
CA MET D 99 -22.62 -9.71 0.12
C MET D 99 -23.24 -10.42 -1.08
N GLU D 100 -22.52 -11.38 -1.66
CA GLU D 100 -23.02 -12.11 -2.82
C GLU D 100 -23.96 -13.24 -2.44
N ALA D 101 -24.21 -13.45 -1.15
CA ALA D 101 -25.06 -14.54 -0.70
C ALA D 101 -26.54 -14.31 -0.98
N ILE D 102 -26.93 -13.09 -1.32
CA ILE D 102 -28.34 -12.76 -1.53
C ILE D 102 -28.71 -12.79 -3.02
N ASP D 103 -27.87 -12.19 -3.87
CA ASP D 103 -28.20 -12.13 -5.29
C ASP D 103 -27.96 -13.46 -6.00
N SER D 104 -26.96 -14.22 -5.58
CA SER D 104 -26.66 -15.48 -6.25
C SER D 104 -27.77 -16.51 -6.04
N ASN D 105 -28.31 -16.58 -4.82
CA ASN D 105 -29.40 -17.50 -4.51
C ASN D 105 -30.77 -16.82 -4.54
N ARG D 106 -30.93 -15.84 -5.44
CA ARG D 106 -32.20 -15.13 -5.53
C ARG D 106 -33.34 -16.04 -5.98
N GLY D 107 -33.04 -17.03 -6.81
CA GLY D 107 -34.08 -17.92 -7.30
C GLY D 107 -34.57 -18.94 -6.30
N LEU D 108 -33.86 -19.11 -5.18
CA LEU D 108 -34.27 -20.09 -4.18
C LEU D 108 -35.37 -19.58 -3.25
N PHE D 109 -35.69 -18.29 -3.29
CA PHE D 109 -36.68 -17.74 -2.38
C PHE D 109 -38.09 -17.95 -2.90
N ALA D 110 -38.42 -19.20 -3.27
CA ALA D 110 -39.77 -19.51 -3.75
C ALA D 110 -40.26 -20.86 -3.23
N TYR D 111 -39.63 -21.40 -2.19
CA TYR D 111 -39.96 -22.72 -1.68
C TYR D 111 -40.63 -22.67 -0.31
N ARG D 112 -41.05 -21.49 0.13
CA ARG D 112 -41.81 -21.22 1.37
C ARG D 112 -40.99 -21.45 2.63
N GLN D 113 -39.76 -21.97 2.52
CA GLN D 113 -38.91 -22.17 3.69
C GLN D 113 -37.63 -21.36 3.68
N VAL D 114 -37.22 -20.80 2.54
CA VAL D 114 -35.95 -20.11 2.40
C VAL D 114 -36.17 -18.61 2.57
N LYS D 115 -35.39 -18.01 3.46
CA LYS D 115 -35.38 -16.58 3.69
C LYS D 115 -34.01 -16.01 3.35
N PRO D 116 -33.91 -14.71 3.05
CA PRO D 116 -32.62 -14.14 2.64
C PRO D 116 -31.50 -14.31 3.65
N ILE D 117 -31.81 -14.25 4.95
CA ILE D 117 -30.75 -14.33 5.96
C ILE D 117 -30.24 -15.76 6.14
N ASP D 118 -31.01 -16.76 5.72
CA ASP D 118 -30.56 -18.15 5.86
C ASP D 118 -29.32 -18.42 5.01
N THR D 119 -29.33 -17.94 3.77
CA THR D 119 -28.15 -18.09 2.91
C THR D 119 -26.96 -17.33 3.50
N VAL D 120 -27.22 -16.17 4.08
CA VAL D 120 -26.15 -15.37 4.69
C VAL D 120 -25.48 -16.15 5.82
N ILE D 121 -26.28 -16.68 6.75
CA ILE D 121 -25.68 -17.38 7.87
C ILE D 121 -25.06 -18.71 7.42
N ALA D 122 -25.60 -19.33 6.36
CA ALA D 122 -24.95 -20.54 5.84
C ALA D 122 -23.57 -20.24 5.26
N ARG D 123 -23.46 -19.14 4.50
CA ARG D 123 -22.16 -18.73 3.99
C ARG D 123 -21.21 -18.39 5.11
N ALA D 124 -21.71 -17.72 6.15
CA ALA D 124 -20.86 -17.40 7.30
C ALA D 124 -20.35 -18.66 7.98
N MET D 125 -21.23 -19.66 8.17
CA MET D 125 -20.83 -20.91 8.80
C MET D 125 -19.79 -21.64 7.96
N LEU D 126 -19.99 -21.69 6.64
CA LEU D 126 -19.02 -22.37 5.79
C LEU D 126 -17.67 -21.66 5.81
N GLU D 127 -17.67 -20.32 5.79
CA GLU D 127 -16.42 -19.59 5.87
C GLU D 127 -15.71 -19.85 7.20
N ILE D 128 -16.49 -19.87 8.30
CA ILE D 128 -15.92 -20.17 9.62
C ILE D 128 -15.24 -21.54 9.59
N SER D 129 -15.95 -22.55 9.09
CA SER D 129 -15.41 -23.91 9.10
C SER D 129 -14.15 -24.02 8.23
N LEU D 130 -14.20 -23.46 7.02
CA LEU D 130 -13.05 -23.56 6.11
C LEU D 130 -11.83 -22.87 6.68
N GLN D 131 -12.00 -21.62 7.14
CA GLN D 131 -10.83 -20.89 7.62
C GLN D 131 -10.33 -21.45 8.96
N SER D 132 -11.21 -21.99 9.79
CA SER D 132 -10.75 -22.62 11.02
C SER D 132 -9.97 -23.89 10.73
N ILE D 133 -10.42 -24.68 9.75
CA ILE D 133 -9.67 -25.86 9.35
C ILE D 133 -8.30 -25.48 8.81
N VAL D 134 -8.25 -24.42 7.99
CA VAL D 134 -6.97 -23.95 7.47
C VAL D 134 -6.06 -23.48 8.60
N TYR D 135 -6.61 -22.75 9.57
CA TYR D 135 -5.83 -22.27 10.70
C TYR D 135 -5.25 -23.44 11.51
N LEU D 136 -6.08 -24.44 11.80
CA LEU D 136 -5.60 -25.58 12.57
C LEU D 136 -4.53 -26.35 11.83
N ILE D 137 -4.74 -26.59 10.53
CA ILE D 137 -3.76 -27.34 9.74
C ILE D 137 -2.44 -26.59 9.67
N ALA D 138 -2.50 -25.27 9.43
CA ALA D 138 -1.28 -24.49 9.31
C ALA D 138 -0.55 -24.37 10.64
N LEU D 139 -1.29 -24.23 11.75
CA LEU D 139 -0.65 -24.20 13.06
C LEU D 139 0.02 -25.54 13.37
N GLY D 140 -0.65 -26.65 13.03
CA GLY D 140 -0.03 -27.95 13.22
C GLY D 140 1.22 -28.12 12.40
N THR D 141 1.21 -27.63 11.15
CA THR D 141 2.39 -27.70 10.30
C THR D 141 3.54 -26.88 10.88
N LEU D 142 3.23 -25.67 11.37
CA LEU D 142 4.27 -24.81 11.95
C LEU D 142 4.84 -25.44 13.20
N GLY D 143 4.00 -26.07 14.03
CA GLY D 143 4.51 -26.78 15.18
C GLY D 143 5.34 -27.99 14.81
N TRP D 144 4.95 -28.69 13.73
CA TRP D 144 5.70 -29.84 13.28
C TRP D 144 7.08 -29.45 12.77
N LEU D 145 7.18 -28.31 12.08
CA LEU D 145 8.48 -27.89 11.55
C LEU D 145 9.44 -27.52 12.68
N GLY D 146 8.93 -26.97 13.77
CA GLY D 146 9.77 -26.64 14.90
C GLY D 146 9.51 -25.26 15.48
N PHE D 147 8.47 -24.59 14.98
CA PHE D 147 8.15 -23.25 15.43
C PHE D 147 7.18 -23.28 16.61
N HIS D 148 6.98 -22.11 17.21
CA HIS D 148 6.03 -21.98 18.31
C HIS D 148 4.61 -22.16 17.79
N PHE D 149 3.81 -22.96 18.51
CA PHE D 149 2.46 -23.29 18.05
C PHE D 149 1.43 -23.31 19.16
N LEU D 150 1.77 -23.00 20.40
CA LEU D 150 0.83 -23.06 21.50
C LEU D 150 0.57 -21.67 22.04
N PRO D 151 -0.66 -21.17 21.98
CA PRO D 151 -0.96 -19.87 22.59
C PRO D 151 -0.83 -19.91 24.10
N VAL D 152 -0.42 -18.78 24.67
CA VAL D 152 -0.27 -18.67 26.11
C VAL D 152 -1.58 -18.31 26.80
N ARG D 153 -2.51 -17.66 26.10
CA ARG D 153 -3.82 -17.30 26.64
C ARG D 153 -4.86 -17.70 25.61
N ALA D 154 -5.35 -18.94 25.70
CA ALA D 154 -6.24 -19.47 24.68
C ALA D 154 -7.66 -18.92 24.81
N LEU D 155 -8.12 -18.69 26.04
CA LEU D 155 -9.48 -18.20 26.24
C LEU D 155 -9.64 -16.77 25.70
N GLU D 156 -8.66 -15.90 25.96
CA GLU D 156 -8.70 -14.55 25.42
C GLU D 156 -8.60 -14.56 23.90
N LEU D 157 -7.78 -15.46 23.36
CA LEU D 157 -7.71 -15.60 21.90
C LEU D 157 -9.04 -16.03 21.31
N ALA D 158 -9.72 -16.97 21.97
CA ALA D 158 -11.03 -17.40 21.50
C ALA D 158 -12.05 -16.26 21.57
N GLY D 159 -12.01 -15.47 22.65
CA GLY D 159 -12.91 -14.33 22.74
C GLY D 159 -12.66 -13.30 21.66
N VAL D 160 -11.38 -13.00 21.38
CA VAL D 160 -11.04 -12.04 20.34
C VAL D 160 -11.46 -12.58 18.98
N SER D 161 -11.25 -13.86 18.73
CA SER D 161 -11.67 -14.46 17.46
C SER D 161 -13.18 -14.42 17.30
N ALA D 162 -13.93 -14.67 18.38
CA ALA D 162 -15.39 -14.59 18.31
C ALA D 162 -15.85 -13.16 18.03
N VAL D 163 -15.20 -12.18 18.66
CA VAL D 163 -15.55 -10.78 18.41
C VAL D 163 -15.27 -10.42 16.95
N LEU D 164 -14.13 -10.83 16.43
CA LEU D 164 -13.79 -10.54 15.03
C LEU D 164 -14.77 -11.23 14.08
N ILE D 165 -15.14 -12.47 14.38
CA ILE D 165 -16.11 -13.19 13.54
C ILE D 165 -17.46 -12.49 13.54
N MET D 166 -17.92 -12.06 14.72
CA MET D 166 -19.19 -11.35 14.80
C MET D 166 -19.14 -10.04 14.03
N LEU D 167 -18.03 -9.30 14.16
CA LEU D 167 -17.91 -8.04 13.44
C LEU D 167 -17.90 -8.26 11.93
N GLY D 168 -17.17 -9.28 11.46
CA GLY D 168 -17.14 -9.56 10.04
C GLY D 168 -18.50 -9.99 9.49
N ALA D 169 -19.20 -10.86 10.21
CA ALA D 169 -20.52 -11.29 9.78
C ALA D 169 -21.51 -10.14 9.78
N SER D 170 -21.43 -9.27 10.80
CA SER D 170 -22.31 -8.11 10.84
C SER D 170 -22.05 -7.16 9.68
N LEU D 171 -20.79 -6.90 9.37
CA LEU D 171 -20.46 -6.04 8.24
C LEU D 171 -20.93 -6.66 6.93
N GLY D 172 -20.75 -7.98 6.78
CA GLY D 172 -21.19 -8.65 5.57
C GLY D 172 -22.70 -8.57 5.39
N LEU D 173 -23.46 -8.81 6.46
CA LEU D 173 -24.92 -8.71 6.37
C LEU D 173 -25.36 -7.28 6.10
N PHE D 174 -24.72 -6.30 6.74
CA PHE D 174 -25.07 -4.90 6.50
C PHE D 174 -24.82 -4.51 5.05
N PHE D 175 -23.67 -4.92 4.50
CA PHE D 175 -23.37 -4.59 3.11
C PHE D 175 -24.30 -5.33 2.15
N ALA D 176 -24.64 -6.58 2.46
CA ALA D 176 -25.56 -7.32 1.61
C ALA D 176 -26.93 -6.66 1.59
N VAL D 177 -27.39 -6.15 2.73
CA VAL D 177 -28.66 -5.45 2.77
C VAL D 177 -28.58 -4.13 2.01
N VAL D 178 -27.51 -3.36 2.24
CA VAL D 178 -27.44 -2.00 1.70
C VAL D 178 -27.26 -2.03 0.19
N THR D 179 -26.32 -2.84 -0.31
CA THR D 179 -25.94 -2.81 -1.72
C THR D 179 -26.62 -3.92 -2.52
N ASN D 180 -27.87 -4.24 -2.20
CA ASN D 180 -28.59 -5.26 -2.94
C ASN D 180 -28.80 -4.86 -4.39
N GLU D 181 -29.10 -3.58 -4.64
CA GLU D 181 -29.33 -3.09 -5.99
C GLU D 181 -28.13 -2.34 -6.56
N ILE D 182 -27.02 -2.27 -5.84
CA ILE D 182 -25.87 -1.49 -6.28
C ILE D 182 -24.63 -2.38 -6.34
N PRO D 183 -24.41 -3.10 -7.44
CA PRO D 183 -23.17 -3.89 -7.57
C PRO D 183 -21.91 -3.04 -7.54
N GLN D 184 -21.98 -1.80 -8.02
CA GLN D 184 -20.81 -0.92 -7.99
C GLN D 184 -20.37 -0.64 -6.56
N ALA D 185 -21.31 -0.61 -5.61
CA ALA D 185 -20.94 -0.48 -4.22
C ALA D 185 -20.12 -1.67 -3.75
N ARG D 186 -20.54 -2.88 -4.14
CA ARG D 186 -19.75 -4.07 -3.84
C ARG D 186 -18.36 -3.96 -4.46
N ALA D 187 -18.29 -3.42 -5.67
CA ALA D 187 -16.99 -3.25 -6.34
C ALA D 187 -16.07 -2.31 -5.57
N ILE D 188 -16.60 -1.17 -5.10
CA ILE D 188 -15.73 -0.19 -4.45
C ILE D 188 -15.32 -0.70 -3.07
N VAL D 189 -16.21 -1.40 -2.36
CA VAL D 189 -15.75 -1.96 -1.08
C VAL D 189 -14.76 -3.10 -1.31
N ARG D 190 -14.87 -3.84 -2.41
CA ARG D 190 -13.86 -4.84 -2.72
C ARG D 190 -12.52 -4.18 -3.03
N ILE D 191 -12.56 -3.01 -3.68
CA ILE D 191 -11.35 -2.22 -3.88
C ILE D 191 -10.75 -1.81 -2.55
N SER D 192 -11.57 -1.26 -1.65
CA SER D 192 -11.08 -0.68 -0.41
C SER D 192 -10.73 -1.72 0.64
N LEU D 193 -11.08 -2.98 0.43
CA LEU D 193 -10.60 -4.04 1.33
C LEU D 193 -9.07 -4.15 1.28
N LEU D 194 -8.46 -3.89 0.12
CA LEU D 194 -7.01 -4.03 -0.02
C LEU D 194 -6.24 -3.04 0.84
N PRO D 195 -6.54 -1.73 0.89
CA PRO D 195 -5.82 -0.86 1.83
C PRO D 195 -6.02 -1.26 3.29
N LEU D 196 -7.18 -1.82 3.64
CA LEU D 196 -7.37 -2.32 4.99
C LEU D 196 -6.42 -3.45 5.32
N TYR D 197 -5.95 -4.18 4.31
CA TYR D 197 -4.97 -5.23 4.53
C TYR D 197 -3.62 -4.67 4.92
N PHE D 198 -3.32 -3.43 4.52
CA PHE D 198 -2.05 -2.81 4.84
C PHE D 198 -2.11 -1.87 6.04
N VAL D 199 -3.29 -1.35 6.38
CA VAL D 199 -3.40 -0.42 7.50
C VAL D 199 -3.86 -1.14 8.78
N SER D 200 -3.95 -2.46 8.76
CA SER D 200 -4.33 -3.23 9.94
C SER D 200 -3.13 -3.81 10.68
N GLY D 201 -1.90 -3.54 10.22
CA GLY D 201 -0.73 -4.09 10.87
C GLY D 201 -0.57 -5.58 10.69
N VAL D 202 -1.13 -6.14 9.62
CA VAL D 202 -1.03 -7.58 9.40
C VAL D 202 0.40 -7.97 9.05
N ILE D 203 1.04 -7.23 8.15
CA ILE D 203 2.38 -7.59 7.69
C ILE D 203 3.43 -7.24 8.73
N PHE D 204 3.54 -5.95 9.05
CA PHE D 204 4.61 -5.47 9.90
C PHE D 204 4.08 -5.08 11.28
N PRO D 205 4.87 -5.29 12.34
CA PRO D 205 4.44 -4.84 13.67
C PRO D 205 4.21 -3.34 13.72
N VAL D 206 3.21 -2.94 14.52
CA VAL D 206 2.68 -1.58 14.46
C VAL D 206 3.40 -0.61 15.39
N HIS D 207 4.21 -1.09 16.34
CA HIS D 207 4.88 -0.15 17.24
C HIS D 207 6.05 0.57 16.58
N THR D 208 6.46 0.17 15.38
CA THR D 208 7.47 0.91 14.63
C THR D 208 6.82 1.91 13.69
N ILE D 209 5.94 2.75 14.24
CA ILE D 209 5.19 3.73 13.48
C ILE D 209 5.28 5.06 14.22
N PRO D 210 5.49 6.18 13.52
CA PRO D 210 5.55 7.49 14.19
C PRO D 210 4.27 7.78 14.96
N PRO D 211 4.38 8.37 16.15
CA PRO D 211 3.18 8.55 16.99
C PRO D 211 2.13 9.47 16.41
N GLN D 212 2.50 10.37 15.50
CA GLN D 212 1.52 11.31 14.95
C GLN D 212 0.45 10.57 14.15
N TYR D 213 0.78 9.44 13.55
CA TYR D 213 -0.20 8.61 12.85
C TYR D 213 -0.85 7.59 13.76
N LEU D 214 -0.43 7.51 15.03
CA LEU D 214 -1.02 6.53 15.95
C LEU D 214 -2.51 6.76 16.20
N PRO D 215 -2.98 7.96 16.59
CA PRO D 215 -4.43 8.09 16.87
C PRO D 215 -5.31 7.84 15.65
N LEU D 216 -4.85 8.23 14.46
CA LEU D 216 -5.61 8.00 13.25
C LEU D 216 -5.81 6.51 13.00
N LEU D 217 -4.82 5.68 13.35
CA LEU D 217 -4.95 4.24 13.24
C LEU D 217 -5.70 3.63 14.41
N GLN D 218 -6.00 4.39 15.46
CA GLN D 218 -6.75 3.84 16.59
C GLN D 218 -8.23 3.66 16.27
N LEU D 219 -8.70 4.16 15.14
CA LEU D 219 -10.11 4.04 14.75
C LEU D 219 -10.39 2.76 13.97
N ASN D 220 -9.41 1.89 13.80
CA ASN D 220 -9.58 0.67 13.03
C ASN D 220 -9.79 -0.47 14.01
N PRO D 221 -10.99 -1.03 14.12
CA PRO D 221 -11.20 -2.15 15.07
C PRO D 221 -10.41 -3.39 14.72
N VAL D 222 -10.17 -3.65 13.43
CA VAL D 222 -9.45 -4.85 13.03
C VAL D 222 -8.03 -4.82 13.55
N LEU D 223 -7.40 -3.64 13.58
CA LEU D 223 -6.06 -3.53 14.16
C LEU D 223 -6.07 -3.88 15.64
N HIS D 224 -7.08 -3.40 16.36
CA HIS D 224 -7.20 -3.72 17.79
C HIS D 224 -7.34 -5.22 17.98
N LEU D 225 -8.20 -5.86 17.18
CA LEU D 225 -8.43 -7.29 17.32
C LEU D 225 -7.18 -8.10 16.97
N ILE D 226 -6.47 -7.69 15.91
CA ILE D 226 -5.25 -8.38 15.53
C ILE D 226 -4.20 -8.27 16.64
N GLU D 227 -4.03 -7.07 17.19
CA GLU D 227 -3.05 -6.87 18.25
C GLU D 227 -3.42 -7.67 19.50
N LEU D 228 -4.70 -7.70 19.85
CA LEU D 228 -5.12 -8.44 21.04
C LEU D 228 -4.96 -9.94 20.84
N SER D 229 -5.26 -10.45 19.64
CA SER D 229 -5.06 -11.86 19.37
C SER D 229 -3.57 -12.23 19.42
N ARG D 230 -2.71 -11.36 18.89
CA ARG D 230 -1.27 -11.62 18.97
C ARG D 230 -0.79 -11.58 20.42
N ALA D 231 -1.35 -10.67 21.23
CA ALA D 231 -1.00 -10.61 22.63
C ALA D 231 -1.42 -11.87 23.37
N SER D 232 -2.62 -12.36 23.09
CA SER D 232 -3.09 -13.60 23.72
C SER D 232 -2.35 -14.83 23.20
N PHE D 233 -1.75 -14.73 22.00
CA PHE D 233 -1.01 -15.85 21.45
C PHE D 233 0.42 -15.88 21.99
N PHE D 234 1.18 -14.82 21.76
CA PHE D 234 2.59 -14.78 22.13
C PHE D 234 2.76 -14.46 23.62
N PRO D 235 3.81 -14.98 24.24
CA PRO D 235 4.10 -14.60 25.63
C PRO D 235 4.80 -13.25 25.70
N GLN D 236 4.56 -12.56 26.82
CA GLN D 236 5.11 -11.23 27.15
C GLN D 236 5.10 -10.25 25.98
N TYR D 237 4.09 -10.34 25.12
CA TYR D 237 3.99 -9.46 23.97
C TYR D 237 3.49 -8.09 24.43
N ARG D 238 4.31 -7.06 24.21
CA ARG D 238 3.95 -5.72 24.65
C ARG D 238 2.84 -5.14 23.79
N VAL D 239 1.85 -4.53 24.45
CA VAL D 239 0.72 -3.90 23.79
C VAL D 239 0.77 -2.41 24.11
N LEU D 240 0.74 -1.58 23.07
CA LEU D 240 0.83 -0.15 23.23
C LEU D 240 -0.53 0.42 23.67
N GLN D 241 -0.59 1.74 23.75
CA GLN D 241 -1.76 2.40 24.32
C GLN D 241 -2.97 2.32 23.40
N GLY D 242 -4.15 2.30 24.01
CA GLY D 242 -5.40 2.33 23.27
C GLY D 242 -5.69 1.11 22.42
N ILE D 243 -5.44 -0.09 22.95
CA ILE D 243 -5.70 -1.32 22.21
C ILE D 243 -6.73 -2.08 23.04
N ASN D 244 -7.60 -1.35 23.72
CA ASN D 244 -8.63 -1.96 24.54
C ASN D 244 -9.64 -2.72 23.68
N LEU D 245 -10.24 -3.76 24.26
CA LEU D 245 -11.25 -4.56 23.59
C LEU D 245 -12.61 -3.87 23.56
N ALA D 246 -12.81 -2.86 24.40
CA ALA D 246 -14.12 -2.22 24.52
C ALA D 246 -14.54 -1.57 23.21
N TYR D 247 -13.61 -0.87 22.55
CA TYR D 247 -13.95 -0.19 21.30
C TYR D 247 -14.33 -1.17 20.19
N PRO D 248 -13.54 -2.21 19.87
CA PRO D 248 -14.00 -3.17 18.85
C PRO D 248 -15.23 -3.94 19.26
N ALA D 249 -15.40 -4.24 20.55
CA ALA D 249 -16.61 -4.93 20.99
C ALA D 249 -17.85 -4.07 20.76
N GLY D 250 -17.77 -2.78 21.11
CA GLY D 250 -18.88 -1.89 20.86
C GLY D 250 -19.13 -1.68 19.38
N PHE D 251 -18.05 -1.61 18.59
CA PHE D 251 -18.18 -1.49 17.14
C PHE D 251 -18.93 -2.68 16.56
N ALA D 252 -18.55 -3.89 16.97
CA ALA D 252 -19.21 -5.10 16.47
C ALA D 252 -20.66 -5.15 16.92
N LEU D 253 -20.94 -4.81 18.17
CA LEU D 253 -22.31 -4.86 18.66
C LEU D 253 -23.20 -3.85 17.93
N LEU D 254 -22.71 -2.62 17.77
CA LEU D 254 -23.48 -1.60 17.07
C LEU D 254 -23.70 -1.97 15.61
N SER D 255 -22.67 -2.50 14.95
CA SER D 255 -22.81 -2.92 13.56
C SER D 255 -23.81 -4.05 13.42
N LEU D 256 -23.78 -5.01 14.35
CA LEU D 256 -24.72 -6.12 14.31
C LEU D 256 -26.16 -5.62 14.51
N PHE D 257 -26.36 -4.72 15.47
CA PHE D 257 -27.69 -4.18 15.70
C PHE D 257 -28.19 -3.41 14.46
N LEU D 258 -27.33 -2.60 13.86
CA LEU D 258 -27.72 -1.85 12.68
C LEU D 258 -28.05 -2.76 11.52
N ALA D 259 -27.24 -3.81 11.31
CA ALA D 259 -27.49 -4.74 10.22
C ALA D 259 -28.79 -5.49 10.42
N LEU D 260 -29.06 -5.96 11.65
CA LEU D 260 -30.31 -6.66 11.92
C LEU D 260 -31.51 -5.74 11.73
N MET D 261 -31.41 -4.49 12.18
CA MET D 261 -32.51 -3.55 12.00
C MET D 261 -32.75 -3.26 10.52
N LEU D 262 -31.68 -3.07 9.75
CA LEU D 262 -31.83 -2.80 8.33
C LEU D 262 -32.42 -3.99 7.59
N TYR D 263 -32.00 -5.21 7.95
CA TYR D 263 -32.60 -6.39 7.33
C TYR D 263 -34.07 -6.54 7.71
N ARG D 264 -34.42 -6.23 8.96
CA ARG D 264 -35.81 -6.29 9.37
C ARG D 264 -36.65 -5.28 8.61
N LEU D 265 -36.12 -4.08 8.37
CA LEU D 265 -36.84 -3.09 7.60
C LEU D 265 -36.98 -3.52 6.15
N ARG D 266 -35.85 -3.72 5.46
CA ARG D 266 -35.84 -4.17 4.08
C ARG D 266 -35.81 -5.70 4.05
N ARG D 267 -36.94 -6.29 4.45
CA ARG D 267 -37.07 -7.75 4.53
C ARG D 267 -37.83 -8.32 3.34
N HIS D 268 -38.96 -7.73 2.98
CA HIS D 268 -39.78 -8.24 1.89
C HIS D 268 -39.35 -7.75 0.52
N GLN D 269 -38.31 -6.91 0.45
CA GLN D 269 -37.85 -6.36 -0.82
C GLN D 269 -36.90 -7.28 -1.57
N LEU D 270 -36.57 -8.44 -1.01
CA LEU D 270 -35.67 -9.38 -1.68
C LEU D 270 -36.48 -10.43 -2.43
N ALA D 271 -37.07 -9.97 -3.55
CA ALA D 271 -37.87 -10.80 -4.44
C ALA D 271 -39.01 -11.52 -3.71
N VAL E 9 -38.82 28.39 -9.14
CA VAL E 9 -39.55 29.62 -8.78
C VAL E 9 -38.63 30.56 -8.01
N SER E 10 -39.24 31.41 -7.18
CA SER E 10 -38.52 32.40 -6.38
C SER E 10 -37.66 33.32 -7.25
N ARG E 11 -38.21 33.72 -8.40
CA ARG E 11 -37.55 34.63 -9.34
C ARG E 11 -36.21 34.07 -9.79
N LEU E 12 -36.22 32.83 -10.28
CA LEU E 12 -35.01 32.15 -10.73
C LEU E 12 -34.65 32.47 -12.17
N THR E 13 -35.14 33.58 -12.71
CA THR E 13 -34.76 33.99 -14.06
C THR E 13 -33.28 34.36 -14.09
N ALA E 14 -32.68 34.22 -15.28
CA ALA E 14 -31.24 34.41 -15.40
C ALA E 14 -30.83 35.85 -15.10
N LYS E 15 -31.61 36.82 -15.58
CA LYS E 15 -31.23 38.22 -15.41
C LYS E 15 -31.24 38.65 -13.95
N ARG E 16 -32.35 38.36 -13.24
CA ARG E 16 -32.46 38.77 -11.85
C ARG E 16 -31.47 38.02 -10.96
N LEU E 17 -31.31 36.71 -11.18
CA LEU E 17 -30.37 35.94 -10.38
C LEU E 17 -28.93 36.40 -10.61
N GLN E 18 -28.59 36.69 -11.87
CA GLN E 18 -27.26 37.21 -12.18
C GLN E 18 -27.04 38.57 -11.52
N TRP E 19 -28.04 39.46 -11.63
CA TRP E 19 -27.90 40.78 -11.00
C TRP E 19 -27.75 40.68 -9.49
N ALA E 20 -28.40 39.68 -8.88
CA ALA E 20 -28.24 39.48 -7.45
C ALA E 20 -26.89 38.84 -7.13
N LEU E 21 -26.31 38.09 -8.06
CA LEU E 21 -25.13 37.27 -7.74
C LEU E 21 -23.84 37.82 -8.31
N VAL E 22 -23.73 38.03 -9.62
CA VAL E 22 -22.41 38.23 -10.22
C VAL E 22 -22.00 39.70 -10.31
N TYR E 23 -22.76 40.51 -11.06
CA TYR E 23 -22.22 41.83 -11.43
C TYR E 23 -22.03 42.75 -10.23
N LEU E 24 -22.97 42.78 -9.29
CA LEU E 24 -22.87 43.73 -8.19
C LEU E 24 -21.63 43.56 -7.32
N PRO E 25 -21.26 42.34 -6.87
CA PRO E 25 -19.98 42.22 -6.14
C PRO E 25 -18.77 42.63 -6.95
N MET E 26 -18.73 42.22 -8.22
CA MET E 26 -17.56 42.53 -9.10
C MET E 26 -17.44 44.04 -9.25
N LEU E 27 -18.54 44.72 -9.59
CA LEU E 27 -18.50 46.18 -9.81
C LEU E 27 -17.98 46.88 -8.56
N VAL E 28 -18.54 46.55 -7.39
CA VAL E 28 -18.14 47.24 -6.12
C VAL E 28 -16.67 46.92 -5.82
N ALA E 29 -16.26 45.66 -6.04
CA ALA E 29 -14.86 45.27 -5.79
C ALA E 29 -13.94 46.14 -6.65
N THR E 30 -14.30 46.34 -7.91
CA THR E 30 -13.48 47.16 -8.84
C THR E 30 -13.45 48.61 -8.35
N VAL E 31 -14.62 49.16 -8.01
CA VAL E 31 -14.68 50.61 -7.62
C VAL E 31 -13.88 50.78 -6.33
N TYR E 32 -14.05 49.87 -5.35
CA TYR E 32 -13.25 49.96 -4.15
C TYR E 32 -11.76 49.86 -4.46
N PHE E 33 -11.38 48.95 -5.35
CA PHE E 33 -9.96 48.73 -5.64
C PHE E 33 -9.36 49.86 -6.44
N LEU E 34 -10.05 50.33 -7.47
CA LEU E 34 -9.49 51.31 -8.39
C LEU E 34 -9.85 52.75 -8.00
N VAL E 35 -10.66 52.96 -6.97
CA VAL E 35 -11.03 54.31 -6.53
C VAL E 35 -10.68 54.52 -5.07
N PHE E 36 -11.02 53.57 -4.20
CA PHE E 36 -10.92 53.76 -2.76
C PHE E 36 -9.70 53.11 -2.13
N SER E 37 -9.30 51.93 -2.59
CA SER E 37 -8.23 51.18 -1.94
C SER E 37 -6.90 51.91 -2.04
N ALA E 38 -6.20 52.00 -0.91
CA ALA E 38 -4.88 52.58 -0.87
C ALA E 38 -3.82 51.51 -1.11
N ASP E 39 -2.60 51.95 -1.36
CA ASP E 39 -1.48 51.07 -1.67
C ASP E 39 -0.50 51.00 -0.50
N ARG E 40 0.19 49.86 -0.41
CA ARG E 40 1.09 49.57 0.70
C ARG E 40 2.45 49.14 0.16
N TYR E 41 3.45 50.01 0.34
CA TYR E 41 4.81 49.68 -0.06
C TYR E 41 5.41 48.67 0.90
N VAL E 42 6.24 47.78 0.37
CA VAL E 42 6.82 46.68 1.13
C VAL E 42 8.33 46.84 1.17
N SER E 43 8.89 46.77 2.37
CA SER E 43 10.33 46.78 2.57
C SER E 43 10.78 45.41 3.06
N GLU E 44 11.80 44.85 2.41
CA GLU E 44 12.24 43.49 2.66
C GLU E 44 13.64 43.48 3.24
N SER E 45 13.86 42.60 4.21
CA SER E 45 15.18 42.40 4.79
C SER E 45 15.39 40.91 5.04
N VAL E 46 16.64 40.47 4.94
CA VAL E 46 17.00 39.06 5.15
C VAL E 46 18.14 39.02 6.16
N ILE E 47 17.95 38.30 7.26
CA ILE E 47 18.88 38.31 8.38
C ILE E 47 19.09 36.89 8.90
N THR E 48 20.09 36.77 9.77
CA THR E 48 20.37 35.54 10.51
C THR E 48 21.22 35.92 11.71
N VAL E 49 21.35 34.99 12.65
CA VAL E 49 22.04 35.22 13.91
C VAL E 49 23.28 34.34 13.96
N ARG E 50 24.41 34.93 14.34
CA ARG E 50 25.67 34.22 14.44
C ARG E 50 26.34 34.54 15.77
N GLN E 51 27.13 33.59 16.26
CA GLN E 51 27.87 33.78 17.51
C GLN E 51 29.19 34.49 17.24
N THR E 52 29.58 35.35 18.19
CA THR E 52 30.83 36.09 18.07
C THR E 52 32.05 35.28 18.53
N SER E 53 31.84 34.08 19.05
CA SER E 53 32.91 33.20 19.52
C SER E 53 33.81 33.87 20.55
N ALA E 74 22.35 25.73 18.17
CA ALA E 74 22.07 26.78 19.15
C ALA E 74 21.64 28.07 18.47
N SER E 75 22.15 28.30 17.25
CA SER E 75 21.76 29.47 16.49
C SER E 75 20.29 29.43 16.10
N ARG E 76 19.79 28.25 15.75
CA ARG E 76 18.38 28.10 15.41
C ARG E 76 17.48 28.41 16.60
N GLU E 77 17.97 28.18 17.82
CA GLU E 77 17.21 28.52 19.01
C GLU E 77 16.96 30.03 19.09
N ASP E 78 18.01 30.82 18.91
CA ASP E 78 17.84 32.27 18.95
C ASP E 78 17.11 32.79 17.71
N THR E 79 17.22 32.08 16.59
CA THR E 79 16.43 32.47 15.42
C THR E 79 14.93 32.29 15.69
N CYS E 80 14.56 31.17 16.33
CA CYS E 80 13.17 30.98 16.72
C CYS E 80 12.75 31.98 17.80
N TYR E 81 13.66 32.30 18.72
CA TYR E 81 13.40 33.36 19.69
C TYR E 81 13.04 34.66 19.00
N LEU E 82 13.82 35.04 17.99
CA LEU E 82 13.55 36.28 17.25
C LEU E 82 12.24 36.18 16.48
N GLN E 83 11.96 35.02 15.88
CA GLN E 83 10.71 34.85 15.15
C GLN E 83 9.50 35.04 16.07
N THR E 84 9.58 34.51 17.29
CA THR E 84 8.50 34.73 18.24
C THR E 84 8.47 36.17 18.75
N TYR E 85 9.65 36.78 18.91
CA TYR E 85 9.73 38.10 19.52
C TYR E 85 9.25 39.21 18.58
N ILE E 86 9.45 39.04 17.27
CA ILE E 86 9.01 40.07 16.33
C ILE E 86 7.49 40.19 16.35
N HIS E 87 6.79 39.07 16.44
CA HIS E 87 5.33 39.05 16.50
C HIS E 87 4.81 39.13 17.93
N SER E 88 5.61 39.64 18.87
CA SER E 88 5.19 39.72 20.26
C SER E 88 4.45 41.04 20.50
N MET E 89 4.21 41.36 21.77
CA MET E 89 3.48 42.55 22.17
C MET E 89 4.37 43.65 22.71
N GLY E 90 5.42 43.31 23.47
CA GLY E 90 6.32 44.33 23.98
C GLY E 90 7.07 45.06 22.88
N LEU E 91 7.48 44.32 21.85
CA LEU E 91 8.10 44.96 20.70
C LEU E 91 7.13 45.91 20.02
N LEU E 92 5.85 45.56 19.96
CA LEU E 92 4.86 46.47 19.41
C LEU E 92 4.76 47.74 20.23
N GLN E 93 4.83 47.63 21.56
CA GLN E 93 4.82 48.82 22.41
C GLN E 93 6.04 49.69 22.15
N LYS E 94 7.22 49.07 22.03
CA LYS E 94 8.43 49.85 21.75
C LYS E 94 8.34 50.55 20.39
N LEU E 95 7.85 49.83 19.37
CA LEU E 95 7.74 50.42 18.04
C LEU E 95 6.71 51.55 18.02
N ASP E 96 5.60 51.39 18.72
CA ASP E 96 4.61 52.46 18.79
C ASP E 96 5.16 53.67 19.52
N GLN E 97 5.91 53.44 20.59
CA GLN E 97 6.53 54.55 21.32
C GLN E 97 7.57 55.26 20.45
N GLN E 98 8.26 54.52 19.59
CA GLN E 98 9.33 55.13 18.78
C GLN E 98 8.77 55.84 17.55
N LEU E 99 8.11 55.10 16.66
CA LEU E 99 7.73 55.61 15.35
C LEU E 99 6.28 56.05 15.24
N LYS E 100 5.51 56.01 16.32
CA LYS E 100 4.08 56.30 16.32
C LYS E 100 3.35 55.51 15.23
N LEU E 101 3.36 54.19 15.40
CA LEU E 101 2.75 53.29 14.42
C LEU E 101 1.25 53.52 14.31
N ARG E 102 0.57 53.68 15.45
CA ARG E 102 -0.87 53.83 15.44
C ARG E 102 -1.31 55.14 14.77
N GLU E 103 -0.48 56.18 14.86
CA GLU E 103 -0.80 57.42 14.17
C GLU E 103 -0.62 57.30 12.66
N HIS E 104 0.45 56.61 12.23
CA HIS E 104 0.72 56.49 10.80
C HIS E 104 -0.29 55.56 10.12
N PHE E 105 -0.63 54.45 10.77
CA PHE E 105 -1.45 53.43 10.09
C PHE E 105 -2.89 53.85 9.90
N GLY E 106 -3.33 54.97 10.50
CA GLY E 106 -4.68 55.45 10.33
C GLY E 106 -4.83 56.62 9.37
N THR E 107 -3.79 56.97 8.62
CA THR E 107 -3.82 58.14 7.74
C THR E 107 -4.65 57.97 6.46
N PRO E 108 -4.69 56.79 5.79
CA PRO E 108 -5.58 56.68 4.62
C PRO E 108 -7.04 56.62 5.00
N LEU E 109 -7.77 57.71 4.80
CA LEU E 109 -9.16 57.80 5.20
C LEU E 109 -10.14 57.26 4.17
N ARG E 110 -9.67 56.95 2.95
CA ARG E 110 -10.54 56.45 1.90
C ARG E 110 -10.46 54.94 1.73
N ASP E 111 -9.83 54.24 2.66
CA ASP E 111 -9.68 52.79 2.60
C ASP E 111 -10.20 52.20 3.91
N PRO E 112 -11.51 52.02 4.03
CA PRO E 112 -12.08 51.53 5.29
C PRO E 112 -11.65 50.13 5.68
N LEU E 113 -11.12 49.34 4.75
CA LEU E 113 -10.79 47.95 5.05
C LEU E 113 -9.38 47.81 5.61
N PHE E 114 -8.38 48.40 4.96
CA PHE E 114 -6.99 48.21 5.34
C PHE E 114 -6.45 49.29 6.26
N ARG E 115 -7.26 50.27 6.64
CA ARG E 115 -6.79 51.29 7.56
C ARG E 115 -7.02 50.86 9.01
N LEU E 116 -6.22 51.42 9.91
CA LEU E 116 -6.33 51.14 11.33
C LEU E 116 -7.23 52.18 11.98
N TRP E 117 -8.46 51.79 12.29
CA TRP E 117 -9.42 52.71 12.87
C TRP E 117 -8.98 53.16 14.25
N GLY E 118 -9.29 54.42 14.57
CA GLY E 118 -8.92 54.94 15.87
C GLY E 118 -9.76 54.38 16.99
N GLY E 119 -9.17 54.30 18.18
CA GLY E 119 -9.87 53.80 19.34
C GLY E 119 -10.05 52.31 19.39
N THR E 120 -9.37 51.56 18.52
CA THR E 120 -9.52 50.11 18.51
C THR E 120 -8.82 49.49 19.71
N SER E 121 -9.13 48.21 19.94
CA SER E 121 -8.56 47.49 21.07
C SER E 121 -7.08 47.20 20.83
N GLN E 122 -6.37 46.94 21.93
CA GLN E 122 -4.96 46.58 21.84
C GLN E 122 -4.77 45.24 21.14
N GLU E 123 -5.69 44.29 21.37
CA GLU E 123 -5.61 43.00 20.70
C GLU E 123 -5.80 43.13 19.20
N TRP E 124 -6.76 43.96 18.78
CA TRP E 124 -6.93 44.21 17.36
C TRP E 124 -5.74 44.94 16.77
N PHE E 125 -5.12 45.83 17.54
CA PHE E 125 -3.88 46.47 17.09
C PHE E 125 -2.78 45.44 16.87
N LEU E 126 -2.66 44.47 17.78
CA LEU E 126 -1.66 43.42 17.62
C LEU E 126 -1.95 42.57 16.39
N GLU E 127 -3.23 42.24 16.15
CA GLU E 127 -3.59 41.47 14.97
C GLU E 127 -3.26 42.25 13.70
N TYR E 128 -3.56 43.56 13.67
CA TYR E 128 -3.25 44.38 12.52
C TYR E 128 -1.75 44.46 12.27
N TYR E 129 -0.96 44.64 13.33
CA TYR E 129 0.48 44.68 13.19
C TYR E 129 1.03 43.35 12.68
N ARG E 130 0.49 42.24 13.19
CA ARG E 130 0.92 40.93 12.71
C ARG E 130 0.55 40.73 11.25
N SER E 131 -0.57 41.30 10.81
CA SER E 131 -0.95 41.21 9.41
C SER E 131 -0.01 42.03 8.54
N ARG E 132 0.39 43.22 9.01
CA ARG E 132 1.20 44.12 8.19
C ARG E 132 2.67 43.70 8.12
N VAL E 133 3.15 42.90 9.07
CA VAL E 133 4.55 42.49 9.11
C VAL E 133 4.59 40.98 8.96
N GLU E 134 5.31 40.49 7.95
CA GLU E 134 5.41 39.07 7.66
C GLU E 134 6.82 38.59 7.96
N VAL E 135 6.92 37.51 8.74
CA VAL E 135 8.19 36.89 9.08
C VAL E 135 8.19 35.48 8.51
N LEU E 136 9.16 35.18 7.64
CA LEU E 136 9.29 33.87 7.03
C LEU E 136 10.60 33.26 7.45
N MET E 137 10.58 31.97 7.78
CA MET E 137 11.75 31.24 8.22
C MET E 137 12.09 30.15 7.22
N ASP E 138 13.35 30.11 6.79
CA ASP E 138 13.84 29.04 5.93
C ASP E 138 14.85 28.25 6.77
N ASP E 139 14.49 27.01 7.10
CA ASP E 139 15.25 26.21 8.05
C ASP E 139 16.52 25.62 7.45
N ILE E 140 16.51 25.29 6.17
CA ILE E 140 17.67 24.63 5.56
C ILE E 140 18.87 25.55 5.56
N CYS E 141 18.67 26.84 5.31
CA CYS E 141 19.74 27.82 5.43
C CYS E 141 19.65 28.63 6.71
N GLY E 142 18.57 28.49 7.47
CA GLY E 142 18.41 29.21 8.73
C GLY E 142 18.34 30.72 8.55
N LEU E 143 17.54 31.17 7.60
CA LEU E 143 17.44 32.58 7.26
C LEU E 143 16.05 33.12 7.57
N LEU E 144 15.99 34.34 8.09
CA LEU E 144 14.73 34.99 8.44
C LEU E 144 14.50 36.16 7.50
N THR E 145 13.36 36.15 6.82
CA THR E 145 12.96 37.21 5.90
C THR E 145 11.84 38.01 6.54
N VAL E 146 12.05 39.31 6.68
CA VAL E 146 11.08 40.21 7.28
C VAL E 146 10.59 41.16 6.19
N ARG E 147 9.28 41.14 5.95
CA ARG E 147 8.65 42.03 4.98
C ARG E 147 7.68 42.93 5.72
N VAL E 148 7.93 44.23 5.68
CA VAL E 148 7.16 45.21 6.44
C VAL E 148 6.36 46.04 5.43
N GLN E 149 5.05 46.07 5.62
CA GLN E 149 4.18 46.89 4.78
C GLN E 149 3.95 48.25 5.41
N GLY E 150 3.70 49.24 4.57
CA GLY E 150 3.42 50.58 5.05
C GLY E 150 2.68 51.36 3.99
N PHE E 151 2.31 52.59 4.33
CA PHE E 151 1.69 53.50 3.38
C PHE E 151 2.67 54.53 2.86
N GLU E 152 3.95 54.44 3.21
CA GLU E 152 4.99 55.32 2.75
C GLU E 152 6.26 54.47 2.71
N PRO E 153 7.02 54.51 1.62
CA PRO E 153 8.25 53.69 1.55
C PRO E 153 9.26 54.02 2.63
N GLU E 154 9.41 55.31 2.97
CA GLU E 154 10.34 55.70 4.01
C GLU E 154 9.92 55.14 5.36
N PHE E 155 8.63 55.19 5.67
CA PHE E 155 8.16 54.64 6.94
C PHE E 155 8.37 53.13 7.00
N ALA E 156 8.11 52.41 5.90
CA ALA E 156 8.31 50.98 5.90
C ALA E 156 9.79 50.63 6.09
N GLN E 157 10.68 51.34 5.41
CA GLN E 157 12.11 51.10 5.58
C GLN E 157 12.57 51.41 7.01
N ALA E 158 12.09 52.52 7.57
CA ALA E 158 12.46 52.88 8.94
C ALA E 158 11.94 51.87 9.94
N LEU E 159 10.72 51.38 9.74
CA LEU E 159 10.16 50.37 10.62
C LEU E 159 10.95 49.07 10.54
N ASN E 160 11.37 48.67 9.33
CA ASN E 160 12.18 47.48 9.19
C ASN E 160 13.52 47.64 9.90
N ARG E 161 14.15 48.81 9.75
CA ARG E 161 15.42 49.06 10.45
C ARG E 161 15.23 49.03 11.96
N ALA E 162 14.14 49.61 12.45
CA ALA E 162 13.87 49.61 13.89
C ALA E 162 13.62 48.19 14.40
N ILE E 163 12.92 47.37 13.62
CA ILE E 163 12.71 45.98 14.00
C ILE E 163 14.02 45.23 14.09
N LEU E 164 14.90 45.44 13.09
CA LEU E 164 16.20 44.77 13.11
C LEU E 164 17.04 45.20 14.32
N GLU E 165 17.07 46.51 14.59
CA GLU E 165 17.85 47.02 15.72
C GLU E 165 17.30 46.49 17.05
N GLU E 166 15.97 46.48 17.20
CA GLU E 166 15.38 45.96 18.42
C GLU E 166 15.61 44.46 18.56
N SER E 167 15.62 43.71 17.46
CA SER E 167 15.92 42.29 17.54
C SER E 167 17.34 42.04 18.00
N GLU E 168 18.31 42.80 17.46
CA GLU E 168 19.69 42.66 17.90
C GLU E 168 19.83 43.03 19.37
N ARG E 169 19.19 44.13 19.79
CA ARG E 169 19.24 44.52 21.19
C ARG E 169 18.59 43.45 22.07
N PHE E 170 17.53 42.82 21.59
CA PHE E 170 16.82 41.81 22.37
C PHE E 170 17.70 40.58 22.58
N VAL E 171 18.35 40.09 21.53
CA VAL E 171 19.20 38.91 21.72
C VAL E 171 20.40 39.25 22.58
N ASN E 172 20.96 40.46 22.43
CA ASN E 172 22.08 40.87 23.27
C ASN E 172 21.67 40.95 24.74
N GLU E 173 20.49 41.50 25.02
CA GLU E 173 20.03 41.61 26.40
C GLU E 173 19.64 40.24 26.97
N LEU E 174 19.11 39.34 26.13
CA LEU E 174 18.83 37.99 26.58
C LEU E 174 20.11 37.27 26.99
N SER E 175 21.18 37.45 26.21
CA SER E 175 22.46 36.89 26.61
C SER E 175 23.01 37.59 27.84
N HIS E 176 22.72 38.89 27.99
CA HIS E 176 23.29 39.67 29.09
C HIS E 176 22.62 39.37 30.42
N ARG E 177 21.35 38.93 30.41
CA ARG E 177 20.68 38.64 31.67
C ARG E 177 21.34 37.50 32.43
N MET E 178 21.79 36.46 31.72
CA MET E 178 22.46 35.35 32.39
C MET E 178 23.76 35.81 33.04
N ALA E 179 24.48 36.74 32.40
CA ALA E 179 25.68 37.30 33.02
C ALA E 179 25.33 38.20 34.21
N ARG E 180 24.25 38.99 34.10
CA ARG E 180 23.84 39.83 35.21
C ARG E 180 23.26 39.04 36.37
N GLU E 181 22.95 37.75 36.15
CA GLU E 181 22.56 36.88 37.25
C GLU E 181 23.69 36.74 38.27
N GLN E 182 24.93 36.65 37.79
CA GLN E 182 26.11 36.58 38.67
C GLN E 182 26.24 37.82 39.55
N LYS E 323 28.11 42.18 24.87
CA LYS E 323 28.13 41.75 23.47
C LYS E 323 28.60 40.30 23.35
N LEU E 324 27.64 39.38 23.26
CA LEU E 324 27.93 37.96 23.13
C LEU E 324 27.53 37.38 21.78
N LYS E 325 26.41 37.83 21.22
CA LYS E 325 25.99 37.39 19.90
C LYS E 325 25.63 38.60 19.04
N SER E 326 25.82 38.45 17.73
CA SER E 326 25.62 39.52 16.79
C SER E 326 24.61 39.11 15.72
N LEU E 327 23.93 40.10 15.16
CA LEU E 327 22.94 39.87 14.11
C LEU E 327 23.58 40.08 12.75
N VAL E 328 23.51 39.06 11.91
CA VAL E 328 24.07 39.11 10.55
C VAL E 328 22.97 39.52 9.60
N VAL E 329 23.22 40.56 8.81
CA VAL E 329 22.23 41.12 7.89
C VAL E 329 22.68 40.74 6.48
N VAL E 330 22.05 39.72 5.90
CA VAL E 330 22.38 39.33 4.54
C VAL E 330 21.90 40.38 3.55
N GLU E 331 20.67 40.88 3.73
CA GLU E 331 20.12 41.94 2.90
C GLU E 331 19.49 42.98 3.81
N PRO E 332 19.95 44.23 3.77
CA PRO E 332 19.39 45.28 4.63
C PRO E 332 18.01 45.69 4.13
N PRO E 333 17.25 46.42 4.94
CA PRO E 333 15.93 46.89 4.49
C PRO E 333 16.04 47.77 3.25
N VAL E 334 15.35 47.35 2.19
CA VAL E 334 15.38 48.09 0.94
C VAL E 334 14.36 49.22 1.00
N LEU E 335 14.54 50.20 0.10
CA LEU E 335 13.61 51.31 0.00
C LEU E 335 12.74 51.09 -1.23
N PRO E 336 11.47 50.72 -1.07
CA PRO E 336 10.64 50.44 -2.24
C PRO E 336 10.36 51.68 -3.07
N GLU E 337 10.18 51.46 -4.37
CA GLU E 337 9.85 52.53 -5.31
C GLU E 337 8.36 52.56 -5.62
N ILE E 338 7.75 51.40 -5.89
CA ILE E 338 6.32 51.28 -6.12
C ILE E 338 5.75 50.30 -5.11
N ALA E 339 4.42 50.26 -5.03
CA ALA E 339 3.72 49.44 -4.05
C ALA E 339 3.49 48.04 -4.59
N GLU E 340 3.94 47.04 -3.84
CA GLU E 340 3.71 45.65 -4.20
C GLU E 340 2.26 45.23 -4.00
N TYR E 341 1.50 45.99 -3.23
CA TYR E 341 0.14 45.67 -2.83
C TYR E 341 -0.77 46.84 -3.19
N PRO E 342 -2.09 46.61 -3.33
CA PRO E 342 -2.87 45.39 -3.06
C PRO E 342 -3.06 44.42 -4.23
N ARG E 343 -2.36 44.58 -5.36
CA ARG E 343 -2.51 43.71 -6.53
C ARG E 343 -3.96 43.66 -7.00
N ARG E 344 -4.41 44.82 -7.49
CA ARG E 344 -5.83 45.00 -7.80
C ARG E 344 -6.28 44.03 -8.89
N TRP E 345 -5.51 43.92 -9.98
CA TRP E 345 -5.95 43.13 -11.12
C TRP E 345 -5.97 41.64 -10.80
N TYR E 346 -4.95 41.14 -10.10
CA TYR E 346 -4.92 39.74 -9.73
C TYR E 346 -6.08 39.38 -8.81
N ASN E 347 -6.36 40.24 -7.83
CA ASN E 347 -7.47 40.00 -6.92
C ASN E 347 -8.80 40.04 -7.66
N LEU E 348 -8.96 40.99 -8.60
CA LEU E 348 -10.20 41.08 -9.36
C LEU E 348 -10.41 39.84 -10.23
N ALA E 349 -9.35 39.35 -10.87
CA ALA E 349 -9.48 38.14 -11.68
C ALA E 349 -9.80 36.93 -10.81
N THR E 350 -9.17 36.82 -9.64
CA THR E 350 -9.49 35.72 -8.73
C THR E 350 -10.94 35.80 -8.27
N LEU E 351 -11.41 37.01 -7.95
CA LEU E 351 -12.80 37.20 -7.56
C LEU E 351 -13.75 36.80 -8.69
N LEU E 352 -13.40 37.16 -9.92
CA LEU E 352 -14.20 36.74 -11.06
C LEU E 352 -14.27 35.23 -11.17
N VAL E 353 -13.13 34.56 -10.96
CA VAL E 353 -13.09 33.10 -11.06
C VAL E 353 -13.98 32.45 -10.01
N VAL E 354 -13.84 32.89 -8.75
CA VAL E 354 -14.63 32.26 -7.69
C VAL E 354 -16.10 32.60 -7.84
N CYS E 355 -16.42 33.81 -8.27
CA CYS E 355 -17.82 34.19 -8.48
C CYS E 355 -18.44 33.37 -9.60
N CYS E 356 -17.71 33.14 -10.69
CA CYS E 356 -18.22 32.30 -11.77
C CYS E 356 -18.43 30.87 -11.30
N LEU E 357 -17.50 30.34 -10.51
CA LEU E 357 -17.66 28.99 -9.98
C LEU E 357 -18.88 28.90 -9.06
N ILE E 358 -19.07 29.90 -8.22
CA ILE E 358 -20.21 29.92 -7.30
C ILE E 358 -21.52 30.01 -8.08
N TYR E 359 -21.55 30.83 -9.14
CA TYR E 359 -22.74 30.93 -9.97
C TYR E 359 -23.04 29.61 -10.66
N GLY E 360 -22.01 28.93 -11.16
CA GLY E 360 -22.22 27.63 -11.78
C GLY E 360 -22.76 26.60 -10.80
N VAL E 361 -22.21 26.59 -9.58
CA VAL E 361 -22.69 25.65 -8.55
C VAL E 361 -24.14 25.95 -8.19
N VAL E 362 -24.47 27.24 -8.04
CA VAL E 362 -25.84 27.61 -7.67
C VAL E 362 -26.81 27.27 -8.79
N SER E 363 -26.47 27.60 -10.03
CA SER E 363 -27.33 27.30 -11.16
C SER E 363 -27.42 25.81 -11.44
N LEU E 364 -26.48 25.01 -10.92
CA LEU E 364 -26.66 23.56 -10.97
C LEU E 364 -27.88 23.13 -10.17
N VAL E 365 -28.10 23.75 -9.01
CA VAL E 365 -29.25 23.43 -8.17
C VAL E 365 -30.48 24.15 -8.71
N VAL E 366 -31.25 23.48 -9.54
CA VAL E 366 -32.48 24.05 -10.09
C VAL E 366 -33.61 23.03 -9.99
N MET F 6 -24.72 28.56 -30.85
CA MET F 6 -25.80 28.59 -31.83
C MET F 6 -25.32 29.11 -33.22
N LYS F 7 -25.37 30.41 -33.50
CA LYS F 7 -24.79 30.91 -34.74
C LYS F 7 -23.26 30.99 -34.64
N LEU F 8 -22.75 31.32 -33.45
CA LEU F 8 -21.33 31.56 -33.28
C LEU F 8 -20.52 30.29 -33.52
N VAL F 9 -21.03 29.14 -33.07
CA VAL F 9 -20.30 27.88 -33.26
C VAL F 9 -20.26 27.51 -34.74
N SER F 10 -21.33 27.81 -35.48
CA SER F 10 -21.34 27.51 -36.91
C SER F 10 -20.50 28.52 -37.69
N ARG F 11 -20.13 29.63 -37.06
CA ARG F 11 -19.38 30.68 -37.75
C ARG F 11 -17.94 30.27 -38.02
N LEU F 12 -17.38 29.38 -37.20
CA LEU F 12 -15.97 29.01 -37.37
C LEU F 12 -15.74 28.27 -38.69
N THR F 13 -16.60 27.30 -39.01
CA THR F 13 -16.51 26.38 -40.13
C THR F 13 -15.24 25.53 -40.07
N ALA F 14 -14.48 25.58 -38.98
CA ALA F 14 -13.26 24.82 -38.68
C ALA F 14 -12.07 25.27 -39.53
N LYS F 15 -12.32 26.06 -40.58
CA LYS F 15 -11.23 26.53 -41.41
C LYS F 15 -10.64 27.81 -40.84
N ARG F 16 -11.50 28.79 -40.56
CA ARG F 16 -11.07 29.94 -39.77
C ARG F 16 -10.61 29.50 -38.39
N LEU F 17 -11.16 28.39 -37.88
CA LEU F 17 -10.74 27.88 -36.59
C LEU F 17 -9.29 27.39 -36.62
N GLN F 18 -8.94 26.55 -37.59
CA GLN F 18 -7.54 26.14 -37.67
C GLN F 18 -6.63 27.27 -38.11
N TRP F 19 -7.14 28.27 -38.84
CA TRP F 19 -6.32 29.43 -39.16
C TRP F 19 -6.00 30.25 -37.92
N ALA F 20 -6.99 30.43 -37.03
CA ALA F 20 -6.80 31.25 -35.85
C ALA F 20 -6.15 30.50 -34.69
N LEU F 21 -6.11 29.18 -34.74
CA LEU F 21 -5.45 28.40 -33.70
C LEU F 21 -4.12 27.81 -34.11
N VAL F 22 -3.79 27.81 -35.40
CA VAL F 22 -2.51 27.24 -35.84
C VAL F 22 -1.73 28.26 -36.65
N TYR F 23 -2.33 28.77 -37.74
CA TYR F 23 -1.56 29.55 -38.70
C TYR F 23 -1.08 30.87 -38.11
N LEU F 24 -1.98 31.63 -37.47
CA LEU F 24 -1.60 32.91 -36.91
C LEU F 24 -0.56 32.81 -35.79
N PRO F 25 -0.70 31.93 -34.78
CA PRO F 25 0.35 31.89 -33.74
C PRO F 25 1.71 31.46 -34.26
N MET F 26 1.77 30.45 -35.13
CA MET F 26 3.06 30.05 -35.67
C MET F 26 3.66 31.12 -36.57
N LEU F 27 2.84 31.80 -37.35
CA LEU F 27 3.36 32.89 -38.18
C LEU F 27 3.94 34.00 -37.32
N VAL F 28 3.22 34.40 -36.26
CA VAL F 28 3.69 35.47 -35.38
C VAL F 28 4.98 35.04 -34.68
N ALA F 29 5.00 33.82 -34.16
CA ALA F 29 6.18 33.34 -33.44
C ALA F 29 7.39 33.21 -34.36
N THR F 30 7.19 32.70 -35.58
CA THR F 30 8.29 32.59 -36.53
C THR F 30 8.84 33.96 -36.90
N VAL F 31 7.94 34.94 -37.14
CA VAL F 31 8.39 36.29 -37.47
C VAL F 31 9.20 36.87 -36.32
N TYR F 32 8.69 36.73 -35.09
CA TYR F 32 9.39 37.29 -33.93
C TYR F 32 10.73 36.61 -33.71
N PHE F 33 10.79 35.29 -33.87
CA PHE F 33 12.03 34.56 -33.57
C PHE F 33 13.09 34.79 -34.64
N LEU F 34 12.70 34.81 -35.91
CA LEU F 34 13.65 34.93 -37.00
C LEU F 34 13.89 36.36 -37.45
N VAL F 35 13.19 37.34 -36.87
CA VAL F 35 13.35 38.72 -37.30
C VAL F 35 13.71 39.61 -36.12
N PHE F 36 12.90 39.58 -35.06
CA PHE F 36 13.01 40.53 -33.98
C PHE F 36 13.73 40.00 -32.74
N SER F 37 13.89 38.68 -32.63
CA SER F 37 14.55 38.12 -31.46
C SER F 37 16.03 38.50 -31.43
N ALA F 38 16.56 38.68 -30.23
CA ALA F 38 17.93 39.11 -30.02
C ALA F 38 18.74 38.01 -29.34
N ASP F 39 20.02 37.94 -29.68
CA ASP F 39 20.91 36.96 -29.10
C ASP F 39 21.20 37.28 -27.63
N ARG F 40 21.39 36.22 -26.83
CA ARG F 40 21.65 36.36 -25.40
C ARG F 40 22.76 35.39 -25.02
N TYR F 41 24.00 35.86 -25.07
CA TYR F 41 25.14 35.04 -24.71
C TYR F 41 25.18 34.80 -23.21
N VAL F 42 25.56 33.57 -22.83
CA VAL F 42 25.51 33.13 -21.45
C VAL F 42 26.91 32.72 -21.00
N SER F 43 27.35 33.24 -19.86
CA SER F 43 28.62 32.88 -19.26
C SER F 43 28.39 32.11 -17.97
N GLU F 44 29.14 31.03 -17.78
CA GLU F 44 28.93 30.10 -16.68
C GLU F 44 30.14 30.04 -15.78
N SER F 45 29.90 30.04 -14.46
CA SER F 45 30.95 29.85 -13.47
C SER F 45 30.44 28.89 -12.41
N VAL F 46 31.38 28.21 -11.75
CA VAL F 46 31.05 27.24 -10.70
C VAL F 46 31.98 27.50 -9.53
N ILE F 47 31.42 27.94 -8.40
CA ILE F 47 32.20 28.32 -7.23
C ILE F 47 31.62 27.66 -5.98
N THR F 48 32.42 27.69 -4.93
CA THR F 48 32.00 27.28 -3.58
C THR F 48 32.90 28.00 -2.58
N VAL F 49 32.49 27.99 -1.32
CA VAL F 49 33.18 28.73 -0.27
C VAL F 49 33.77 27.75 0.73
N ARG F 50 35.02 28.00 1.12
CA ARG F 50 35.71 27.20 2.12
C ARG F 50 36.47 28.14 3.06
N GLN F 51 36.92 27.57 4.19
CA GLN F 51 37.71 28.31 5.15
C GLN F 51 39.20 28.10 4.85
N THR F 52 39.97 29.19 4.91
CA THR F 52 41.38 29.14 4.57
C THR F 52 42.23 28.66 5.74
N SER F 53 41.89 27.50 6.29
CA SER F 53 42.67 26.90 7.37
C SER F 53 42.43 25.39 7.42
N SER F 75 30.90 27.36 5.06
CA SER F 75 30.66 25.99 4.62
C SER F 75 29.43 25.91 3.73
N ARG F 76 28.60 24.88 3.95
CA ARG F 76 27.35 24.76 3.21
C ARG F 76 26.41 25.92 3.52
N GLU F 77 26.33 26.30 4.80
CA GLU F 77 25.49 27.43 5.18
C GLU F 77 25.98 28.73 4.54
N ASP F 78 27.30 28.93 4.48
CA ASP F 78 27.83 30.11 3.81
C ASP F 78 27.52 30.09 2.32
N THR F 79 27.50 28.91 1.70
CA THR F 79 27.12 28.83 0.30
C THR F 79 25.65 29.19 0.12
N CYS F 80 24.79 28.79 1.05
CA CYS F 80 23.39 29.18 0.99
C CYS F 80 23.22 30.68 1.17
N TYR F 81 23.98 31.27 2.09
CA TYR F 81 23.98 32.73 2.24
C TYR F 81 24.43 33.42 0.96
N LEU F 82 25.44 32.88 0.29
CA LEU F 82 25.87 33.44 -1.00
C LEU F 82 24.77 33.33 -2.04
N GLN F 83 24.07 32.20 -2.07
CA GLN F 83 22.98 32.02 -3.02
C GLN F 83 21.88 33.05 -2.79
N THR F 84 21.53 33.30 -1.53
CA THR F 84 20.55 34.33 -1.22
C THR F 84 21.08 35.73 -1.58
N TYR F 85 22.36 35.99 -1.30
CA TYR F 85 22.94 37.31 -1.51
C TYR F 85 23.04 37.67 -2.98
N ILE F 86 23.26 36.68 -3.85
CA ILE F 86 23.45 36.97 -5.27
C ILE F 86 22.18 37.58 -5.87
N HIS F 87 21.02 37.09 -5.46
CA HIS F 87 19.74 37.59 -5.96
C HIS F 87 19.17 38.71 -5.10
N SER F 88 20.01 39.46 -4.39
CA SER F 88 19.56 40.51 -3.51
C SER F 88 19.53 41.85 -4.24
N MET F 89 19.12 42.90 -3.52
CA MET F 89 19.02 44.24 -4.09
C MET F 89 20.28 45.07 -3.86
N GLY F 90 20.99 44.86 -2.75
CA GLY F 90 22.23 45.57 -2.53
C GLY F 90 23.29 45.21 -3.55
N LEU F 91 23.41 43.92 -3.86
CA LEU F 91 24.33 43.50 -4.91
C LEU F 91 23.92 44.06 -6.26
N LEU F 92 22.62 44.09 -6.54
CA LEU F 92 22.15 44.66 -7.80
C LEU F 92 22.48 46.14 -7.89
N GLN F 93 22.33 46.87 -6.78
CA GLN F 93 22.70 48.29 -6.78
C GLN F 93 24.19 48.47 -7.00
N LYS F 94 25.01 47.64 -6.36
CA LYS F 94 26.46 47.71 -6.56
C LYS F 94 26.84 47.45 -8.02
N LEU F 95 26.24 46.41 -8.62
CA LEU F 95 26.54 46.07 -9.99
C LEU F 95 26.02 47.11 -10.97
N ASP F 96 24.87 47.72 -10.68
CA ASP F 96 24.36 48.77 -11.54
C ASP F 96 25.22 50.02 -11.45
N GLN F 97 25.76 50.32 -10.27
CA GLN F 97 26.69 51.43 -10.15
C GLN F 97 28.00 51.14 -10.87
N GLN F 98 28.44 49.88 -10.85
CA GLN F 98 29.73 49.52 -11.42
C GLN F 98 29.68 49.38 -12.94
N LEU F 99 28.90 48.42 -13.43
CA LEU F 99 28.89 48.06 -14.83
C LEU F 99 27.75 48.68 -15.64
N LYS F 100 26.83 49.38 -14.99
CA LYS F 100 25.67 50.00 -15.65
C LYS F 100 24.83 48.97 -16.40
N LEU F 101 24.26 48.04 -15.63
CA LEU F 101 23.45 46.98 -16.23
C LEU F 101 22.17 47.53 -16.86
N ARG F 102 21.58 48.55 -16.25
CA ARG F 102 20.30 49.07 -16.72
C ARG F 102 20.43 49.67 -18.12
N GLU F 103 21.51 50.40 -18.38
CA GLU F 103 21.73 50.96 -19.70
C GLU F 103 22.02 49.85 -20.72
N HIS F 104 22.79 48.84 -20.32
CA HIS F 104 23.17 47.78 -21.26
C HIS F 104 21.97 46.95 -21.67
N PHE F 105 21.10 46.59 -20.72
CA PHE F 105 20.00 45.69 -21.02
C PHE F 105 18.91 46.35 -21.88
N GLY F 106 18.94 47.65 -22.06
CA GLY F 106 18.01 48.33 -22.93
C GLY F 106 18.48 48.56 -24.35
N THR F 107 19.70 48.14 -24.67
CA THR F 107 20.22 48.34 -26.02
C THR F 107 19.44 47.63 -27.14
N PRO F 108 19.01 46.35 -27.01
CA PRO F 108 18.36 45.71 -28.16
C PRO F 108 16.94 46.22 -28.39
N LEU F 109 16.81 47.37 -29.06
CA LEU F 109 15.50 47.96 -29.29
C LEU F 109 14.63 47.12 -30.20
N ARG F 110 15.22 46.20 -30.98
CA ARG F 110 14.42 45.33 -31.83
C ARG F 110 13.59 44.37 -31.00
N ASP F 111 14.14 43.86 -29.90
CA ASP F 111 13.41 42.92 -29.05
C ASP F 111 12.48 43.68 -28.12
N PRO F 112 11.17 43.44 -28.17
CA PRO F 112 10.27 44.10 -27.23
C PRO F 112 10.09 43.35 -25.93
N LEU F 113 10.37 42.04 -25.94
CA LEU F 113 10.08 41.18 -24.80
C LEU F 113 11.23 41.16 -23.78
N PHE F 114 12.42 40.78 -24.22
CA PHE F 114 13.56 40.58 -23.33
C PHE F 114 14.45 41.81 -23.27
N ARG F 115 13.88 43.00 -23.40
CA ARG F 115 14.62 44.25 -23.29
C ARG F 115 14.11 45.02 -22.07
N LEU F 116 15.04 45.54 -21.28
CA LEU F 116 14.68 46.35 -20.11
C LEU F 116 14.28 47.73 -20.58
N TRP F 117 12.98 48.03 -20.51
CA TRP F 117 12.47 49.32 -20.97
C TRP F 117 12.94 50.43 -20.05
N GLY F 118 13.00 51.64 -20.61
CA GLY F 118 13.42 52.79 -19.84
C GLY F 118 12.35 53.26 -18.88
N GLY F 119 12.81 53.78 -17.73
CA GLY F 119 11.89 54.30 -16.74
C GLY F 119 11.15 53.26 -15.95
N THR F 120 11.63 52.02 -15.92
CA THR F 120 10.98 50.98 -15.13
C THR F 120 11.28 51.17 -13.65
N SER F 121 10.56 50.42 -12.82
CA SER F 121 10.66 50.55 -11.38
C SER F 121 11.84 49.74 -10.85
N GLN F 122 12.13 49.94 -9.57
CA GLN F 122 13.17 49.16 -8.90
C GLN F 122 12.80 47.69 -8.84
N GLU F 123 11.52 47.40 -8.56
CA GLU F 123 11.06 46.01 -8.48
C GLU F 123 11.16 45.31 -9.84
N TRP F 124 10.81 46.00 -10.91
CA TRP F 124 10.93 45.42 -12.24
C TRP F 124 12.39 45.17 -12.60
N PHE F 125 13.27 46.10 -12.23
CA PHE F 125 14.70 45.89 -12.45
C PHE F 125 15.20 44.68 -11.68
N LEU F 126 14.77 44.52 -10.43
CA LEU F 126 15.17 43.37 -9.63
C LEU F 126 14.67 42.07 -10.25
N GLU F 127 13.42 42.05 -10.71
CA GLU F 127 12.88 40.85 -11.33
C GLU F 127 13.61 40.52 -12.63
N TYR F 128 13.93 41.53 -13.42
CA TYR F 128 14.67 41.32 -14.65
C TYR F 128 16.06 40.76 -14.37
N TYR F 129 16.76 41.33 -13.38
CA TYR F 129 18.09 40.85 -13.03
C TYR F 129 18.03 39.42 -12.50
N ARG F 130 17.01 39.10 -11.70
CA ARG F 130 16.86 37.73 -11.23
C ARG F 130 16.54 36.77 -12.36
N SER F 131 15.87 37.26 -13.42
CA SER F 131 15.60 36.42 -14.57
C SER F 131 16.87 36.17 -15.38
N ARG F 132 17.71 37.19 -15.53
CA ARG F 132 18.93 37.03 -16.33
C ARG F 132 19.94 36.13 -15.62
N VAL F 133 20.18 36.37 -14.34
CA VAL F 133 21.18 35.63 -13.58
C VAL F 133 20.51 34.44 -12.91
N GLU F 134 21.00 33.23 -13.20
CA GLU F 134 20.44 32.01 -12.65
C GLU F 134 21.46 31.35 -11.74
N VAL F 135 21.03 30.99 -10.54
CA VAL F 135 21.88 30.36 -9.54
C VAL F 135 21.31 28.98 -9.23
N LEU F 136 22.16 27.96 -9.27
CA LEU F 136 21.74 26.60 -8.99
C LEU F 136 22.70 25.97 -7.98
N MET F 137 22.13 25.11 -7.13
CA MET F 137 22.88 24.42 -6.09
C MET F 137 22.42 22.97 -6.03
N ASP F 138 23.38 22.06 -5.86
CA ASP F 138 23.10 20.65 -5.64
C ASP F 138 23.47 20.24 -4.23
N ASP F 139 22.67 19.35 -3.65
CA ASP F 139 22.89 18.96 -2.26
C ASP F 139 24.04 17.97 -2.11
N ILE F 140 24.24 17.09 -3.10
CA ILE F 140 25.25 16.05 -2.96
C ILE F 140 26.65 16.66 -2.99
N CYS F 141 26.90 17.55 -3.95
CA CYS F 141 28.23 18.11 -4.13
C CYS F 141 28.42 19.44 -3.38
N GLY F 142 27.35 20.22 -3.24
CA GLY F 142 27.49 21.49 -2.56
C GLY F 142 28.19 22.56 -3.37
N LEU F 143 28.18 22.46 -4.69
CA LEU F 143 28.82 23.42 -5.57
C LEU F 143 27.78 24.32 -6.20
N LEU F 144 28.02 25.63 -6.16
CA LEU F 144 27.05 26.63 -6.62
C LEU F 144 27.45 27.10 -8.00
N THR F 145 26.54 26.95 -8.97
CA THR F 145 26.80 27.35 -10.35
C THR F 145 25.96 28.58 -10.69
N VAL F 146 26.61 29.55 -11.34
CA VAL F 146 26.00 30.82 -11.72
C VAL F 146 26.08 30.96 -13.23
N ARG F 147 24.94 31.19 -13.87
CA ARG F 147 24.87 31.42 -15.31
C ARG F 147 24.30 32.81 -15.53
N VAL F 148 25.09 33.67 -16.17
CA VAL F 148 24.75 35.08 -16.34
C VAL F 148 24.49 35.32 -17.83
N GLN F 149 23.33 35.88 -18.14
CA GLN F 149 22.98 36.22 -19.51
C GLN F 149 23.40 37.63 -19.85
N GLY F 150 23.50 37.89 -21.14
CA GLY F 150 23.79 39.24 -21.62
C GLY F 150 23.54 39.30 -23.11
N PHE F 151 23.72 40.50 -23.66
CA PHE F 151 23.63 40.71 -25.09
C PHE F 151 25.00 40.84 -25.74
N GLU F 152 26.07 40.63 -24.97
CA GLU F 152 27.43 40.61 -25.46
C GLU F 152 28.19 39.58 -24.63
N PRO F 153 29.01 38.74 -25.25
CA PRO F 153 29.79 37.77 -24.45
C PRO F 153 30.74 38.43 -23.47
N GLU F 154 31.37 39.54 -23.88
CA GLU F 154 32.28 40.25 -22.99
C GLU F 154 31.55 40.79 -21.77
N PHE F 155 30.37 41.37 -21.98
CA PHE F 155 29.61 41.91 -20.85
C PHE F 155 29.13 40.80 -19.92
N ALA F 156 28.70 39.67 -20.49
CA ALA F 156 28.27 38.55 -19.64
C ALA F 156 29.42 38.02 -18.79
N GLN F 157 30.60 37.86 -19.40
CA GLN F 157 31.76 37.40 -18.64
C GLN F 157 32.16 38.42 -17.57
N ALA F 158 32.12 39.71 -17.92
CA ALA F 158 32.48 40.74 -16.95
C ALA F 158 31.50 40.78 -15.79
N LEU F 159 30.21 40.63 -16.07
CA LEU F 159 29.21 40.62 -15.01
C LEU F 159 29.38 39.40 -14.11
N ASN F 160 29.69 38.23 -14.70
CA ASN F 160 29.93 37.05 -13.89
C ASN F 160 31.16 37.23 -12.98
N ARG F 161 32.23 37.81 -13.53
CA ARG F 161 33.42 38.06 -12.72
C ARG F 161 33.13 39.05 -11.60
N ALA F 162 32.35 40.09 -11.90
CA ALA F 162 32.00 41.06 -10.87
C ALA F 162 31.14 40.42 -9.79
N ILE F 163 30.21 39.55 -10.17
CA ILE F 163 29.39 38.84 -9.20
C ILE F 163 30.27 38.00 -8.28
N LEU F 164 31.22 37.27 -8.86
CA LEU F 164 32.12 36.45 -8.06
C LEU F 164 32.95 37.29 -7.10
N GLU F 165 33.50 38.40 -7.60
CA GLU F 165 34.34 39.26 -6.76
C GLU F 165 33.55 39.85 -5.61
N GLU F 166 32.34 40.36 -5.90
CA GLU F 166 31.51 40.92 -4.84
C GLU F 166 31.04 39.85 -3.86
N SER F 167 30.81 38.63 -4.33
CA SER F 167 30.42 37.55 -3.42
C SER F 167 31.55 37.21 -2.45
N GLU F 168 32.79 37.11 -2.97
CA GLU F 168 33.91 36.82 -2.07
C GLU F 168 34.17 37.98 -1.13
N ARG F 169 33.98 39.22 -1.60
CA ARG F 169 34.14 40.37 -0.73
C ARG F 169 33.08 40.39 0.37
N PHE F 170 31.84 40.03 0.03
CA PHE F 170 30.78 39.96 1.03
C PHE F 170 31.07 38.89 2.07
N VAL F 171 31.56 37.72 1.63
CA VAL F 171 31.90 36.66 2.57
C VAL F 171 33.01 37.11 3.52
N ASN F 172 34.05 37.74 2.97
CA ASN F 172 35.15 38.21 3.80
C ASN F 172 34.70 39.29 4.77
N GLU F 173 33.85 40.22 4.30
CA GLU F 173 33.35 41.28 5.18
C GLU F 173 32.46 40.72 6.28
N LEU F 174 31.64 39.71 5.96
CA LEU F 174 30.82 39.07 6.99
C LEU F 174 31.71 38.40 8.04
N SER F 175 32.76 37.71 7.59
CA SER F 175 33.67 37.08 8.55
C SER F 175 34.38 38.11 9.41
N HIS F 176 34.76 39.24 8.81
CA HIS F 176 35.46 40.28 9.55
C HIS F 176 34.54 40.94 10.59
N ARG F 177 33.32 41.29 10.19
CA ARG F 177 32.39 41.97 11.07
C ARG F 177 31.74 41.03 12.08
N MET F 178 31.84 39.71 11.87
CA MET F 178 31.34 38.77 12.87
C MET F 178 32.11 38.92 14.19
N ALA F 179 33.41 39.22 14.09
CA ALA F 179 34.22 39.46 15.29
C ALA F 179 34.38 40.95 15.54
N LEU F 324 38.35 35.43 7.21
CA LEU F 324 39.08 34.18 7.30
C LEU F 324 38.42 33.10 6.45
N LYS F 325 37.79 33.51 5.37
CA LYS F 325 37.15 32.60 4.42
C LYS F 325 37.58 32.97 3.01
N SER F 326 37.51 31.98 2.11
CA SER F 326 37.92 32.18 0.72
C SER F 326 36.90 31.53 -0.19
N LEU F 327 36.83 32.03 -1.42
CA LEU F 327 35.94 31.49 -2.44
C LEU F 327 36.73 30.54 -3.33
N VAL F 328 36.29 29.29 -3.39
CA VAL F 328 36.90 28.28 -4.23
C VAL F 328 36.22 28.33 -5.59
N VAL F 329 36.97 28.73 -6.61
CA VAL F 329 36.45 28.87 -7.97
C VAL F 329 36.83 27.61 -8.72
N VAL F 330 35.92 26.64 -8.76
CA VAL F 330 36.18 25.40 -9.48
C VAL F 330 36.23 25.66 -10.98
N GLU F 331 35.25 26.42 -11.49
CA GLU F 331 35.21 26.80 -12.90
C GLU F 331 35.12 28.31 -13.01
N PRO F 332 36.16 28.99 -13.47
CA PRO F 332 36.09 30.45 -13.65
C PRO F 332 35.13 30.81 -14.76
N PRO F 333 34.64 32.05 -14.78
CA PRO F 333 33.70 32.46 -15.84
C PRO F 333 34.32 32.31 -17.21
N VAL F 334 33.52 31.85 -18.17
CA VAL F 334 33.98 31.59 -19.52
C VAL F 334 33.44 32.68 -20.44
N LEU F 335 34.08 32.81 -21.60
CA LEU F 335 33.65 33.75 -22.61
C LEU F 335 32.84 33.00 -23.67
N PRO F 336 31.53 33.18 -23.75
CA PRO F 336 30.74 32.44 -24.73
C PRO F 336 31.07 32.85 -26.16
N GLU F 337 30.90 31.91 -27.08
CA GLU F 337 31.13 32.13 -28.49
C GLU F 337 29.86 32.46 -29.27
N ILE F 338 28.76 31.76 -28.97
CA ILE F 338 27.48 32.02 -29.62
C ILE F 338 26.36 32.04 -28.57
N ALA F 339 25.24 32.63 -28.95
CA ALA F 339 24.06 32.64 -28.09
C ALA F 339 23.47 31.24 -28.00
N GLU F 340 22.88 30.94 -26.85
CA GLU F 340 22.33 29.61 -26.63
C GLU F 340 20.88 29.64 -26.15
N TYR F 341 20.49 30.69 -25.44
CA TYR F 341 19.18 30.70 -24.80
C TYR F 341 18.02 31.08 -25.74
N PRO F 342 18.15 32.10 -26.63
CA PRO F 342 17.03 32.33 -27.57
C PRO F 342 16.92 31.23 -28.61
N ARG F 343 16.55 30.03 -28.15
CA ARG F 343 16.49 28.86 -29.01
C ARG F 343 15.21 28.94 -29.85
N ARG F 344 15.38 29.12 -31.16
CA ARG F 344 14.25 29.42 -32.02
C ARG F 344 13.51 28.15 -32.46
N TRP F 345 14.26 27.16 -32.98
CA TRP F 345 13.60 26.00 -33.58
C TRP F 345 12.96 25.11 -32.53
N TYR F 346 13.61 24.93 -31.38
CA TYR F 346 13.02 24.13 -30.31
C TYR F 346 11.74 24.76 -29.79
N ASN F 347 11.75 26.08 -29.57
CA ASN F 347 10.55 26.76 -29.11
C ASN F 347 9.45 26.72 -30.17
N LEU F 348 9.82 26.83 -31.45
CA LEU F 348 8.83 26.75 -32.52
C LEU F 348 8.19 25.36 -32.56
N ALA F 349 8.98 24.30 -32.40
CA ALA F 349 8.42 22.96 -32.38
C ALA F 349 7.51 22.75 -31.17
N THR F 350 7.93 23.25 -30.00
CA THR F 350 7.10 23.15 -28.80
C THR F 350 5.77 23.86 -29.00
N LEU F 351 5.81 25.08 -29.55
CA LEU F 351 4.58 25.81 -29.80
C LEU F 351 3.72 25.13 -30.85
N LEU F 352 4.34 24.49 -31.84
CA LEU F 352 3.57 23.75 -32.84
C LEU F 352 2.82 22.59 -32.19
N VAL F 353 3.49 21.84 -31.32
CA VAL F 353 2.83 20.73 -30.63
C VAL F 353 1.70 21.24 -29.75
N VAL F 354 1.95 22.32 -29.00
CA VAL F 354 0.95 22.86 -28.10
C VAL F 354 -0.25 23.37 -28.88
N CYS F 355 -0.01 24.09 -29.99
CA CYS F 355 -1.09 24.63 -30.79
C CYS F 355 -1.90 23.52 -31.45
N CYS F 356 -1.22 22.46 -31.92
CA CYS F 356 -1.95 21.33 -32.53
C CYS F 356 -2.86 20.67 -31.51
N LEU F 357 -2.34 20.41 -30.30
CA LEU F 357 -3.17 19.79 -29.26
C LEU F 357 -4.34 20.68 -28.88
N ILE F 358 -4.08 21.99 -28.72
CA ILE F 358 -5.13 22.93 -28.34
C ILE F 358 -6.19 23.00 -29.42
N TYR F 359 -5.78 23.06 -30.68
CA TYR F 359 -6.73 23.12 -31.78
C TYR F 359 -7.57 21.85 -31.85
N GLY F 360 -6.95 20.70 -31.66
CA GLY F 360 -7.72 19.45 -31.68
C GLY F 360 -8.76 19.41 -30.57
N VAL F 361 -8.35 19.78 -29.35
CA VAL F 361 -9.28 19.76 -28.22
C VAL F 361 -10.41 20.75 -28.45
N VAL F 362 -10.08 21.97 -28.89
CA VAL F 362 -11.09 23.00 -29.09
C VAL F 362 -12.05 22.62 -30.20
N SER F 363 -11.53 22.04 -31.30
CA SER F 363 -12.38 21.62 -32.40
C SER F 363 -13.34 20.52 -31.95
N LEU F 364 -12.84 19.55 -31.19
CA LEU F 364 -13.72 18.49 -30.69
C LEU F 364 -14.80 19.05 -29.79
N VAL F 365 -14.43 19.96 -28.88
CA VAL F 365 -15.41 20.54 -27.95
C VAL F 365 -16.45 21.36 -28.70
N VAL F 366 -16.01 22.15 -29.69
CA VAL F 366 -16.95 22.97 -30.44
C VAL F 366 -17.87 22.11 -31.28
N ALA F 367 -17.38 20.97 -31.81
CA ALA F 367 -18.26 20.06 -32.52
C ALA F 367 -19.28 19.45 -31.58
N THR F 368 -18.87 19.08 -30.36
CA THR F 368 -19.81 18.51 -29.40
C THR F 368 -20.90 19.51 -29.04
N ILE F 369 -20.52 20.77 -28.77
CA ILE F 369 -21.52 21.76 -28.38
C ILE F 369 -22.41 22.13 -29.56
N ARG F 370 -21.86 22.14 -30.78
CA ARG F 370 -22.68 22.39 -31.96
C ARG F 370 -23.72 21.29 -32.14
N ASP F 371 -23.32 20.03 -31.91
CA ASP F 371 -24.28 18.93 -32.00
C ASP F 371 -25.31 19.01 -30.89
N HIS F 372 -24.89 19.37 -29.68
CA HIS F 372 -25.79 19.34 -28.53
C HIS F 372 -26.78 20.50 -28.52
N GLN F 373 -26.40 21.66 -29.07
CA GLN F 373 -27.21 22.86 -28.93
C GLN F 373 -28.56 22.71 -29.63
N ASP F 374 -28.58 22.13 -30.83
CA ASP F 374 -29.83 21.97 -31.57
C ASP F 374 -30.46 20.62 -31.30
N LEU G 8 -1.18 7.25 -52.52
CA LEU G 8 -2.33 7.41 -51.64
C LEU G 8 -2.31 6.34 -50.56
N VAL G 9 -3.07 6.58 -49.48
CA VAL G 9 -3.16 5.61 -48.39
C VAL G 9 -3.79 4.31 -48.86
N SER G 10 -4.85 4.41 -49.64
CA SER G 10 -5.54 3.20 -50.12
C SER G 10 -4.76 2.47 -51.19
N ARG G 11 -3.75 3.10 -51.80
CA ARG G 11 -2.97 2.48 -52.85
C ARG G 11 -1.69 1.82 -52.34
N LEU G 12 -1.45 1.87 -51.03
CA LEU G 12 -0.26 1.23 -50.47
C LEU G 12 -0.37 -0.29 -50.55
N THR G 13 0.73 -0.94 -50.90
CA THR G 13 0.80 -2.39 -50.97
C THR G 13 1.81 -2.90 -49.95
N ALA G 14 1.83 -4.23 -49.79
CA ALA G 14 2.72 -4.85 -48.81
C ALA G 14 4.18 -4.65 -49.17
N LYS G 15 4.53 -4.82 -50.45
CA LYS G 15 5.93 -4.70 -50.85
C LYS G 15 6.42 -3.25 -50.73
N ARG G 16 5.55 -2.28 -51.03
CA ARG G 16 5.92 -0.88 -50.84
C ARG G 16 6.15 -0.57 -49.37
N LEU G 17 5.30 -1.10 -48.50
CA LEU G 17 5.49 -0.92 -47.06
C LEU G 17 6.79 -1.55 -46.59
N GLN G 18 7.11 -2.76 -47.09
CA GLN G 18 8.35 -3.42 -46.70
C GLN G 18 9.57 -2.64 -47.18
N TRP G 19 9.52 -2.13 -48.41
CA TRP G 19 10.64 -1.36 -48.93
C TRP G 19 10.83 -0.03 -48.19
N ALA G 20 9.73 0.66 -47.90
CA ALA G 20 9.84 1.96 -47.26
C ALA G 20 10.22 1.83 -45.79
N LEU G 21 9.70 0.81 -45.11
CA LEU G 21 9.92 0.68 -43.68
C LEU G 21 11.17 -0.12 -43.34
N VAL G 22 11.30 -1.33 -43.88
CA VAL G 22 12.32 -2.26 -43.43
C VAL G 22 13.59 -2.17 -44.25
N TYR G 23 13.48 -2.23 -45.58
CA TYR G 23 14.66 -2.46 -46.41
C TYR G 23 15.57 -1.24 -46.47
N LEU G 24 15.00 -0.05 -46.67
CA LEU G 24 15.82 1.15 -46.82
C LEU G 24 16.62 1.49 -45.57
N PRO G 25 16.03 1.54 -44.36
CA PRO G 25 16.88 1.74 -43.18
C PRO G 25 17.89 0.64 -42.96
N MET G 26 17.55 -0.60 -43.33
CA MET G 26 18.51 -1.69 -43.21
C MET G 26 19.74 -1.44 -44.08
N LEU G 27 19.51 -1.09 -45.34
CA LEU G 27 20.62 -0.81 -46.24
C LEU G 27 21.43 0.41 -45.78
N VAL G 28 20.73 1.45 -45.34
CA VAL G 28 21.43 2.67 -44.91
C VAL G 28 22.31 2.37 -43.69
N ALA G 29 21.75 1.68 -42.70
CA ALA G 29 22.51 1.38 -41.49
C ALA G 29 23.66 0.43 -41.78
N THR G 30 23.44 -0.59 -42.62
CA THR G 30 24.52 -1.52 -42.94
C THR G 30 25.65 -0.82 -43.69
N VAL G 31 25.31 0.03 -44.65
CA VAL G 31 26.33 0.75 -45.41
C VAL G 31 27.11 1.68 -44.50
N TYR G 32 26.41 2.42 -43.62
CA TYR G 32 27.10 3.34 -42.72
C TYR G 32 28.01 2.60 -41.74
N PHE G 33 27.51 1.51 -41.15
CA PHE G 33 28.27 0.84 -40.09
C PHE G 33 29.43 0.04 -40.65
N LEU G 34 29.24 -0.64 -41.78
CA LEU G 34 30.27 -1.52 -42.30
C LEU G 34 31.27 -0.82 -43.21
N VAL G 35 31.02 0.42 -43.61
CA VAL G 35 31.91 1.12 -44.52
C VAL G 35 32.32 2.47 -43.94
N PHE G 36 31.34 3.29 -43.56
CA PHE G 36 31.57 4.68 -43.21
C PHE G 36 31.72 4.92 -41.71
N SER G 37 31.70 3.87 -40.89
CA SER G 37 31.84 4.04 -39.45
C SER G 37 33.32 4.01 -39.05
N ALA G 38 33.70 4.93 -38.18
CA ALA G 38 35.08 5.06 -37.74
C ALA G 38 35.26 4.43 -36.37
N ASP G 39 36.39 3.76 -36.17
CA ASP G 39 36.68 3.10 -34.91
C ASP G 39 36.93 4.13 -33.81
N ARG G 40 36.53 3.78 -32.58
CA ARG G 40 36.71 4.67 -31.43
C ARG G 40 37.24 3.85 -30.26
N TYR G 41 38.56 3.80 -30.13
CA TYR G 41 39.20 3.10 -29.03
C TYR G 41 38.97 3.82 -27.71
N VAL G 42 38.91 3.04 -26.63
CA VAL G 42 38.57 3.54 -25.30
C VAL G 42 39.71 3.20 -24.35
N SER G 43 40.15 4.20 -23.59
CA SER G 43 41.13 4.02 -22.53
C SER G 43 40.46 4.27 -21.18
N GLU G 44 40.55 3.31 -20.29
CA GLU G 44 39.86 3.35 -19.01
C GLU G 44 40.86 3.47 -17.86
N SER G 45 40.56 4.36 -16.92
CA SER G 45 41.37 4.52 -15.72
C SER G 45 40.45 4.66 -14.52
N VAL G 46 40.97 4.32 -13.34
CA VAL G 46 40.22 4.39 -12.10
C VAL G 46 41.08 5.09 -11.06
N ILE G 47 40.57 6.18 -10.48
CA ILE G 47 41.32 7.02 -9.57
C ILE G 47 40.48 7.33 -8.34
N THR G 48 41.13 7.98 -7.37
CA THR G 48 40.53 8.42 -6.11
C THR G 48 41.50 9.37 -5.45
N VAL G 49 40.99 10.47 -4.91
CA VAL G 49 41.81 11.51 -4.28
C VAL G 49 41.66 11.41 -2.77
N ARG G 50 42.78 11.39 -2.06
CA ARG G 50 42.79 11.32 -0.60
C ARG G 50 43.86 12.25 -0.06
N GLN G 51 43.70 12.62 1.20
CA GLN G 51 44.67 13.48 1.87
C GLN G 51 45.97 12.71 2.13
N THR G 52 47.06 13.47 2.23
CA THR G 52 48.39 12.89 2.39
C THR G 52 49.02 13.22 3.74
N SER G 53 49.00 14.49 4.13
CA SER G 53 49.59 14.90 5.40
C SER G 53 48.82 14.33 6.59
N ALA G 74 36.62 13.71 4.35
CA ALA G 74 36.33 14.87 3.53
C ALA G 74 36.86 14.67 2.11
N SER G 75 37.24 13.44 1.79
CA SER G 75 37.76 13.14 0.46
C SER G 75 36.67 13.25 -0.60
N ARG G 76 35.44 12.87 -0.25
CA ARG G 76 34.34 12.87 -1.20
C ARG G 76 34.09 14.27 -1.77
N GLU G 77 34.38 15.30 -0.98
CA GLU G 77 34.33 16.67 -1.48
C GLU G 77 35.31 16.87 -2.62
N ASP G 78 36.54 16.37 -2.46
CA ASP G 78 37.52 16.49 -3.52
C ASP G 78 37.16 15.65 -4.75
N THR G 79 36.56 14.47 -4.54
CA THR G 79 36.09 13.70 -5.68
C THR G 79 34.99 14.43 -6.44
N CYS G 80 34.08 15.09 -5.71
CA CYS G 80 33.04 15.87 -6.38
C CYS G 80 33.64 17.05 -7.15
N TYR G 81 34.63 17.73 -6.55
CA TYR G 81 35.32 18.80 -7.27
C TYR G 81 35.98 18.29 -8.54
N LEU G 82 36.63 17.12 -8.47
CA LEU G 82 37.27 16.56 -9.66
C LEU G 82 36.24 16.17 -10.71
N GLN G 83 35.12 15.59 -10.28
CA GLN G 83 34.07 15.19 -11.21
C GLN G 83 33.51 16.40 -11.96
N THR G 84 33.32 17.51 -11.25
CA THR G 84 32.85 18.73 -11.90
C THR G 84 33.94 19.32 -12.79
N TYR G 85 35.19 19.31 -12.33
CA TYR G 85 36.27 19.99 -13.04
C TYR G 85 36.66 19.26 -14.31
N ILE G 86 36.48 17.95 -14.37
CA ILE G 86 36.86 17.19 -15.56
C ILE G 86 36.04 17.66 -16.77
N HIS G 87 34.74 17.85 -16.58
CA HIS G 87 33.85 18.28 -17.64
C HIS G 87 33.75 19.81 -17.74
N SER G 88 34.74 20.53 -17.23
CA SER G 88 34.73 21.99 -17.27
C SER G 88 35.25 22.47 -18.61
N MET G 89 35.43 23.79 -18.75
CA MET G 89 35.93 24.38 -19.98
C MET G 89 37.40 24.78 -19.90
N GLY G 90 37.86 25.24 -18.74
CA GLY G 90 39.27 25.57 -18.59
C GLY G 90 40.16 24.36 -18.78
N LEU G 91 39.74 23.21 -18.24
CA LEU G 91 40.47 21.97 -18.48
C LEU G 91 40.47 21.62 -19.96
N LEU G 92 39.33 21.81 -20.63
CA LEU G 92 39.28 21.57 -22.07
C LEU G 92 40.20 22.52 -22.81
N GLN G 93 40.28 23.77 -22.37
CA GLN G 93 41.21 24.73 -22.99
C GLN G 93 42.64 24.27 -22.86
N LYS G 94 43.04 23.84 -21.66
CA LYS G 94 44.40 23.34 -21.46
C LYS G 94 44.67 22.10 -22.28
N LEU G 95 43.71 21.18 -22.33
CA LEU G 95 43.89 19.94 -23.09
C LEU G 95 44.01 20.22 -24.58
N ASP G 96 43.20 21.14 -25.10
CA ASP G 96 43.28 21.50 -26.51
C ASP G 96 44.60 22.19 -26.82
N GLN G 97 45.07 23.06 -25.92
CA GLN G 97 46.35 23.71 -26.14
C GLN G 97 47.51 22.73 -26.07
N GLN G 98 47.37 21.66 -25.30
CA GLN G 98 48.46 20.71 -25.10
C GLN G 98 48.51 19.62 -26.17
N LEU G 99 47.37 18.99 -26.46
CA LEU G 99 47.33 17.79 -27.30
C LEU G 99 46.65 18.02 -28.64
N LYS G 100 46.09 19.21 -28.90
CA LYS G 100 45.38 19.53 -30.14
C LYS G 100 44.24 18.55 -30.38
N LEU G 101 43.25 18.58 -29.47
CA LEU G 101 42.11 17.68 -29.58
C LEU G 101 41.25 18.00 -30.80
N ARG G 102 41.11 19.29 -31.12
CA ARG G 102 40.25 19.67 -32.24
C ARG G 102 40.81 19.17 -33.57
N GLU G 103 42.13 19.21 -33.73
CA GLU G 103 42.75 18.67 -34.94
C GLU G 103 42.59 17.16 -35.01
N HIS G 104 42.73 16.47 -33.87
CA HIS G 104 42.66 15.01 -33.86
C HIS G 104 41.25 14.53 -34.17
N PHE G 105 40.25 15.09 -33.50
CA PHE G 105 38.88 14.58 -33.62
C PHE G 105 38.28 14.84 -35.00
N GLY G 106 38.79 15.81 -35.74
CA GLY G 106 38.32 16.07 -37.09
C GLY G 106 38.96 15.23 -38.16
N THR G 107 39.93 14.37 -37.81
CA THR G 107 40.62 13.57 -38.82
C THR G 107 39.72 12.60 -39.58
N PRO G 108 38.80 11.80 -38.95
CA PRO G 108 38.05 10.84 -39.76
C PRO G 108 37.01 11.52 -40.64
N LEU G 109 37.28 11.59 -41.94
CA LEU G 109 36.37 12.23 -42.87
C LEU G 109 35.22 11.33 -43.28
N ARG G 110 35.44 10.01 -43.27
CA ARG G 110 34.43 9.08 -43.75
C ARG G 110 33.26 8.91 -42.79
N ASP G 111 33.38 9.38 -41.55
CA ASP G 111 32.31 9.25 -40.56
C ASP G 111 31.78 10.64 -40.22
N PRO G 112 30.66 11.06 -40.82
CA PRO G 112 30.15 12.42 -40.54
C PRO G 112 29.40 12.54 -39.23
N LEU G 113 28.89 11.44 -38.67
CA LEU G 113 28.09 11.54 -37.46
C LEU G 113 28.96 11.81 -36.23
N PHE G 114 30.10 11.13 -36.13
CA PHE G 114 30.91 11.16 -34.91
C PHE G 114 32.21 11.96 -35.06
N ARG G 115 32.37 12.69 -36.15
CA ARG G 115 33.53 13.54 -36.32
C ARG G 115 33.22 14.96 -35.87
N LEU G 116 34.26 15.67 -35.42
CA LEU G 116 34.12 17.06 -35.01
C LEU G 116 34.37 17.93 -36.22
N TRP G 117 33.31 18.47 -36.80
CA TRP G 117 33.42 19.30 -38.00
C TRP G 117 34.19 20.57 -37.68
N GLY G 118 35.06 20.97 -38.60
CA GLY G 118 35.87 22.15 -38.38
C GLY G 118 35.04 23.42 -38.43
N GLY G 119 35.52 24.43 -37.72
CA GLY G 119 34.84 25.72 -37.70
C GLY G 119 33.56 25.73 -36.89
N THR G 120 33.38 24.80 -35.97
CA THR G 120 32.18 24.77 -35.14
C THR G 120 32.33 25.76 -33.98
N SER G 121 31.40 25.73 -33.04
CA SER G 121 31.39 26.66 -31.93
C SER G 121 32.11 26.09 -30.72
N GLN G 122 32.49 26.99 -29.81
CA GLN G 122 33.13 26.58 -28.57
C GLN G 122 32.18 25.76 -27.71
N GLU G 123 30.90 26.14 -27.67
CA GLU G 123 29.91 25.37 -26.91
C GLU G 123 29.74 23.97 -27.48
N TRP G 124 29.70 23.85 -28.81
CA TRP G 124 29.60 22.53 -29.42
C TRP G 124 30.87 21.72 -29.20
N PHE G 125 32.04 22.39 -29.19
CA PHE G 125 33.27 21.69 -28.88
C PHE G 125 33.25 21.14 -27.45
N LEU G 126 32.74 21.94 -26.50
CA LEU G 126 32.62 21.46 -25.12
C LEU G 126 31.64 20.29 -25.03
N GLU G 127 30.53 20.37 -25.76
CA GLU G 127 29.57 19.27 -25.75
C GLU G 127 30.18 18.00 -26.34
N TYR G 128 30.94 18.13 -27.42
CA TYR G 128 31.60 16.98 -28.02
C TYR G 128 32.62 16.36 -27.07
N TYR G 129 33.42 17.21 -26.39
CA TYR G 129 34.39 16.70 -25.44
C TYR G 129 33.70 16.00 -24.26
N ARG G 130 32.59 16.56 -23.79
CA ARG G 130 31.84 15.92 -22.72
C ARG G 130 31.23 14.60 -23.17
N SER G 131 30.86 14.49 -24.45
CA SER G 131 30.35 13.23 -24.96
C SER G 131 31.44 12.19 -25.08
N ARG G 132 32.64 12.59 -25.51
CA ARG G 132 33.71 11.62 -25.71
C ARG G 132 34.25 11.07 -24.40
N VAL G 133 34.36 11.90 -23.38
CA VAL G 133 34.92 11.51 -22.08
C VAL G 133 33.76 11.20 -21.15
N GLU G 134 33.75 9.98 -20.61
CA GLU G 134 32.71 9.55 -19.67
C GLU G 134 33.32 9.42 -18.29
N VAL G 135 32.64 9.98 -17.29
CA VAL G 135 33.09 9.94 -15.90
C VAL G 135 31.98 9.28 -15.07
N LEU G 136 32.30 8.17 -14.43
CA LEU G 136 31.36 7.48 -13.57
C LEU G 136 31.91 7.43 -12.15
N MET G 137 31.00 7.41 -11.18
CA MET G 137 31.36 7.50 -9.77
C MET G 137 30.75 6.34 -9.00
N ASP G 138 31.56 5.68 -8.18
CA ASP G 138 31.08 4.69 -7.21
C ASP G 138 31.16 5.34 -5.84
N ASP G 139 29.99 5.71 -5.30
CA ASP G 139 29.95 6.40 -4.01
C ASP G 139 30.21 5.46 -2.85
N ILE G 140 29.72 4.23 -2.93
CA ILE G 140 29.97 3.26 -1.88
C ILE G 140 31.46 2.94 -1.80
N CYS G 141 32.12 2.84 -2.95
CA CYS G 141 33.56 2.65 -3.00
C CYS G 141 34.33 3.95 -3.08
N GLY G 142 33.68 5.05 -3.48
CA GLY G 142 34.37 6.32 -3.64
C GLY G 142 35.42 6.30 -4.73
N LEU G 143 35.14 5.66 -5.85
CA LEU G 143 36.09 5.50 -6.93
C LEU G 143 35.57 6.19 -8.18
N LEU G 144 36.40 7.02 -8.80
CA LEU G 144 36.02 7.74 -10.02
C LEU G 144 36.69 7.06 -11.21
N THR G 145 35.89 6.52 -12.11
CA THR G 145 36.40 5.89 -13.32
C THR G 145 36.19 6.80 -14.52
N VAL G 146 37.24 6.95 -15.32
CA VAL G 146 37.25 7.82 -16.48
C VAL G 146 37.50 6.97 -17.72
N ARG G 147 36.60 7.07 -18.70
CA ARG G 147 36.74 6.37 -19.97
C ARG G 147 36.86 7.41 -21.07
N VAL G 148 38.00 7.43 -21.73
CA VAL G 148 38.32 8.42 -22.74
C VAL G 148 38.25 7.74 -24.11
N GLN G 149 37.48 8.34 -25.01
CA GLN G 149 37.35 7.84 -26.38
C GLN G 149 38.29 8.59 -27.31
N GLY G 150 38.81 7.89 -28.30
CA GLY G 150 39.68 8.51 -29.29
C GLY G 150 39.65 7.69 -30.56
N PHE G 151 40.22 8.26 -31.61
CA PHE G 151 40.30 7.57 -32.89
C PHE G 151 41.59 6.77 -33.04
N GLU G 152 42.52 6.89 -32.09
CA GLU G 152 43.72 6.08 -32.03
C GLU G 152 43.94 5.69 -30.58
N PRO G 153 44.43 4.47 -30.32
CA PRO G 153 44.63 4.05 -28.92
C PRO G 153 45.66 4.87 -28.17
N GLU G 154 46.76 5.24 -28.85
CA GLU G 154 47.80 6.03 -28.19
C GLU G 154 47.28 7.40 -27.79
N PHE G 155 46.48 8.03 -28.65
CA PHE G 155 45.92 9.33 -28.32
C PHE G 155 44.94 9.24 -27.16
N ALA G 156 44.13 8.18 -27.12
CA ALA G 156 43.21 8.00 -26.00
C ALA G 156 43.96 7.83 -24.68
N GLN G 157 45.01 7.01 -24.69
CA GLN G 157 45.80 6.82 -23.47
C GLN G 157 46.48 8.12 -23.05
N ALA G 158 47.03 8.86 -24.02
CA ALA G 158 47.68 10.13 -23.70
C ALA G 158 46.69 11.14 -23.14
N LEU G 159 45.48 11.19 -23.70
CA LEU G 159 44.46 12.09 -23.19
C LEU G 159 44.05 11.73 -21.78
N ASN G 160 43.89 10.43 -21.50
CA ASN G 160 43.55 10.01 -20.14
C ASN G 160 44.66 10.38 -19.15
N ARG G 161 45.91 10.15 -19.54
CA ARG G 161 47.03 10.50 -18.67
C ARG G 161 47.09 12.00 -18.42
N ALA G 162 46.87 12.81 -19.46
CA ALA G 162 46.87 14.26 -19.29
C ALA G 162 45.74 14.72 -18.40
N ILE G 163 44.56 14.09 -18.54
CA ILE G 163 43.43 14.43 -17.68
C ILE G 163 43.76 14.14 -16.23
N LEU G 164 44.35 12.97 -15.96
CA LEU G 164 44.70 12.62 -14.58
C LEU G 164 45.74 13.58 -14.01
N GLU G 165 46.77 13.90 -14.80
CA GLU G 165 47.80 14.82 -14.34
C GLU G 165 47.23 16.20 -14.05
N GLU G 166 46.36 16.69 -14.92
CA GLU G 166 45.75 17.99 -14.71
C GLU G 166 44.82 18.00 -13.51
N SER G 167 44.10 16.91 -13.27
CA SER G 167 43.25 16.83 -12.09
C SER G 167 44.06 16.88 -10.81
N GLU G 168 45.17 16.12 -10.77
CA GLU G 168 46.04 16.16 -9.61
C GLU G 168 46.63 17.54 -9.40
N ARG G 169 47.09 18.18 -10.49
CA ARG G 169 47.64 19.53 -10.39
C ARG G 169 46.60 20.52 -9.93
N PHE G 170 45.36 20.37 -10.38
CA PHE G 170 44.28 21.27 -9.96
C PHE G 170 43.99 21.13 -8.47
N VAL G 171 43.96 19.88 -7.97
CA VAL G 171 43.73 19.67 -6.54
C VAL G 171 44.86 20.29 -5.73
N ASN G 172 46.10 20.06 -6.16
CA ASN G 172 47.26 20.62 -5.46
C ASN G 172 47.24 22.15 -5.48
N GLU G 173 46.86 22.73 -6.63
CA GLU G 173 46.79 24.18 -6.75
C GLU G 173 45.71 24.77 -5.85
N LEU G 174 44.56 24.10 -5.77
CA LEU G 174 43.51 24.56 -4.87
C LEU G 174 43.97 24.52 -3.41
N SER G 175 44.63 23.44 -3.01
CA SER G 175 45.16 23.37 -1.65
C SER G 175 46.19 24.48 -1.41
N HIS G 176 47.04 24.73 -2.41
CA HIS G 176 48.08 25.75 -2.26
C HIS G 176 47.47 27.13 -2.09
N ARG G 177 46.46 27.48 -2.90
CA ARG G 177 45.88 28.81 -2.80
C ARG G 177 45.06 28.96 -1.54
N MET G 178 44.37 27.89 -1.11
CA MET G 178 43.63 27.95 0.15
C MET G 178 44.58 28.15 1.34
N ALA G 179 45.74 27.49 1.31
CA ALA G 179 46.71 27.71 2.38
C ALA G 179 47.36 29.09 2.27
N ARG G 180 47.55 29.60 1.06
CA ARG G 180 48.21 30.89 0.88
C ARG G 180 47.30 32.05 1.26
N GLU G 181 45.99 31.89 1.13
CA GLU G 181 45.06 32.97 1.47
C GLU G 181 45.15 33.34 2.94
N GLN G 182 45.46 32.37 3.82
CA GLN G 182 45.67 32.68 5.22
C GLN G 182 46.89 33.56 5.41
N GLY G 183 47.98 33.27 4.71
CA GLY G 183 49.19 34.04 4.82
C GLY G 183 49.19 35.28 3.95
N ARG G 322 54.21 22.84 -0.94
CA ARG G 322 54.21 21.55 -0.28
C ARG G 322 52.92 20.78 -0.57
N LYS G 323 53.05 19.65 -1.26
CA LYS G 323 51.91 18.85 -1.65
C LYS G 323 51.24 18.26 -0.42
N LEU G 324 49.99 18.67 -0.16
CA LEU G 324 49.23 18.17 0.98
C LEU G 324 48.18 17.15 0.58
N LYS G 325 47.67 17.22 -0.65
CA LYS G 325 46.69 16.28 -1.15
C LYS G 325 47.25 15.55 -2.37
N SER G 326 46.87 14.29 -2.52
CA SER G 326 47.37 13.45 -3.60
C SER G 326 46.21 12.66 -4.19
N LEU G 327 46.39 12.22 -5.43
CA LEU G 327 45.41 11.43 -6.16
C LEU G 327 45.98 10.04 -6.39
N VAL G 328 45.39 9.04 -5.74
CA VAL G 328 45.83 7.66 -5.93
C VAL G 328 45.18 7.11 -7.19
N VAL G 329 45.92 6.24 -7.88
CA VAL G 329 45.48 5.68 -9.15
C VAL G 329 45.33 4.18 -8.95
N VAL G 330 44.09 3.73 -8.77
CA VAL G 330 43.84 2.29 -8.62
C VAL G 330 44.13 1.57 -9.93
N GLU G 331 43.73 2.16 -11.05
CA GLU G 331 44.01 1.58 -12.36
C GLU G 331 44.52 2.65 -13.32
N PRO G 332 45.77 2.55 -13.78
CA PRO G 332 46.30 3.53 -14.72
C PRO G 332 45.63 3.42 -16.07
N PRO G 333 45.73 4.45 -16.91
CA PRO G 333 45.11 4.39 -18.24
C PRO G 333 45.68 3.25 -19.08
N VAL G 334 44.80 2.35 -19.50
CA VAL G 334 45.18 1.17 -20.26
C VAL G 334 45.18 1.52 -21.74
N LEU G 335 46.19 1.02 -22.46
CA LEU G 335 46.26 1.21 -23.90
C LEU G 335 45.38 0.17 -24.59
N PRO G 336 44.31 0.59 -25.26
CA PRO G 336 43.43 -0.39 -25.92
C PRO G 336 44.07 -1.01 -27.14
N GLU G 337 43.60 -2.21 -27.47
CA GLU G 337 44.05 -2.92 -28.66
C GLU G 337 43.03 -2.87 -29.80
N ILE G 338 41.74 -2.92 -29.48
CA ILE G 338 40.69 -2.88 -30.49
C ILE G 338 39.64 -1.85 -30.09
N ALA G 339 38.87 -1.42 -31.10
CA ALA G 339 37.79 -0.47 -30.85
C ALA G 339 36.67 -1.14 -30.06
N GLU G 340 36.02 -0.36 -29.20
CA GLU G 340 34.98 -0.88 -28.32
C GLU G 340 33.60 -0.30 -28.59
N TYR G 341 33.47 1.02 -28.61
CA TYR G 341 32.15 1.65 -28.63
C TYR G 341 31.38 1.53 -29.95
N PRO G 342 32.03 1.54 -31.13
CA PRO G 342 31.24 1.22 -32.34
C PRO G 342 30.82 -0.23 -32.36
N ARG G 343 29.54 -0.47 -32.06
CA ARG G 343 28.96 -1.82 -32.00
C ARG G 343 28.06 -1.97 -33.21
N ARG G 344 28.64 -2.41 -34.32
CA ARG G 344 27.88 -2.51 -35.57
C ARG G 344 26.82 -3.60 -35.49
N TRP G 345 27.20 -4.79 -35.03
CA TRP G 345 26.31 -5.95 -35.12
C TRP G 345 25.16 -5.86 -34.13
N TYR G 346 25.44 -5.46 -32.89
CA TYR G 346 24.39 -5.33 -31.88
C TYR G 346 23.37 -4.27 -32.30
N ASN G 347 23.86 -3.12 -32.76
CA ASN G 347 22.97 -2.05 -33.20
C ASN G 347 22.15 -2.49 -34.41
N LEU G 348 22.78 -3.20 -35.36
CA LEU G 348 22.06 -3.69 -36.52
C LEU G 348 20.96 -4.66 -36.12
N ALA G 349 21.26 -5.58 -35.19
CA ALA G 349 20.26 -6.56 -34.77
C ALA G 349 19.09 -5.90 -34.06
N THR G 350 19.38 -4.99 -33.12
CA THR G 350 18.28 -4.36 -32.38
C THR G 350 17.46 -3.44 -33.29
N LEU G 351 18.11 -2.77 -34.24
CA LEU G 351 17.36 -1.93 -35.17
C LEU G 351 16.52 -2.79 -36.10
N LEU G 352 17.02 -3.97 -36.49
CA LEU G 352 16.22 -4.88 -37.30
C LEU G 352 14.99 -5.36 -36.55
N VAL G 353 15.15 -5.70 -35.26
CA VAL G 353 14.01 -6.13 -34.46
C VAL G 353 12.98 -5.02 -34.34
N VAL G 354 13.44 -3.80 -34.03
CA VAL G 354 12.54 -2.66 -33.89
C VAL G 354 11.84 -2.36 -35.20
N CYS G 355 12.57 -2.44 -36.31
CA CYS G 355 12.01 -2.16 -37.63
C CYS G 355 10.95 -3.19 -38.00
N CYS G 356 11.20 -4.47 -37.71
CA CYS G 356 10.21 -5.50 -37.99
C CYS G 356 8.95 -5.28 -37.15
N LEU G 357 9.12 -4.93 -35.88
CA LEU G 357 7.96 -4.64 -35.04
C LEU G 357 7.16 -3.45 -35.58
N ILE G 358 7.86 -2.40 -35.99
CA ILE G 358 7.19 -1.21 -36.52
C ILE G 358 6.43 -1.55 -37.79
N TYR G 359 7.05 -2.33 -38.69
CA TYR G 359 6.38 -2.71 -39.93
C TYR G 359 5.16 -3.57 -39.64
N GLY G 360 5.26 -4.50 -38.70
CA GLY G 360 4.10 -5.31 -38.34
C GLY G 360 2.96 -4.48 -37.80
N VAL G 361 3.27 -3.53 -36.91
CA VAL G 361 2.24 -2.68 -36.33
C VAL G 361 1.58 -1.83 -37.42
N VAL G 362 2.39 -1.25 -38.31
CA VAL G 362 1.85 -0.40 -39.37
C VAL G 362 0.97 -1.21 -40.32
N SER G 363 1.40 -2.42 -40.68
CA SER G 363 0.60 -3.26 -41.56
C SER G 363 -0.72 -3.65 -40.90
N LEU G 364 -0.69 -3.99 -39.61
CA LEU G 364 -1.91 -4.31 -38.91
C LEU G 364 -2.86 -3.12 -38.85
N VAL G 365 -2.32 -1.92 -38.62
CA VAL G 365 -3.15 -0.72 -38.56
C VAL G 365 -3.78 -0.44 -39.92
N VAL G 366 -3.00 -0.57 -41.00
CA VAL G 366 -3.57 -0.27 -42.32
C VAL G 366 -4.56 -1.34 -42.73
N ALA G 367 -4.38 -2.59 -42.30
CA ALA G 367 -5.38 -3.62 -42.56
C ALA G 367 -6.67 -3.34 -41.80
N THR G 368 -6.56 -2.88 -40.55
CA THR G 368 -7.74 -2.50 -39.78
C THR G 368 -8.47 -1.34 -40.44
N ILE G 369 -7.72 -0.37 -40.96
CA ILE G 369 -8.34 0.76 -41.67
C ILE G 369 -9.05 0.27 -42.93
N ARG G 370 -8.40 -0.62 -43.70
CA ARG G 370 -8.99 -1.13 -44.92
C ARG G 370 -10.17 -2.06 -44.65
N ASP G 371 -10.31 -2.56 -43.42
CA ASP G 371 -11.46 -3.39 -43.08
C ASP G 371 -12.78 -2.64 -43.26
N HIS G 372 -12.76 -1.31 -43.25
CA HIS G 372 -13.96 -0.50 -43.42
C HIS G 372 -14.28 -0.22 -44.88
N GLN G 373 -13.86 -1.10 -45.79
CA GLN G 373 -14.00 -0.82 -47.23
C GLN G 373 -15.46 -0.78 -47.66
N ASP G 374 -16.33 -1.55 -47.01
CA ASP G 374 -17.73 -1.58 -47.38
C ASP G 374 -18.44 -0.30 -46.94
N VAL H 22 14.35 -31.05 -30.17
CA VAL H 22 14.56 -31.18 -28.72
C VAL H 22 15.59 -32.26 -28.44
N TYR H 23 15.50 -33.38 -29.17
CA TYR H 23 16.42 -34.49 -28.94
C TYR H 23 17.82 -34.18 -29.47
N LEU H 24 17.91 -33.51 -30.61
CA LEU H 24 19.21 -33.15 -31.18
C LEU H 24 20.01 -32.20 -30.30
N PRO H 25 19.45 -31.10 -29.74
CA PRO H 25 20.24 -30.30 -28.80
C PRO H 25 20.72 -31.08 -27.59
N MET H 26 19.89 -31.99 -27.06
CA MET H 26 20.32 -32.83 -25.96
C MET H 26 21.46 -33.74 -26.37
N LEU H 27 21.38 -34.33 -27.56
CA LEU H 27 22.43 -35.21 -28.03
C LEU H 27 23.75 -34.46 -28.15
N VAL H 28 23.73 -33.28 -28.79
CA VAL H 28 24.99 -32.56 -29.00
C VAL H 28 25.54 -32.03 -27.68
N ALA H 29 24.66 -31.57 -26.78
CA ALA H 29 25.12 -31.10 -25.47
C ALA H 29 25.72 -32.23 -24.66
N THR H 30 25.09 -33.40 -24.66
CA THR H 30 25.60 -34.53 -23.90
C THR H 30 26.94 -35.01 -24.45
N VAL H 31 27.07 -35.11 -25.77
CA VAL H 31 28.34 -35.58 -26.32
C VAL H 31 29.45 -34.55 -26.10
N TYR H 32 29.10 -33.26 -26.16
CA TYR H 32 30.10 -32.23 -25.86
C TYR H 32 30.53 -32.28 -24.40
N PHE H 33 29.58 -32.46 -23.48
CA PHE H 33 29.92 -32.45 -22.06
C PHE H 33 30.70 -33.69 -21.66
N LEU H 34 30.34 -34.85 -22.19
CA LEU H 34 30.98 -36.10 -21.78
C LEU H 34 32.14 -36.50 -22.67
N VAL H 35 32.42 -35.77 -23.74
CA VAL H 35 33.53 -36.13 -24.62
C VAL H 35 34.48 -34.95 -24.77
N PHE H 36 33.94 -33.76 -25.01
CA PHE H 36 34.74 -32.61 -25.39
C PHE H 36 35.04 -31.66 -24.23
N SER H 37 34.15 -31.56 -23.25
CA SER H 37 34.31 -30.57 -22.19
C SER H 37 35.54 -30.87 -21.34
N ALA H 38 36.27 -29.82 -20.98
CA ALA H 38 37.51 -29.94 -20.22
C ALA H 38 37.27 -29.56 -18.76
N ASP H 39 37.94 -30.27 -17.86
CA ASP H 39 37.79 -30.03 -16.44
C ASP H 39 38.42 -28.69 -16.05
N ARG H 40 37.82 -28.04 -15.06
CA ARG H 40 38.29 -26.75 -14.56
C ARG H 40 38.34 -26.79 -13.04
N TYR H 41 39.55 -26.86 -12.48
CA TYR H 41 39.73 -26.94 -11.05
C TYR H 41 39.72 -25.55 -10.42
N VAL H 42 39.20 -25.47 -9.20
CA VAL H 42 38.97 -24.20 -8.51
C VAL H 42 39.74 -24.21 -7.19
N SER H 43 40.48 -23.14 -6.94
CA SER H 43 41.16 -22.93 -5.67
C SER H 43 40.52 -21.74 -4.96
N GLU H 44 40.27 -21.89 -3.66
CA GLU H 44 39.53 -20.91 -2.88
C GLU H 44 40.45 -20.25 -1.85
N SER H 45 40.33 -18.94 -1.72
CA SER H 45 41.02 -18.19 -0.69
C SER H 45 40.07 -17.18 -0.08
N VAL H 46 40.26 -16.89 1.21
CA VAL H 46 39.45 -15.92 1.93
C VAL H 46 40.38 -14.99 2.67
N ILE H 47 40.28 -13.69 2.39
CA ILE H 47 41.22 -12.69 2.88
C ILE H 47 40.45 -11.50 3.42
N THR H 48 41.21 -10.60 4.05
CA THR H 48 40.77 -9.27 4.47
C THR H 48 42.01 -8.46 4.81
N VAL H 49 41.89 -7.14 4.71
CA VAL H 49 43.00 -6.22 4.94
C VAL H 49 42.71 -5.42 6.19
N ARG H 50 43.74 -5.23 7.03
CA ARG H 50 43.60 -4.53 8.30
C ARG H 50 44.79 -3.63 8.57
N GLN H 51 44.50 -2.49 9.20
CA GLN H 51 45.55 -1.58 9.63
C GLN H 51 46.30 -2.17 10.81
N THR H 52 47.62 -2.32 10.66
CA THR H 52 48.42 -2.92 11.72
C THR H 52 48.51 -1.99 12.92
N SER H 53 48.85 -0.73 12.69
CA SER H 53 48.98 0.26 13.77
C SER H 53 48.97 1.68 13.23
N ALA H 74 37.67 2.11 8.19
CA ALA H 74 38.76 2.49 7.30
C ALA H 74 39.22 1.32 6.45
N SER H 75 39.12 0.11 7.01
CA SER H 75 39.54 -1.09 6.29
C SER H 75 38.62 -1.40 5.11
N ARG H 76 37.38 -0.93 5.16
CA ARG H 76 36.46 -1.15 4.04
C ARG H 76 36.94 -0.44 2.79
N GLU H 77 37.55 0.74 2.96
CA GLU H 77 38.09 1.46 1.81
C GLU H 77 39.18 0.66 1.11
N ASP H 78 40.16 0.17 1.87
CA ASP H 78 41.22 -0.63 1.27
C ASP H 78 40.69 -1.93 0.70
N THR H 79 39.66 -2.51 1.34
CA THR H 79 39.06 -3.74 0.81
C THR H 79 38.40 -3.49 -0.54
N CYS H 80 37.70 -2.36 -0.69
CA CYS H 80 37.05 -2.06 -1.96
C CYS H 80 38.07 -1.70 -3.03
N TYR H 81 39.15 -0.99 -2.65
CA TYR H 81 40.25 -0.77 -3.58
C TYR H 81 40.83 -2.08 -4.08
N LEU H 82 41.04 -3.04 -3.17
CA LEU H 82 41.54 -4.35 -3.58
C LEU H 82 40.56 -5.07 -4.49
N GLN H 83 39.26 -5.00 -4.16
CA GLN H 83 38.25 -5.67 -4.97
C GLN H 83 38.24 -5.13 -6.39
N THR H 84 38.37 -3.81 -6.54
CA THR H 84 38.52 -3.24 -7.88
C THR H 84 39.84 -3.69 -8.52
N TYR H 85 40.90 -3.75 -7.73
CA TYR H 85 42.24 -4.03 -8.28
C TYR H 85 42.37 -5.45 -8.80
N ILE H 86 41.64 -6.41 -8.23
CA ILE H 86 41.78 -7.80 -8.67
C ILE H 86 41.40 -7.94 -10.14
N HIS H 87 40.34 -7.25 -10.57
CA HIS H 87 39.85 -7.36 -11.93
C HIS H 87 40.40 -6.27 -12.84
N SER H 88 41.48 -5.61 -12.43
CA SER H 88 42.09 -4.56 -13.23
C SER H 88 42.93 -5.16 -14.35
N MET H 89 43.56 -4.30 -15.14
CA MET H 89 44.38 -4.73 -16.27
C MET H 89 45.87 -4.78 -15.95
N GLY H 90 46.37 -3.87 -15.10
CA GLY H 90 47.77 -3.94 -14.71
C GLY H 90 48.08 -5.19 -13.91
N LEU H 91 47.14 -5.60 -13.06
CA LEU H 91 47.31 -6.86 -12.33
C LEU H 91 47.33 -8.05 -13.30
N LEU H 92 46.47 -8.01 -14.32
CA LEU H 92 46.47 -9.09 -15.31
C LEU H 92 47.78 -9.11 -16.09
N GLN H 93 48.34 -7.94 -16.40
CA GLN H 93 49.63 -7.88 -17.08
C GLN H 93 50.73 -8.48 -16.21
N LYS H 94 50.74 -8.11 -14.93
CA LYS H 94 51.75 -8.65 -14.02
C LYS H 94 51.62 -10.18 -13.91
N LEU H 95 50.39 -10.67 -13.81
CA LEU H 95 50.15 -12.11 -13.80
C LEU H 95 50.57 -12.75 -15.11
N ASP H 96 50.46 -12.04 -16.23
CA ASP H 96 50.80 -12.62 -17.52
C ASP H 96 52.30 -12.79 -17.68
N GLN H 97 53.08 -11.77 -17.34
CA GLN H 97 54.53 -12.01 -17.36
C GLN H 97 55.04 -12.68 -16.10
N GLN H 98 54.18 -13.04 -15.15
CA GLN H 98 54.64 -13.89 -14.05
C GLN H 98 54.39 -15.37 -14.32
N LEU H 99 53.14 -15.75 -14.57
CA LEU H 99 52.76 -17.15 -14.68
C LEU H 99 52.41 -17.59 -16.11
N LYS H 100 52.34 -16.67 -17.06
CA LYS H 100 51.98 -16.96 -18.45
C LYS H 100 50.60 -17.62 -18.54
N LEU H 101 49.59 -16.84 -18.14
CA LEU H 101 48.21 -17.33 -18.19
C LEU H 101 47.74 -17.56 -19.62
N ARG H 102 48.30 -16.80 -20.58
CA ARG H 102 47.87 -16.93 -21.97
C ARG H 102 48.16 -18.31 -22.52
N GLU H 103 49.33 -18.86 -22.21
CA GLU H 103 49.66 -20.21 -22.67
C GLU H 103 48.84 -21.26 -21.91
N HIS H 104 48.67 -21.08 -20.61
CA HIS H 104 47.97 -22.09 -19.81
C HIS H 104 46.51 -22.20 -20.21
N PHE H 105 45.84 -21.07 -20.41
CA PHE H 105 44.42 -21.10 -20.72
C PHE H 105 44.13 -21.60 -22.14
N GLY H 106 45.15 -21.71 -22.99
CA GLY H 106 44.99 -22.25 -24.32
C GLY H 106 45.45 -23.69 -24.47
N THR H 107 45.96 -24.31 -23.41
CA THR H 107 46.41 -25.70 -23.50
C THR H 107 45.31 -26.69 -23.90
N PRO H 108 44.06 -26.60 -23.44
CA PRO H 108 43.04 -27.49 -24.00
C PRO H 108 42.82 -27.21 -25.47
N LEU H 109 42.49 -28.27 -26.22
CA LEU H 109 42.21 -28.16 -27.64
C LEU H 109 40.85 -28.71 -28.04
N ARG H 110 40.22 -29.53 -27.20
CA ARG H 110 38.94 -30.14 -27.51
C ARG H 110 37.77 -29.44 -26.83
N ASP H 111 38.01 -28.28 -26.21
CA ASP H 111 36.97 -27.53 -25.51
C ASP H 111 36.95 -26.10 -26.03
N PRO H 112 36.44 -25.89 -27.25
CA PRO H 112 36.47 -24.54 -27.83
C PRO H 112 35.60 -23.52 -27.11
N LEU H 113 34.63 -23.97 -26.29
CA LEU H 113 33.76 -23.03 -25.60
C LEU H 113 34.51 -22.30 -24.48
N PHE H 114 35.34 -23.02 -23.73
CA PHE H 114 36.09 -22.46 -22.60
C PHE H 114 37.58 -22.41 -22.90
N ARG H 115 37.93 -22.07 -24.13
CA ARG H 115 39.32 -22.02 -24.58
C ARG H 115 39.71 -20.58 -24.88
N LEU H 116 40.93 -20.22 -24.47
CA LEU H 116 41.50 -18.92 -24.82
C LEU H 116 42.19 -19.08 -26.17
N TRP H 117 41.50 -18.68 -27.23
CA TRP H 117 41.99 -18.88 -28.57
C TRP H 117 43.24 -18.05 -28.83
N GLY H 118 44.07 -18.53 -29.75
CA GLY H 118 45.27 -17.79 -30.11
C GLY H 118 44.96 -16.53 -30.90
N GLY H 119 45.76 -15.51 -30.65
CA GLY H 119 45.60 -14.25 -31.36
C GLY H 119 44.38 -13.45 -30.97
N THR H 120 43.82 -13.68 -29.79
CA THR H 120 42.69 -12.90 -29.33
C THR H 120 43.13 -11.52 -28.85
N SER H 121 42.17 -10.61 -28.76
CA SER H 121 42.47 -9.24 -28.38
C SER H 121 42.76 -9.14 -26.89
N GLN H 122 43.36 -8.01 -26.52
CA GLN H 122 43.65 -7.74 -25.12
C GLN H 122 42.37 -7.59 -24.30
N GLU H 123 41.36 -6.94 -24.87
CA GLU H 123 40.10 -6.74 -24.16
C GLU H 123 39.37 -8.07 -23.94
N TRP H 124 39.36 -8.94 -24.94
CA TRP H 124 38.74 -10.24 -24.77
C TRP H 124 39.52 -11.10 -23.78
N PHE H 125 40.85 -10.98 -23.77
CA PHE H 125 41.65 -11.68 -22.77
C PHE H 125 41.31 -11.20 -21.36
N LEU H 126 41.13 -9.89 -21.20
CA LEU H 126 40.73 -9.35 -19.90
C LEU H 126 39.35 -9.87 -19.49
N GLU H 127 38.41 -9.93 -20.44
CA GLU H 127 37.09 -10.46 -20.14
C GLU H 127 37.17 -11.94 -19.74
N TYR H 128 38.00 -12.71 -20.44
CA TYR H 128 38.19 -14.12 -20.09
C TYR H 128 38.78 -14.28 -18.69
N TYR H 129 39.78 -13.45 -18.35
CA TYR H 129 40.38 -13.52 -17.03
C TYR H 129 39.36 -13.13 -15.95
N ARG H 130 38.53 -12.12 -16.23
CA ARG H 130 37.49 -11.74 -15.28
C ARG H 130 36.48 -12.87 -15.09
N SER H 131 36.18 -13.60 -16.17
CA SER H 131 35.26 -14.73 -16.06
C SER H 131 35.88 -15.86 -15.25
N ARG H 132 37.19 -16.08 -15.40
CA ARG H 132 37.84 -17.20 -14.73
C ARG H 132 38.07 -16.96 -13.24
N VAL H 133 38.31 -15.71 -12.84
CA VAL H 133 38.59 -15.37 -11.44
C VAL H 133 37.36 -14.69 -10.87
N GLU H 134 36.78 -15.29 -9.83
CA GLU H 134 35.56 -14.79 -9.21
C GLU H 134 35.90 -14.17 -7.86
N VAL H 135 35.41 -12.95 -7.63
CA VAL H 135 35.64 -12.22 -6.40
C VAL H 135 34.29 -11.93 -5.76
N LEU H 136 34.12 -12.38 -4.52
CA LEU H 136 32.91 -12.14 -3.75
C LEU H 136 33.26 -11.36 -2.49
N MET H 137 32.30 -10.56 -2.01
CA MET H 137 32.51 -9.71 -0.86
C MET H 137 31.38 -9.90 0.14
N ASP H 138 31.74 -10.11 1.41
CA ASP H 138 30.78 -10.14 2.50
C ASP H 138 30.98 -8.88 3.32
N ASP H 139 30.01 -7.95 3.23
CA ASP H 139 30.15 -6.64 3.85
C ASP H 139 29.91 -6.71 5.36
N ILE H 140 28.98 -7.55 5.81
CA ILE H 140 28.71 -7.64 7.25
C ILE H 140 29.88 -8.23 8.01
N CYS H 141 30.78 -8.95 7.33
CA CYS H 141 32.04 -9.37 7.91
C CYS H 141 33.24 -8.69 7.28
N GLY H 142 33.08 -8.07 6.11
CA GLY H 142 34.20 -7.43 5.43
C GLY H 142 35.24 -8.42 4.96
N LEU H 143 34.81 -9.54 4.36
CA LEU H 143 35.71 -10.59 3.93
C LEU H 143 35.63 -10.77 2.42
N LEU H 144 36.78 -10.94 1.78
CA LEU H 144 36.86 -11.08 0.33
C LEU H 144 37.22 -12.51 -0.02
N THR H 145 36.38 -13.16 -0.81
CA THR H 145 36.60 -14.53 -1.25
C THR H 145 37.03 -14.52 -2.71
N VAL H 146 38.14 -15.20 -2.99
CA VAL H 146 38.69 -15.29 -4.34
C VAL H 146 38.67 -16.75 -4.76
N ARG H 147 37.97 -17.04 -5.85
CA ARG H 147 37.93 -18.38 -6.44
C ARG H 147 38.62 -18.32 -7.79
N VAL H 148 39.65 -19.13 -7.96
CA VAL H 148 40.47 -19.12 -9.17
C VAL H 148 40.23 -20.43 -9.92
N GLN H 149 39.84 -20.32 -11.18
CA GLN H 149 39.64 -21.48 -12.03
C GLN H 149 40.94 -21.84 -12.75
N GLY H 150 40.94 -23.01 -13.37
CA GLY H 150 42.12 -23.47 -14.08
C GLY H 150 42.01 -24.94 -14.48
N PHE H 151 42.66 -25.31 -15.58
CA PHE H 151 42.62 -26.69 -16.04
C PHE H 151 43.60 -27.59 -15.29
N GLU H 152 44.42 -27.03 -14.41
CA GLU H 152 45.35 -27.80 -13.61
C GLU H 152 45.30 -27.23 -12.19
N PRO H 153 45.11 -28.09 -11.17
CA PRO H 153 44.99 -27.57 -9.80
C PRO H 153 46.21 -26.83 -9.31
N GLU H 154 47.41 -27.28 -9.68
CA GLU H 154 48.63 -26.61 -9.24
C GLU H 154 48.70 -25.20 -9.80
N PHE H 155 48.36 -25.02 -11.07
CA PHE H 155 48.40 -23.68 -11.67
C PHE H 155 47.33 -22.78 -11.06
N ALA H 156 46.16 -23.34 -10.73
CA ALA H 156 45.12 -22.55 -10.09
C ALA H 156 45.57 -22.07 -8.71
N GLN H 157 46.18 -22.95 -7.93
CA GLN H 157 46.69 -22.55 -6.62
C GLN H 157 47.80 -21.50 -6.75
N ALA H 158 48.70 -21.69 -7.72
CA ALA H 158 49.76 -20.72 -7.95
C ALA H 158 49.19 -19.36 -8.36
N LEU H 159 48.16 -19.37 -9.20
CA LEU H 159 47.52 -18.13 -9.62
C LEU H 159 46.87 -17.42 -8.43
N ASN H 160 46.19 -18.18 -7.56
CA ASN H 160 45.59 -17.57 -6.38
C ASN H 160 46.65 -16.96 -5.47
N ARG H 161 47.75 -17.68 -5.25
CA ARG H 161 48.82 -17.16 -4.40
C ARG H 161 49.45 -15.91 -5.00
N ALA H 162 49.65 -15.91 -6.31
CA ALA H 162 50.19 -14.72 -6.98
C ALA H 162 49.24 -13.54 -6.85
N ILE H 163 47.94 -13.79 -6.99
CA ILE H 163 46.95 -12.73 -6.82
C ILE H 163 47.03 -12.16 -5.41
N LEU H 164 47.13 -13.03 -4.41
CA LEU H 164 47.18 -12.57 -3.02
C LEU H 164 48.43 -11.72 -2.76
N GLU H 165 49.59 -12.21 -3.21
CA GLU H 165 50.82 -11.47 -2.93
C GLU H 165 50.87 -10.16 -3.70
N GLU H 166 50.36 -10.14 -4.93
CA GLU H 166 50.30 -8.90 -5.68
C GLU H 166 49.32 -7.91 -5.06
N SER H 167 48.22 -8.41 -4.49
CA SER H 167 47.28 -7.53 -3.79
C SER H 167 47.93 -6.90 -2.57
N GLU H 168 48.67 -7.70 -1.79
CA GLU H 168 49.36 -7.16 -0.63
C GLU H 168 50.40 -6.12 -1.04
N ARG H 169 51.17 -6.42 -2.09
CA ARG H 169 52.17 -5.46 -2.57
C ARG H 169 51.51 -4.19 -3.09
N PHE H 170 50.35 -4.31 -3.76
CA PHE H 170 49.66 -3.14 -4.25
C PHE H 170 49.14 -2.27 -3.11
N VAL H 171 48.60 -2.89 -2.06
CA VAL H 171 48.15 -2.12 -0.90
C VAL H 171 49.32 -1.38 -0.28
N ASN H 172 50.46 -2.08 -0.11
CA ASN H 172 51.64 -1.46 0.47
C ASN H 172 52.13 -0.30 -0.38
N GLU H 173 52.17 -0.48 -1.71
CA GLU H 173 52.68 0.57 -2.58
C GLU H 173 51.72 1.75 -2.66
N LEU H 174 50.41 1.48 -2.65
CA LEU H 174 49.43 2.56 -2.67
C LEU H 174 49.49 3.38 -1.40
N SER H 175 49.80 2.76 -0.26
CA SER H 175 50.03 3.56 0.94
C SER H 175 51.37 4.28 0.89
N HIS H 176 52.39 3.62 0.34
CA HIS H 176 53.75 4.18 0.37
C HIS H 176 53.90 5.37 -0.56
N ARG H 177 53.13 5.42 -1.65
CA ARG H 177 53.23 6.59 -2.53
C ARG H 177 52.73 7.85 -1.83
N MET H 178 51.58 7.75 -1.15
CA MET H 178 51.12 8.85 -0.31
C MET H 178 52.06 9.09 0.86
N ALA H 179 52.77 8.04 1.31
CA ALA H 179 53.73 8.21 2.40
C ALA H 179 54.90 9.08 1.98
N ARG H 180 55.53 8.78 0.84
CA ARG H 180 56.73 9.53 0.49
C ARG H 180 56.45 10.70 -0.45
N GLU H 181 55.19 10.95 -0.82
CA GLU H 181 54.87 12.19 -1.52
C GLU H 181 55.17 13.41 -0.68
N GLN H 182 55.13 13.27 0.66
CA GLN H 182 55.51 14.38 1.52
C GLN H 182 56.98 14.72 1.37
N GLY H 183 57.84 13.71 1.27
CA GLY H 183 59.27 13.92 1.12
C GLY H 183 59.65 14.46 -0.24
N LYS H 323 55.91 -0.56 5.27
CA LYS H 323 55.12 -1.69 5.75
C LYS H 323 54.22 -1.28 6.91
N LEU H 324 52.97 -0.93 6.59
CA LEU H 324 52.00 -0.60 7.63
C LEU H 324 50.62 -1.20 7.43
N LYS H 325 50.25 -1.67 6.24
CA LYS H 325 48.97 -2.32 6.00
C LYS H 325 49.24 -3.74 5.51
N SER H 326 48.89 -4.72 6.34
CA SER H 326 49.14 -6.13 6.05
C SER H 326 47.82 -6.84 5.80
N LEU H 327 47.83 -7.74 4.83
CA LEU H 327 46.66 -8.53 4.47
C LEU H 327 46.73 -9.87 5.18
N VAL H 328 45.74 -10.16 6.00
CA VAL H 328 45.69 -11.43 6.72
C VAL H 328 44.87 -12.42 5.92
N VAL H 329 45.22 -13.69 6.03
CA VAL H 329 44.60 -14.76 5.25
C VAL H 329 43.77 -15.60 6.20
N VAL H 330 42.44 -15.41 6.17
CA VAL H 330 41.56 -16.26 6.95
C VAL H 330 41.61 -17.70 6.42
N GLU H 331 41.56 -17.87 5.11
CA GLU H 331 41.71 -19.18 4.49
C GLU H 331 42.74 -19.07 3.36
N PRO H 332 43.90 -19.71 3.51
CA PRO H 332 44.91 -19.68 2.45
C PRO H 332 44.44 -20.46 1.24
N PRO H 333 45.03 -20.23 0.07
CA PRO H 333 44.62 -20.97 -1.13
C PRO H 333 44.79 -22.47 -0.96
N VAL H 334 43.79 -23.22 -1.41
CA VAL H 334 43.77 -24.66 -1.25
C VAL H 334 44.16 -25.31 -2.57
N LEU H 335 44.58 -26.57 -2.49
CA LEU H 335 44.94 -27.33 -3.67
C LEU H 335 43.81 -28.29 -3.99
N PRO H 336 43.01 -28.03 -5.02
CA PRO H 336 41.87 -28.89 -5.30
C PRO H 336 42.31 -30.25 -5.82
N GLU H 337 41.43 -31.23 -5.63
CA GLU H 337 41.66 -32.60 -6.09
C GLU H 337 40.80 -32.98 -7.29
N ILE H 338 39.57 -32.48 -7.37
CA ILE H 338 38.67 -32.79 -8.47
C ILE H 338 38.11 -31.49 -9.04
N ALA H 339 37.63 -31.57 -10.26
CA ALA H 339 37.02 -30.41 -10.91
C ALA H 339 35.67 -30.08 -10.27
N GLU H 340 35.35 -28.79 -10.26
CA GLU H 340 34.13 -28.31 -9.62
C GLU H 340 33.17 -27.65 -10.59
N TYR H 341 33.64 -26.70 -11.39
CA TYR H 341 32.75 -25.87 -12.21
C TYR H 341 32.13 -26.59 -13.42
N PRO H 342 32.83 -27.51 -14.12
CA PRO H 342 32.13 -28.26 -15.17
C PRO H 342 31.11 -29.24 -14.62
N ARG H 343 30.02 -28.72 -14.05
CA ARG H 343 28.94 -29.53 -13.50
C ARG H 343 28.09 -30.01 -14.67
N ARG H 344 28.44 -31.18 -15.20
CA ARG H 344 27.78 -31.68 -16.41
C ARG H 344 26.33 -32.05 -16.14
N TRP H 345 26.08 -32.82 -15.08
CA TRP H 345 24.72 -33.30 -14.81
C TRP H 345 23.78 -32.17 -14.45
N TYR H 346 24.24 -31.21 -13.64
CA TYR H 346 23.39 -30.09 -13.25
C TYR H 346 23.04 -29.22 -14.45
N ASN H 347 24.01 -28.95 -15.32
CA ASN H 347 23.73 -28.17 -16.52
C ASN H 347 22.81 -28.92 -17.47
N LEU H 348 22.98 -30.24 -17.58
CA LEU H 348 22.08 -31.03 -18.40
C LEU H 348 20.65 -30.98 -17.88
N ALA H 349 20.48 -31.07 -16.56
CA ALA H 349 19.15 -30.96 -15.97
C ALA H 349 18.56 -29.58 -16.19
N THR H 350 19.38 -28.53 -16.06
CA THR H 350 18.91 -27.18 -16.29
C THR H 350 18.47 -26.98 -17.73
N LEU H 351 19.21 -27.57 -18.68
CA LEU H 351 18.77 -27.56 -20.07
C LEU H 351 17.49 -28.36 -20.27
N LEU H 352 17.32 -29.45 -19.51
CA LEU H 352 16.09 -30.22 -19.59
C LEU H 352 14.90 -29.43 -19.06
N VAL H 353 15.13 -28.51 -18.13
CA VAL H 353 14.07 -27.61 -17.71
C VAL H 353 13.60 -26.76 -18.87
N VAL H 354 14.53 -26.21 -19.64
CA VAL H 354 14.18 -25.44 -20.83
C VAL H 354 14.18 -26.32 -22.07
N VAL I 9 -1.83 -44.84 -18.82
CA VAL I 9 -3.08 -45.13 -18.13
C VAL I 9 -3.39 -46.62 -18.19
N SER I 10 -2.46 -47.39 -18.78
CA SER I 10 -2.65 -48.84 -18.87
C SER I 10 -2.67 -49.49 -17.49
N ARG I 11 -1.76 -49.09 -16.61
CA ARG I 11 -1.70 -49.59 -15.24
C ARG I 11 -2.16 -48.53 -14.25
N LEU I 12 -3.15 -47.74 -14.63
CA LEU I 12 -3.69 -46.68 -13.79
C LEU I 12 -4.60 -47.19 -12.69
N THR I 13 -4.66 -48.51 -12.47
CA THR I 13 -5.46 -49.06 -11.39
C THR I 13 -4.95 -48.59 -10.04
N ALA I 14 -5.86 -48.44 -9.09
CA ALA I 14 -5.49 -47.91 -7.78
C ALA I 14 -4.54 -48.84 -7.04
N LYS I 15 -4.78 -50.16 -7.13
CA LYS I 15 -4.03 -51.11 -6.33
C LYS I 15 -2.55 -51.12 -6.69
N ARG I 16 -2.23 -51.44 -7.94
CA ARG I 16 -0.83 -51.58 -8.34
C ARG I 16 -0.09 -50.26 -8.28
N LEU I 17 -0.72 -49.18 -8.75
CA LEU I 17 -0.06 -47.88 -8.77
C LEU I 17 0.15 -47.35 -7.37
N GLN I 18 -0.81 -47.58 -6.46
CA GLN I 18 -0.63 -47.15 -5.07
C GLN I 18 0.41 -48.01 -4.39
N TRP I 19 0.49 -49.29 -4.73
CA TRP I 19 1.55 -50.15 -4.23
C TRP I 19 2.92 -49.62 -4.63
N ALA I 20 3.08 -49.28 -5.91
CA ALA I 20 4.40 -48.90 -6.42
C ALA I 20 4.80 -47.50 -5.99
N LEU I 21 3.87 -46.55 -6.00
CA LEU I 21 4.23 -45.16 -5.76
C LEU I 21 4.49 -44.87 -4.28
N VAL I 22 3.71 -45.46 -3.39
CA VAL I 22 3.68 -45.06 -1.98
C VAL I 22 4.39 -46.06 -1.09
N TYR I 23 3.92 -47.32 -1.07
CA TYR I 23 4.31 -48.24 0.00
C TYR I 23 5.76 -48.69 -0.11
N LEU I 24 6.27 -48.92 -1.33
CA LEU I 24 7.66 -49.37 -1.45
C LEU I 24 8.67 -48.37 -0.91
N PRO I 25 8.61 -47.06 -1.22
CA PRO I 25 9.53 -46.12 -0.55
C PRO I 25 9.40 -46.10 0.96
N MET I 26 8.17 -46.18 1.49
CA MET I 26 8.01 -46.19 2.93
C MET I 26 8.64 -47.43 3.56
N LEU I 27 8.44 -48.60 2.95
CA LEU I 27 9.03 -49.82 3.49
C LEU I 27 10.55 -49.77 3.43
N VAL I 28 11.13 -49.33 2.32
CA VAL I 28 12.59 -49.33 2.24
C VAL I 28 13.18 -48.30 3.20
N ALA I 29 12.52 -47.15 3.35
CA ALA I 29 12.98 -46.15 4.31
C ALA I 29 12.86 -46.65 5.74
N THR I 30 11.77 -47.36 6.05
CA THR I 30 11.57 -47.88 7.39
C THR I 30 12.63 -48.92 7.75
N VAL I 31 12.89 -49.86 6.84
CA VAL I 31 13.92 -50.85 7.14
C VAL I 31 15.31 -50.22 7.19
N TYR I 32 15.58 -49.20 6.37
CA TYR I 32 16.87 -48.52 6.45
C TYR I 32 17.02 -47.80 7.78
N PHE I 33 15.97 -47.12 8.24
CA PHE I 33 16.07 -46.33 9.47
C PHE I 33 16.13 -47.22 10.70
N LEU I 34 15.31 -48.28 10.74
CA LEU I 34 15.20 -49.10 11.94
C LEU I 34 16.14 -50.30 11.94
N VAL I 35 16.87 -50.55 10.85
CA VAL I 35 17.78 -51.68 10.76
C VAL I 35 19.20 -51.23 10.42
N PHE I 36 19.35 -50.43 9.36
CA PHE I 36 20.65 -50.11 8.80
C PHE I 36 21.23 -48.80 9.29
N SER I 37 20.39 -47.77 9.47
CA SER I 37 20.90 -46.44 9.79
C SER I 37 21.57 -46.41 11.16
N ALA I 38 22.75 -45.80 11.21
CA ALA I 38 23.48 -45.62 12.46
C ALA I 38 23.08 -44.29 13.10
N ASP I 39 23.49 -44.12 14.36
CA ASP I 39 23.14 -42.94 15.13
C ASP I 39 24.36 -42.06 15.36
N ARG I 40 24.11 -40.76 15.53
CA ARG I 40 25.17 -39.75 15.62
C ARG I 40 24.95 -38.91 16.87
N TYR I 41 25.82 -39.08 17.87
CA TYR I 41 25.77 -38.28 19.07
C TYR I 41 26.25 -36.86 18.78
N VAL I 42 25.61 -35.89 19.43
CA VAL I 42 25.87 -34.47 19.19
C VAL I 42 26.44 -33.85 20.46
N SER I 43 27.57 -33.16 20.31
CA SER I 43 28.18 -32.40 21.40
C SER I 43 28.04 -30.91 21.10
N GLU I 44 27.56 -30.15 22.07
CA GLU I 44 27.25 -28.75 21.89
C GLU I 44 28.16 -27.87 22.74
N SER I 45 28.58 -26.75 22.17
CA SER I 45 29.35 -25.76 22.91
C SER I 45 28.89 -24.37 22.50
N VAL I 46 28.98 -23.43 23.44
CA VAL I 46 28.59 -22.04 23.19
C VAL I 46 29.73 -21.14 23.63
N ILE I 47 30.23 -20.31 22.70
CA ILE I 47 31.43 -19.53 22.91
C ILE I 47 31.22 -18.11 22.39
N THR I 48 32.18 -17.25 22.74
CA THR I 48 32.29 -15.90 22.22
C THR I 48 33.72 -15.43 22.43
N VAL I 49 34.08 -14.33 21.76
CA VAL I 49 35.44 -13.80 21.77
C VAL I 49 35.42 -12.45 22.46
N ARG I 50 36.32 -12.26 23.41
CA ARG I 50 36.42 -11.01 24.16
C ARG I 50 37.85 -10.48 24.10
N GLN I 51 37.96 -9.16 24.17
CA GLN I 51 39.26 -8.50 24.11
C GLN I 51 39.90 -8.46 25.49
N THR I 52 41.20 -8.78 25.54
CA THR I 52 41.94 -8.71 26.78
C THR I 52 42.29 -7.26 27.10
N SER I 53 42.69 -7.02 28.35
CA SER I 53 43.06 -5.68 28.80
C SER I 53 44.28 -5.14 28.07
N ALA I 74 34.33 -4.52 17.13
CA ALA I 74 35.54 -5.21 16.68
C ALA I 74 35.50 -6.69 17.06
N SER I 75 34.79 -7.00 18.15
CA SER I 75 34.65 -8.39 18.57
C SER I 75 33.85 -9.20 17.56
N ARG I 76 32.82 -8.59 16.97
CA ARG I 76 32.03 -9.29 15.96
C ARG I 76 32.86 -9.60 14.72
N GLU I 77 33.90 -8.80 14.44
CA GLU I 77 34.78 -9.10 13.33
C GLU I 77 35.51 -10.41 13.55
N ASP I 78 36.07 -10.61 14.76
CA ASP I 78 36.74 -11.86 15.04
C ASP I 78 35.76 -13.01 15.20
N THR I 79 34.53 -12.73 15.61
CA THR I 79 33.51 -13.77 15.65
C THR I 79 33.20 -14.27 14.24
N CYS I 80 33.07 -13.35 13.28
CA CYS I 80 32.89 -13.75 11.89
C CYS I 80 34.12 -14.46 11.34
N TYR I 81 35.31 -14.01 11.74
CA TYR I 81 36.55 -14.70 11.38
C TYR I 81 36.50 -16.15 11.83
N LEU I 82 36.09 -16.38 13.09
CA LEU I 82 36.00 -17.74 13.60
C LEU I 82 34.92 -18.54 12.88
N GLN I 83 33.79 -17.92 12.58
CA GLN I 83 32.73 -18.63 11.87
C GLN I 83 33.20 -19.09 10.51
N THR I 84 33.95 -18.25 9.80
CA THR I 84 34.50 -18.67 8.50
C THR I 84 35.62 -19.69 8.68
N TYR I 85 36.42 -19.56 9.74
CA TYR I 85 37.59 -20.42 9.91
C TYR I 85 37.21 -21.84 10.33
N ILE I 86 36.13 -21.99 11.09
CA ILE I 86 35.72 -23.34 11.50
C ILE I 86 35.31 -24.17 10.29
N HIS I 87 34.61 -23.55 9.34
CA HIS I 87 34.21 -24.21 8.12
C HIS I 87 35.25 -24.09 7.01
N SER I 88 36.50 -23.78 7.35
CA SER I 88 37.56 -23.65 6.37
C SER I 88 38.13 -25.04 6.06
N MET I 89 39.25 -25.07 5.35
CA MET I 89 39.85 -26.33 4.90
C MET I 89 41.13 -26.65 5.65
N GLY I 90 41.94 -25.63 5.97
CA GLY I 90 43.15 -25.88 6.73
C GLY I 90 42.87 -26.41 8.13
N LEU I 91 41.81 -25.92 8.76
CA LEU I 91 41.39 -26.47 10.04
C LEU I 91 41.00 -27.94 9.90
N LEU I 92 40.38 -28.30 8.77
CA LEU I 92 40.07 -29.71 8.53
C LEU I 92 41.34 -30.54 8.42
N GLN I 93 42.39 -30.00 7.79
CA GLN I 93 43.66 -30.70 7.73
C GLN I 93 44.25 -30.90 9.12
N LYS I 94 44.20 -29.86 9.96
CA LYS I 94 44.73 -29.98 11.32
C LYS I 94 43.94 -31.01 12.13
N LEU I 95 42.61 -30.98 12.01
CA LEU I 95 41.77 -31.92 12.75
C LEU I 95 41.98 -33.35 12.28
N ASP I 96 42.14 -33.56 10.97
CA ASP I 96 42.41 -34.90 10.45
C ASP I 96 43.77 -35.39 10.90
N GLN I 97 44.77 -34.50 10.92
CA GLN I 97 46.08 -34.89 11.41
C GLN I 97 46.06 -35.23 12.89
N GLN I 98 45.21 -34.55 13.66
CA GLN I 98 45.17 -34.76 15.10
C GLN I 98 44.35 -36.00 15.48
N LEU I 99 43.06 -35.98 15.16
CA LEU I 99 42.12 -36.98 15.66
C LEU I 99 41.80 -38.09 14.68
N LYS I 100 42.42 -38.09 13.50
CA LYS I 100 42.12 -39.05 12.43
C LYS I 100 40.62 -39.08 12.12
N LEU I 101 40.12 -37.94 11.64
CA LEU I 101 38.70 -37.81 11.36
C LEU I 101 38.24 -38.76 10.26
N ARG I 102 39.05 -38.88 9.19
CA ARG I 102 38.65 -39.72 8.06
C ARG I 102 38.62 -41.19 8.43
N GLU I 103 39.44 -41.61 9.40
CA GLU I 103 39.39 -42.99 9.85
C GLU I 103 38.16 -43.25 10.71
N HIS I 104 37.81 -42.31 11.58
CA HIS I 104 36.66 -42.51 12.46
C HIS I 104 35.35 -42.44 11.70
N PHE I 105 35.22 -41.52 10.76
CA PHE I 105 33.93 -41.30 10.12
C PHE I 105 33.53 -42.42 9.17
N GLY I 106 34.42 -43.35 8.87
CA GLY I 106 34.12 -44.47 8.01
C GLY I 106 33.86 -45.79 8.71
N THR I 107 33.74 -45.80 10.04
CA THR I 107 33.59 -47.04 10.78
C THR I 107 32.19 -47.68 10.68
N PRO I 108 31.06 -46.94 10.61
CA PRO I 108 29.79 -47.63 10.41
C PRO I 108 29.64 -48.18 8.99
N LEU I 109 29.78 -49.49 8.84
CA LEU I 109 29.76 -50.12 7.52
C LEU I 109 28.36 -50.50 7.06
N ARG I 110 27.34 -50.41 7.93
CA ARG I 110 25.98 -50.78 7.57
C ARG I 110 25.10 -49.56 7.32
N ASP I 111 25.70 -48.38 7.16
CA ASP I 111 24.97 -47.14 6.90
C ASP I 111 25.56 -46.50 5.65
N PRO I 112 25.14 -46.95 4.46
CA PRO I 112 25.76 -46.45 3.22
C PRO I 112 25.51 -44.96 2.96
N LEU I 113 24.56 -44.33 3.63
CA LEU I 113 24.23 -42.94 3.33
C LEU I 113 25.06 -41.96 4.15
N PHE I 114 25.11 -42.15 5.47
CA PHE I 114 25.76 -41.18 6.36
C PHE I 114 27.21 -41.53 6.68
N ARG I 115 27.75 -42.60 6.11
CA ARG I 115 29.15 -42.94 6.35
C ARG I 115 30.04 -42.25 5.32
N LEU I 116 31.30 -42.05 5.70
CA LEU I 116 32.28 -41.42 4.82
C LEU I 116 33.03 -42.53 4.09
N TRP I 117 32.72 -42.71 2.80
CA TRP I 117 33.35 -43.76 2.01
C TRP I 117 34.84 -43.49 1.84
N GLY I 118 35.62 -44.57 1.80
CA GLY I 118 37.04 -44.43 1.63
C GLY I 118 37.41 -44.04 0.22
N GLY I 119 38.53 -43.33 0.09
CA GLY I 119 39.02 -42.91 -1.21
C GLY I 119 38.27 -41.76 -1.84
N THR I 120 37.41 -41.09 -1.09
CA THR I 120 36.64 -39.98 -1.64
C THR I 120 37.52 -38.76 -1.86
N SER I 121 37.00 -37.80 -2.61
CA SER I 121 37.73 -36.59 -2.93
C SER I 121 37.85 -35.70 -1.70
N GLN I 122 38.86 -34.81 -1.74
CA GLN I 122 39.05 -33.86 -0.65
C GLN I 122 37.88 -32.88 -0.56
N GLU I 123 37.33 -32.47 -1.70
CA GLU I 123 36.17 -31.58 -1.69
C GLU I 123 34.96 -32.24 -1.06
N TRP I 124 34.72 -33.51 -1.39
CA TRP I 124 33.62 -34.23 -0.76
C TRP I 124 33.87 -34.42 0.73
N PHE I 125 35.13 -34.62 1.12
CA PHE I 125 35.46 -34.68 2.54
C PHE I 125 35.12 -33.36 3.23
N LEU I 126 35.42 -32.23 2.59
CA LEU I 126 35.10 -30.94 3.17
C LEU I 126 33.59 -30.74 3.28
N GLU I 127 32.85 -31.17 2.26
CA GLU I 127 31.38 -31.08 2.32
C GLU I 127 30.83 -31.95 3.44
N TYR I 128 31.36 -33.15 3.60
CA TYR I 128 30.91 -34.04 4.68
C TYR I 128 31.20 -33.44 6.05
N TYR I 129 32.40 -32.88 6.22
CA TYR I 129 32.75 -32.25 7.50
C TYR I 129 31.86 -31.06 7.78
N ARG I 130 31.57 -30.25 6.75
CA ARG I 130 30.67 -29.12 6.93
C ARG I 130 29.26 -29.57 7.28
N SER I 131 28.84 -30.72 6.75
CA SER I 131 27.54 -31.25 7.11
C SER I 131 27.51 -31.74 8.56
N ARG I 132 28.59 -32.37 9.02
CA ARG I 132 28.59 -32.93 10.37
C ARG I 132 28.71 -31.85 11.44
N VAL I 133 29.56 -30.85 11.23
CA VAL I 133 29.79 -29.79 12.20
C VAL I 133 28.96 -28.58 11.80
N GLU I 134 28.09 -28.13 12.71
CA GLU I 134 27.18 -27.02 12.45
C GLU I 134 27.57 -25.84 13.33
N VAL I 135 27.68 -24.67 12.71
CA VAL I 135 28.01 -23.43 13.41
C VAL I 135 26.83 -22.48 13.25
N LEU I 136 26.30 -22.00 14.37
CA LEU I 136 25.20 -21.05 14.39
C LEU I 136 25.66 -19.78 15.07
N MET I 137 25.21 -18.63 14.56
CA MET I 137 25.61 -17.34 15.08
C MET I 137 24.38 -16.55 15.50
N ASP I 138 24.41 -16.01 16.71
CA ASP I 138 23.35 -15.14 17.22
C ASP I 138 23.97 -13.75 17.35
N ASP I 139 23.52 -12.82 16.51
CA ASP I 139 24.13 -11.50 16.42
C ASP I 139 23.74 -10.58 17.56
N ILE I 140 22.53 -10.71 18.09
CA ILE I 140 22.06 -9.79 19.12
C ILE I 140 22.88 -9.93 20.39
N CYS I 141 23.24 -11.16 20.76
CA CYS I 141 24.15 -11.40 21.87
C CYS I 141 25.57 -11.72 21.42
N GLY I 142 25.78 -11.92 20.12
CA GLY I 142 27.10 -12.21 19.59
C GLY I 142 27.68 -13.52 20.07
N LEU I 143 26.88 -14.59 20.04
CA LEU I 143 27.28 -15.88 20.56
C LEU I 143 27.35 -16.91 19.43
N LEU I 144 28.36 -17.78 19.50
CA LEU I 144 28.57 -18.80 18.49
C LEU I 144 28.31 -20.17 19.11
N THR I 145 27.40 -20.92 18.51
CA THR I 145 27.05 -22.26 18.97
C THR I 145 27.62 -23.28 17.99
N VAL I 146 28.43 -24.19 18.48
CA VAL I 146 29.06 -25.22 17.66
C VAL I 146 28.49 -26.57 18.09
N ARG I 147 27.88 -27.27 17.15
CA ARG I 147 27.33 -28.61 17.38
C ARG I 147 28.08 -29.59 16.50
N VAL I 148 28.75 -30.56 17.13
CA VAL I 148 29.59 -31.52 16.43
C VAL I 148 28.93 -32.88 16.52
N GLN I 149 28.69 -33.50 15.37
CA GLN I 149 28.13 -34.84 15.31
C GLN I 149 29.25 -35.87 15.22
N GLY I 150 28.98 -37.05 15.76
CA GLY I 150 29.93 -38.14 15.69
C GLY I 150 29.21 -39.47 15.80
N PHE I 151 29.96 -40.54 15.65
CA PHE I 151 29.43 -41.89 15.84
C PHE I 151 29.82 -42.46 17.19
N GLU I 152 30.34 -41.62 18.10
CA GLU I 152 30.76 -42.02 19.43
C GLU I 152 30.70 -40.80 20.33
N PRO I 153 30.12 -40.92 21.53
CA PRO I 153 29.98 -39.74 22.39
C PRO I 153 31.30 -39.10 22.80
N GLU I 154 32.37 -39.88 22.97
CA GLU I 154 33.64 -39.30 23.37
C GLU I 154 34.29 -38.57 22.20
N PHE I 155 34.16 -39.10 20.99
CA PHE I 155 34.80 -38.49 19.83
C PHE I 155 34.22 -37.12 19.53
N ALA I 156 32.90 -36.97 19.65
CA ALA I 156 32.28 -35.67 19.39
C ALA I 156 32.76 -34.62 20.38
N GLN I 157 32.85 -34.99 21.66
CA GLN I 157 33.34 -34.06 22.67
C GLN I 157 34.80 -33.70 22.41
N ALA I 158 35.63 -34.69 22.06
CA ALA I 158 37.03 -34.43 21.78
C ALA I 158 37.20 -33.52 20.57
N LEU I 159 36.41 -33.76 19.52
CA LEU I 159 36.47 -32.92 18.33
C LEU I 159 36.01 -31.50 18.64
N ASN I 160 34.99 -31.34 19.47
CA ASN I 160 34.54 -30.00 19.84
C ASN I 160 35.61 -29.26 20.63
N ARG I 161 36.26 -29.95 21.58
CA ARG I 161 37.35 -29.34 22.34
C ARG I 161 38.50 -28.96 21.41
N ALA I 162 38.84 -29.83 20.46
CA ALA I 162 39.91 -29.52 19.52
C ALA I 162 39.56 -28.31 18.66
N ILE I 163 38.31 -28.21 18.22
CA ILE I 163 37.88 -27.06 17.43
C ILE I 163 37.98 -25.79 18.24
N LEU I 164 37.56 -25.82 19.51
CA LEU I 164 37.65 -24.63 20.35
C LEU I 164 39.10 -24.22 20.58
N GLU I 165 39.97 -25.19 20.87
CA GLU I 165 41.38 -24.88 21.10
C GLU I 165 42.02 -24.32 19.84
N GLU I 166 41.71 -24.90 18.68
CA GLU I 166 42.28 -24.40 17.43
C GLU I 166 41.74 -23.03 17.09
N SER I 167 40.49 -22.73 17.40
CA SER I 167 39.95 -21.40 17.17
C SER I 167 40.65 -20.35 18.03
N GLU I 168 40.87 -20.67 19.31
CA GLU I 168 41.59 -19.75 20.18
C GLU I 168 43.03 -19.55 19.69
N ARG I 169 43.69 -20.63 19.30
CA ARG I 169 45.03 -20.52 18.75
C ARG I 169 45.03 -19.70 17.46
N PHE I 170 43.98 -19.83 16.66
CA PHE I 170 43.90 -19.12 15.39
C PHE I 170 43.78 -17.61 15.62
N VAL I 171 42.90 -17.19 16.53
CA VAL I 171 42.77 -15.75 16.76
C VAL I 171 44.03 -15.20 17.43
N ASN I 172 44.63 -15.98 18.34
CA ASN I 172 45.89 -15.53 18.95
C ASN I 172 46.99 -15.38 17.92
N GLU I 173 47.11 -16.33 16.99
CA GLU I 173 48.12 -16.24 15.94
C GLU I 173 47.81 -15.12 14.96
N LEU I 174 46.53 -14.85 14.71
CA LEU I 174 46.15 -13.73 13.85
C LEU I 174 46.61 -12.41 14.44
N SER I 175 46.44 -12.25 15.75
CA SER I 175 46.97 -11.05 16.41
C SER I 175 48.49 -11.07 16.44
N HIS I 176 49.08 -12.25 16.61
CA HIS I 176 50.52 -12.37 16.77
C HIS I 176 51.27 -12.04 15.48
N ARG I 177 50.73 -12.42 14.32
CA ARG I 177 51.36 -12.04 13.06
C ARG I 177 51.37 -10.53 12.88
N MET I 178 50.26 -9.88 13.23
CA MET I 178 50.17 -8.43 13.16
C MET I 178 51.17 -7.76 14.09
N ALA I 179 51.33 -8.32 15.29
CA ALA I 179 52.33 -7.78 16.22
C ALA I 179 53.75 -8.05 15.75
N ARG I 180 53.97 -9.20 15.09
CA ARG I 180 55.29 -9.62 14.65
C ARG I 180 55.78 -8.86 13.43
N GLU I 181 54.85 -8.33 12.62
CA GLU I 181 55.23 -7.68 11.37
C GLU I 181 56.19 -6.51 11.59
N GLN I 182 56.16 -5.90 12.78
CA GLN I 182 57.14 -4.88 13.15
C GLN I 182 58.57 -5.40 13.02
N LYS I 323 49.71 -13.19 23.59
CA LYS I 323 48.36 -13.25 24.10
C LYS I 323 47.72 -11.87 24.06
N LEU I 324 46.87 -11.63 23.05
CA LEU I 324 46.19 -10.36 22.91
C LEU I 324 44.68 -10.46 23.02
N LYS I 325 44.08 -11.58 22.62
CA LYS I 325 42.65 -11.79 22.75
C LYS I 325 42.40 -13.19 23.27
N SER I 326 41.27 -13.36 23.96
CA SER I 326 40.95 -14.61 24.63
C SER I 326 39.58 -15.10 24.19
N LEU I 327 39.40 -16.41 24.23
CA LEU I 327 38.15 -17.06 23.86
C LEU I 327 37.34 -17.32 25.13
N VAL I 328 36.12 -16.80 25.16
CA VAL I 328 35.23 -16.97 26.30
C VAL I 328 34.28 -18.13 26.01
N VAL I 329 34.25 -19.10 26.90
CA VAL I 329 33.45 -20.31 26.73
C VAL I 329 32.28 -20.22 27.68
N VAL I 330 31.10 -19.87 27.15
CA VAL I 330 29.90 -19.80 27.97
C VAL I 330 29.47 -21.21 28.38
N GLU I 331 29.46 -22.15 27.45
CA GLU I 331 29.12 -23.54 27.73
C GLU I 331 30.18 -24.43 27.09
N PRO I 332 30.91 -25.23 27.86
CA PRO I 332 31.94 -26.10 27.30
C PRO I 332 31.32 -27.26 26.56
N PRO I 333 32.09 -27.98 25.74
CA PRO I 333 31.55 -29.14 25.03
C PRO I 333 31.00 -30.19 26.00
N VAL I 334 29.72 -30.49 25.85
CA VAL I 334 29.08 -31.47 26.72
C VAL I 334 29.35 -32.88 26.21
N LEU I 335 29.16 -33.85 27.10
CA LEU I 335 29.33 -35.25 26.74
C LEU I 335 27.97 -35.87 26.55
N PRO I 336 27.56 -36.17 25.32
CA PRO I 336 26.21 -36.71 25.10
C PRO I 336 26.05 -38.10 25.69
N GLU I 337 24.81 -38.40 26.09
CA GLU I 337 24.44 -39.71 26.62
C GLU I 337 23.73 -40.56 25.57
N ILE I 338 22.77 -39.98 24.86
CA ILE I 338 22.07 -40.66 23.77
C ILE I 338 22.24 -39.84 22.50
N ALA I 339 21.85 -40.43 21.38
CA ALA I 339 22.04 -39.82 20.07
C ALA I 339 20.84 -38.94 19.72
N GLU I 340 21.11 -37.67 19.43
CA GLU I 340 20.06 -36.76 18.99
C GLU I 340 19.57 -37.06 17.58
N TYR I 341 20.34 -37.82 16.81
CA TYR I 341 20.09 -38.10 15.41
C TYR I 341 20.09 -39.60 15.19
N PRO I 342 19.45 -40.10 14.12
CA PRO I 342 18.83 -39.40 12.98
C PRO I 342 17.35 -39.07 13.10
N ARG I 343 16.72 -39.20 14.28
CA ARG I 343 15.29 -38.91 14.49
C ARG I 343 14.43 -39.73 13.52
N ARG I 344 14.47 -41.05 13.75
CA ARG I 344 13.86 -41.99 12.81
C ARG I 344 12.37 -41.76 12.68
N TRP I 345 11.66 -41.63 13.81
CA TRP I 345 10.20 -41.54 13.76
C TRP I 345 9.73 -40.24 13.14
N TYR I 346 10.37 -39.12 13.48
CA TYR I 346 10.00 -37.83 12.91
C TYR I 346 10.22 -37.81 11.40
N ASN I 347 11.37 -38.35 10.96
CA ASN I 347 11.65 -38.41 9.53
C ASN I 347 10.67 -39.32 8.81
N LEU I 348 10.33 -40.46 9.42
CA LEU I 348 9.38 -41.38 8.81
C LEU I 348 8.00 -40.74 8.67
N ALA I 349 7.54 -40.04 9.70
CA ALA I 349 6.25 -39.36 9.62
C ALA I 349 6.25 -38.25 8.58
N THR I 350 7.34 -37.48 8.52
CA THR I 350 7.44 -36.43 7.50
C THR I 350 7.44 -37.03 6.09
N LEU I 351 8.16 -38.13 5.90
CA LEU I 351 8.16 -38.81 4.61
C LEU I 351 6.77 -39.34 4.27
N LEU I 352 6.05 -39.87 5.26
CA LEU I 352 4.70 -40.35 5.03
C LEU I 352 3.78 -39.21 4.58
N VAL I 353 3.88 -38.06 5.24
CA VAL I 353 3.05 -36.91 4.88
C VAL I 353 3.37 -36.45 3.47
N VAL I 354 4.67 -36.35 3.14
CA VAL I 354 5.08 -35.88 1.82
C VAL I 354 4.63 -36.86 0.75
N CYS I 355 4.79 -38.17 1.00
CA CYS I 355 4.39 -39.18 0.03
C CYS I 355 2.88 -39.19 -0.16
N CYS I 356 2.11 -39.00 0.90
CA CYS I 356 0.66 -38.93 0.76
C CYS I 356 0.25 -37.71 -0.06
N LEU I 357 0.90 -36.56 0.17
CA LEU I 357 0.59 -35.37 -0.63
C LEU I 357 0.94 -35.59 -2.09
N ILE I 358 2.09 -36.21 -2.36
CA ILE I 358 2.50 -36.47 -3.73
C ILE I 358 1.54 -37.44 -4.41
N TYR I 359 1.11 -38.48 -3.68
CA TYR I 359 0.13 -39.41 -4.22
C TYR I 359 -1.18 -38.73 -4.53
N GLY I 360 -1.65 -37.85 -3.65
CA GLY I 360 -2.88 -37.12 -3.92
C GLY I 360 -2.77 -36.23 -5.14
N VAL I 361 -1.63 -35.54 -5.28
CA VAL I 361 -1.40 -34.68 -6.43
C VAL I 361 -1.37 -35.50 -7.72
N VAL I 362 -0.70 -36.66 -7.69
CA VAL I 362 -0.61 -37.50 -8.89
C VAL I 362 -1.97 -38.07 -9.24
N SER I 363 -2.70 -38.59 -8.26
CA SER I 363 -4.03 -39.15 -8.50
C SER I 363 -5.05 -38.09 -8.87
N LEU I 364 -4.76 -36.82 -8.61
CA LEU I 364 -5.61 -35.75 -9.14
C LEU I 364 -5.58 -35.74 -10.66
N VAL I 365 -4.41 -35.98 -11.25
CA VAL I 365 -4.26 -36.01 -12.70
C VAL I 365 -4.72 -37.36 -13.23
N VAL I 366 -5.98 -37.44 -13.63
CA VAL I 366 -6.53 -38.68 -14.18
C VAL I 366 -7.32 -38.37 -15.45
N MET J 6 -19.57 -45.86 3.23
CA MET J 6 -20.58 -44.98 3.79
C MET J 6 -21.31 -45.65 4.95
N LYS J 7 -21.10 -46.96 5.11
CA LYS J 7 -21.71 -47.68 6.22
C LYS J 7 -21.02 -47.35 7.53
N LEU J 8 -19.70 -47.13 7.48
CA LEU J 8 -18.95 -46.85 8.71
C LEU J 8 -19.36 -45.51 9.32
N VAL J 9 -19.52 -44.49 8.48
CA VAL J 9 -19.92 -43.18 9.00
C VAL J 9 -21.38 -43.21 9.45
N SER J 10 -22.18 -44.12 8.91
CA SER J 10 -23.55 -44.29 9.39
C SER J 10 -23.56 -44.80 10.83
N ARG J 11 -22.63 -45.69 11.16
CA ARG J 11 -22.52 -46.15 12.54
C ARG J 11 -21.99 -45.05 13.45
N LEU J 12 -21.24 -44.10 12.89
CA LEU J 12 -20.70 -43.00 13.68
C LEU J 12 -21.80 -42.11 14.24
N THR J 13 -22.88 -41.94 13.46
CA THR J 13 -24.06 -41.11 13.75
C THR J 13 -23.71 -39.80 14.46
N ALA J 14 -24.50 -39.41 15.45
CA ALA J 14 -24.24 -38.17 16.17
C ALA J 14 -23.92 -38.44 17.64
N LYS J 15 -24.68 -39.36 18.25
CA LYS J 15 -24.48 -39.66 19.67
C LYS J 15 -23.09 -40.22 19.94
N ARG J 16 -22.68 -41.21 19.14
CA ARG J 16 -21.35 -41.77 19.30
C ARG J 16 -20.27 -40.74 19.00
N LEU J 17 -20.52 -39.87 18.02
CA LEU J 17 -19.54 -38.85 17.67
C LEU J 17 -19.31 -37.88 18.82
N GLN J 18 -20.39 -37.37 19.42
CA GLN J 18 -20.21 -36.44 20.53
C GLN J 18 -19.75 -37.15 21.79
N TRP J 19 -20.01 -38.45 21.93
CA TRP J 19 -19.50 -39.17 23.09
C TRP J 19 -18.00 -39.41 22.97
N ALA J 20 -17.52 -39.69 21.76
CA ALA J 20 -16.10 -39.93 21.54
C ALA J 20 -15.29 -38.68 21.29
N LEU J 21 -15.94 -37.53 21.06
CA LEU J 21 -15.22 -36.29 20.82
C LEU J 21 -15.39 -35.25 21.91
N VAL J 22 -16.35 -35.43 22.81
CA VAL J 22 -16.57 -34.45 23.89
C VAL J 22 -16.49 -35.13 25.24
N TYR J 23 -17.32 -36.15 25.46
CA TYR J 23 -17.49 -36.70 26.80
C TYR J 23 -16.19 -37.33 27.32
N LEU J 24 -15.59 -38.22 26.54
CA LEU J 24 -14.36 -38.88 26.99
C LEU J 24 -13.20 -37.91 27.25
N PRO J 25 -12.86 -36.97 26.35
CA PRO J 25 -11.75 -36.06 26.68
C PRO J 25 -11.99 -35.23 27.92
N MET J 26 -13.20 -34.70 28.12
CA MET J 26 -13.46 -33.89 29.30
C MET J 26 -13.45 -34.74 30.57
N LEU J 27 -13.99 -35.96 30.53
CA LEU J 27 -13.94 -36.81 31.71
C LEU J 27 -12.50 -37.17 32.06
N VAL J 28 -11.69 -37.51 31.06
CA VAL J 28 -10.30 -37.87 31.30
C VAL J 28 -9.52 -36.69 31.86
N ALA J 29 -9.72 -35.51 31.26
CA ALA J 29 -9.01 -34.32 31.72
C ALA J 29 -9.44 -33.92 33.13
N THR J 30 -10.74 -34.00 33.42
CA THR J 30 -11.22 -33.66 34.76
C THR J 30 -10.66 -34.62 35.80
N VAL J 31 -10.66 -35.92 35.48
CA VAL J 31 -10.12 -36.90 36.42
C VAL J 31 -8.64 -36.64 36.68
N TYR J 32 -7.88 -36.41 35.61
CA TYR J 32 -6.45 -36.17 35.77
C TYR J 32 -6.18 -34.89 36.55
N PHE J 33 -6.94 -33.83 36.28
CA PHE J 33 -6.67 -32.54 36.92
C PHE J 33 -7.09 -32.55 38.38
N LEU J 34 -8.24 -33.13 38.70
CA LEU J 34 -8.77 -33.09 40.06
C LEU J 34 -8.35 -34.29 40.90
N VAL J 35 -7.63 -35.25 40.34
CA VAL J 35 -7.26 -36.44 41.10
C VAL J 35 -5.75 -36.64 41.07
N PHE J 36 -5.16 -36.69 39.88
CA PHE J 36 -3.78 -37.09 39.72
C PHE J 36 -2.81 -35.93 39.53
N SER J 37 -3.31 -34.74 39.20
CA SER J 37 -2.43 -33.59 39.00
C SER J 37 -1.76 -33.17 40.30
N ALA J 38 -0.53 -32.69 40.19
CA ALA J 38 0.27 -32.31 41.34
C ALA J 38 0.55 -30.81 41.33
N ASP J 39 0.64 -30.24 42.52
CA ASP J 39 0.90 -28.81 42.66
C ASP J 39 2.34 -28.49 42.27
N ARG J 40 2.53 -27.30 41.71
CA ARG J 40 3.86 -26.84 41.25
C ARG J 40 4.03 -25.39 41.67
N TYR J 41 4.60 -25.19 42.85
CA TYR J 41 4.84 -23.85 43.37
C TYR J 41 5.96 -23.18 42.59
N VAL J 42 5.81 -21.87 42.35
CA VAL J 42 6.71 -21.12 41.48
C VAL J 42 7.30 -19.95 42.26
N SER J 43 8.62 -19.82 42.22
CA SER J 43 9.33 -18.73 42.86
C SER J 43 9.93 -17.82 41.79
N GLU J 44 9.77 -16.51 41.98
CA GLU J 44 10.14 -15.52 40.96
C GLU J 44 11.23 -14.60 41.50
N SER J 45 12.21 -14.32 40.66
CA SER J 45 13.26 -13.35 40.96
C SER J 45 13.51 -12.49 39.72
N VAL J 46 13.99 -11.27 39.95
CA VAL J 46 14.26 -10.32 38.87
C VAL J 46 15.64 -9.72 39.13
N ILE J 47 16.59 -10.00 38.24
CA ILE J 47 17.98 -9.58 38.41
C ILE J 47 18.50 -8.94 37.13
N THR J 48 19.63 -8.25 37.28
CA THR J 48 20.41 -7.74 36.17
C THR J 48 21.84 -7.58 36.65
N VAL J 49 22.77 -7.45 35.70
CA VAL J 49 24.19 -7.34 35.99
C VAL J 49 24.67 -5.94 35.61
N ARG J 50 25.40 -5.31 36.52
CA ARG J 50 25.99 -4.00 36.29
C ARG J 50 27.44 -4.01 36.74
N GLN J 51 28.27 -3.26 36.03
CA GLN J 51 29.65 -3.07 36.46
C GLN J 51 29.69 -2.18 37.69
N THR J 52 30.60 -2.50 38.61
CA THR J 52 30.73 -1.71 39.84
C THR J 52 31.14 -0.27 39.52
N SER J 53 32.04 -0.10 38.56
CA SER J 53 32.48 1.24 38.15
C SER J 53 31.40 1.94 37.34
N SER J 75 27.21 -4.64 29.49
CA SER J 75 25.91 -4.21 29.99
C SER J 75 24.81 -5.21 29.62
N ARG J 76 24.14 -4.95 28.50
CA ARG J 76 23.10 -5.87 28.03
C ARG J 76 23.68 -7.20 27.58
N GLU J 77 24.88 -7.17 27.00
CA GLU J 77 25.50 -8.39 26.50
C GLU J 77 25.78 -9.37 27.63
N ASP J 78 26.26 -8.87 28.77
CA ASP J 78 26.52 -9.75 29.91
C ASP J 78 25.24 -10.38 30.43
N THR J 79 24.14 -9.64 30.44
CA THR J 79 22.86 -10.22 30.84
C THR J 79 22.40 -11.28 29.85
N CYS J 80 22.65 -11.05 28.56
CA CYS J 80 22.31 -12.07 27.56
C CYS J 80 23.15 -13.33 27.73
N TYR J 81 24.44 -13.17 28.04
CA TYR J 81 25.28 -14.32 28.37
C TYR J 81 24.75 -15.05 29.59
N LEU J 82 24.27 -14.32 30.60
CA LEU J 82 23.65 -14.96 31.76
C LEU J 82 22.41 -15.74 31.37
N GLN J 83 21.59 -15.17 30.47
CA GLN J 83 20.39 -15.84 30.01
C GLN J 83 20.73 -17.15 29.31
N THR J 84 21.77 -17.14 28.47
CA THR J 84 22.22 -18.36 27.83
C THR J 84 22.78 -19.36 28.84
N TYR J 85 23.53 -18.86 29.82
CA TYR J 85 24.19 -19.72 30.81
C TYR J 85 23.18 -20.41 31.73
N ILE J 86 22.06 -19.75 32.01
CA ILE J 86 21.10 -20.32 32.96
C ILE J 86 20.52 -21.63 32.42
N HIS J 87 20.24 -21.67 31.12
CA HIS J 87 19.68 -22.86 30.47
C HIS J 87 20.75 -23.79 29.93
N SER J 88 21.96 -23.77 30.50
CA SER J 88 23.05 -24.58 30.00
C SER J 88 23.12 -25.91 30.76
N MET J 89 24.08 -26.76 30.37
CA MET J 89 24.24 -28.07 30.97
C MET J 89 25.22 -28.06 32.14
N GLY J 90 26.24 -27.21 32.10
CA GLY J 90 27.15 -27.12 33.23
C GLY J 90 26.48 -26.61 34.48
N LEU J 91 25.63 -25.59 34.35
CA LEU J 91 24.86 -25.12 35.49
C LEU J 91 23.90 -26.19 36.00
N LEU J 92 23.28 -26.94 35.08
CA LEU J 92 22.40 -28.02 35.49
C LEU J 92 23.15 -29.10 36.25
N GLN J 93 24.36 -29.42 35.81
CA GLN J 93 25.18 -30.39 36.53
C GLN J 93 25.55 -29.88 37.92
N LYS J 94 25.91 -28.61 38.02
CA LYS J 94 26.24 -28.03 39.32
C LYS J 94 25.04 -28.07 40.25
N LEU J 95 23.86 -27.70 39.75
CA LEU J 95 22.67 -27.68 40.58
C LEU J 95 22.22 -29.09 40.95
N ASP J 96 22.39 -30.07 40.06
CA ASP J 96 22.06 -31.44 40.38
C ASP J 96 23.01 -32.02 41.42
N GLN J 97 24.28 -31.63 41.37
CA GLN J 97 25.21 -32.04 42.42
C GLN J 97 24.89 -31.37 43.75
N GLN J 98 24.42 -30.12 43.71
CA GLN J 98 24.18 -29.37 44.94
C GLN J 98 22.86 -29.75 45.59
N LEU J 99 21.75 -29.50 44.90
CA LEU J 99 20.42 -29.64 45.49
C LEU J 99 19.72 -30.95 45.14
N LYS J 100 20.31 -31.78 44.27
CA LYS J 100 19.72 -33.05 43.85
C LYS J 100 18.33 -32.84 43.22
N LEU J 101 18.33 -32.13 42.09
CA LEU J 101 17.07 -31.84 41.40
C LEU J 101 16.44 -33.11 40.85
N ARG J 102 17.25 -34.04 40.36
CA ARG J 102 16.71 -35.25 39.72
C ARG J 102 15.93 -36.09 40.72
N GLU J 103 16.42 -36.22 41.94
CA GLU J 103 15.70 -36.96 42.97
C GLU J 103 14.42 -36.24 43.37
N HIS J 104 14.47 -34.92 43.49
CA HIS J 104 13.31 -34.16 43.93
C HIS J 104 12.17 -34.20 42.90
N PHE J 105 12.50 -34.05 41.62
CA PHE J 105 11.47 -33.95 40.60
C PHE J 105 10.76 -35.28 40.34
N GLY J 106 11.27 -36.39 40.85
CA GLY J 106 10.61 -37.67 40.73
C GLY J 106 9.70 -38.04 41.87
N THR J 107 9.60 -37.19 42.89
CA THR J 107 8.76 -37.51 44.05
C THR J 107 7.26 -37.65 43.74
N PRO J 108 6.61 -36.77 42.93
CA PRO J 108 5.15 -36.92 42.76
C PRO J 108 4.78 -38.10 41.88
N LEU J 109 4.76 -39.31 42.45
CA LEU J 109 4.45 -40.51 41.69
C LEU J 109 3.01 -40.51 41.16
N ARG J 110 2.12 -39.71 41.75
CA ARG J 110 0.75 -39.65 41.26
C ARG J 110 0.69 -39.02 39.87
N ASP J 111 1.52 -38.01 39.62
CA ASP J 111 1.52 -37.34 38.33
C ASP J 111 2.37 -38.14 37.33
N PRO J 112 1.79 -38.59 36.22
CA PRO J 112 2.62 -39.30 35.22
C PRO J 112 3.25 -38.36 34.20
N LEU J 113 2.69 -37.17 34.05
CA LEU J 113 3.11 -36.26 32.98
C LEU J 113 4.27 -35.37 33.41
N PHE J 114 4.11 -34.61 34.48
CA PHE J 114 5.08 -33.63 34.92
C PHE J 114 6.02 -34.18 35.98
N ARG J 115 6.32 -35.47 35.94
CA ARG J 115 7.25 -36.11 36.86
C ARG J 115 8.46 -36.61 36.08
N LEU J 116 9.66 -36.35 36.61
CA LEU J 116 10.88 -36.82 35.99
C LEU J 116 11.05 -38.30 36.29
N TRP J 117 10.81 -39.14 35.31
CA TRP J 117 10.92 -40.58 35.50
C TRP J 117 12.37 -40.99 35.73
N GLY J 118 12.55 -42.05 36.51
CA GLY J 118 13.89 -42.52 36.80
C GLY J 118 14.54 -43.16 35.59
N GLY J 119 15.87 -43.08 35.55
CA GLY J 119 16.62 -43.65 34.45
C GLY J 119 16.52 -42.89 33.15
N THR J 120 16.13 -41.62 33.19
CA THR J 120 16.06 -40.82 31.98
C THR J 120 17.45 -40.39 31.53
N SER J 121 17.52 -39.92 30.29
CA SER J 121 18.79 -39.53 29.69
C SER J 121 19.19 -38.12 30.14
N GLN J 122 20.43 -37.76 29.80
CA GLN J 122 20.92 -36.42 30.07
C GLN J 122 20.12 -35.38 29.29
N GLU J 123 19.81 -35.68 28.02
CA GLU J 123 19.05 -34.75 27.21
C GLU J 123 17.64 -34.54 27.74
N TRP J 124 16.99 -35.61 28.19
CA TRP J 124 15.66 -35.48 28.77
C TRP J 124 15.71 -34.67 30.06
N PHE J 125 16.73 -34.88 30.88
CA PHE J 125 16.89 -34.08 32.09
C PHE J 125 17.08 -32.61 31.76
N LEU J 126 17.89 -32.31 30.73
CA LEU J 126 18.09 -30.93 30.33
C LEU J 126 16.80 -30.30 29.82
N GLU J 127 16.03 -31.04 29.02
CA GLU J 127 14.77 -30.51 28.52
C GLU J 127 13.78 -30.28 29.66
N TYR J 128 13.73 -31.20 30.62
CA TYR J 128 12.84 -31.03 31.77
C TYR J 128 13.23 -29.82 32.59
N TYR J 129 14.54 -29.64 32.84
CA TYR J 129 14.99 -28.49 33.61
C TYR J 129 14.71 -27.18 32.88
N ARG J 130 14.90 -27.17 31.55
CA ARG J 130 14.57 -25.98 30.78
C ARG J 130 13.08 -25.71 30.79
N SER J 131 12.24 -26.75 30.91
CA SER J 131 10.81 -26.54 31.01
C SER J 131 10.42 -25.97 32.37
N ARG J 132 11.06 -26.43 33.44
CA ARG J 132 10.72 -25.95 34.77
C ARG J 132 11.17 -24.52 34.99
N VAL J 133 12.40 -24.20 34.61
CA VAL J 133 12.96 -22.87 34.82
C VAL J 133 12.71 -22.03 33.58
N GLU J 134 12.04 -20.89 33.76
CA GLU J 134 11.71 -20.00 32.66
C GLU J 134 12.43 -18.67 32.85
N VAL J 135 13.15 -18.25 31.80
CA VAL J 135 13.91 -17.01 31.81
C VAL J 135 13.31 -16.08 30.76
N LEU J 136 13.02 -14.85 31.17
CA LEU J 136 12.40 -13.87 30.30
C LEU J 136 13.19 -12.57 30.28
N MET J 137 13.17 -11.93 29.12
CA MET J 137 13.86 -10.67 28.84
C MET J 137 12.89 -9.68 28.23
N ASP J 138 13.06 -8.42 28.59
CA ASP J 138 12.51 -7.30 27.85
C ASP J 138 13.63 -6.42 27.34
N ASP J 139 13.45 -5.85 26.14
CA ASP J 139 14.52 -5.04 25.55
C ASP J 139 14.56 -3.64 26.14
N ILE J 140 13.40 -3.09 26.48
CA ILE J 140 13.32 -1.69 26.91
C ILE J 140 13.99 -1.51 28.26
N CYS J 141 13.73 -2.41 29.21
CA CYS J 141 14.27 -2.25 30.56
C CYS J 141 15.58 -3.00 30.75
N GLY J 142 15.77 -4.11 30.04
CA GLY J 142 16.99 -4.88 30.21
C GLY J 142 17.07 -5.65 31.50
N LEU J 143 15.94 -6.00 32.10
CA LEU J 143 15.89 -6.75 33.36
C LEU J 143 15.50 -8.19 33.07
N LEU J 144 16.24 -9.13 33.65
CA LEU J 144 16.05 -10.55 33.39
C LEU J 144 15.27 -11.16 34.54
N THR J 145 14.14 -11.80 34.22
CA THR J 145 13.30 -12.40 35.25
C THR J 145 13.33 -13.93 35.13
N VAL J 146 13.51 -14.60 36.27
CA VAL J 146 13.63 -16.04 36.35
C VAL J 146 12.50 -16.57 37.22
N ARG J 147 11.73 -17.51 36.68
CA ARG J 147 10.65 -18.17 37.40
C ARG J 147 10.96 -19.65 37.47
N VAL J 148 11.12 -20.16 38.69
CA VAL J 148 11.55 -21.54 38.93
C VAL J 148 10.38 -22.31 39.53
N GLN J 149 10.04 -23.43 38.90
CA GLN J 149 8.97 -24.29 39.38
C GLN J 149 9.53 -25.34 40.33
N GLY J 150 8.64 -25.91 41.13
CA GLY J 150 9.00 -27.00 42.01
C GLY J 150 7.74 -27.62 42.56
N PHE J 151 7.94 -28.69 43.34
CA PHE J 151 6.84 -29.34 44.04
C PHE J 151 6.79 -28.98 45.51
N GLU J 152 7.65 -28.04 45.94
CA GLU J 152 7.67 -27.51 47.29
C GLU J 152 8.08 -26.05 47.17
N PRO J 153 7.41 -25.15 47.90
CA PRO J 153 7.83 -23.74 47.85
C PRO J 153 9.25 -23.51 48.34
N GLU J 154 9.66 -24.23 49.38
CA GLU J 154 11.02 -24.09 49.90
C GLU J 154 12.04 -24.53 48.87
N PHE J 155 11.80 -25.64 48.18
CA PHE J 155 12.75 -26.11 47.17
C PHE J 155 12.80 -25.16 45.98
N ALA J 156 11.66 -24.60 45.57
CA ALA J 156 11.66 -23.65 44.46
C ALA J 156 12.45 -22.39 44.82
N GLN J 157 12.24 -21.87 46.03
CA GLN J 157 13.01 -20.69 46.46
C GLN J 157 14.49 -21.01 46.56
N ALA J 158 14.83 -22.18 47.10
CA ALA J 158 16.23 -22.57 47.23
C ALA J 158 16.90 -22.71 45.87
N LEU J 159 16.19 -23.31 44.91
CA LEU J 159 16.74 -23.47 43.57
C LEU J 159 16.92 -22.11 42.90
N ASN J 160 15.97 -21.18 43.09
CA ASN J 160 16.13 -19.84 42.53
C ASN J 160 17.33 -19.13 43.13
N ARG J 161 17.51 -19.24 44.45
CA ARG J 161 18.66 -18.62 45.10
C ARG J 161 19.96 -19.23 44.62
N ALA J 162 20.00 -20.55 44.44
CA ALA J 162 21.19 -21.21 43.94
C ALA J 162 21.50 -20.77 42.51
N ILE J 163 20.47 -20.63 41.68
CA ILE J 163 20.66 -20.15 40.31
C ILE J 163 21.27 -18.75 40.32
N LEU J 164 20.73 -17.87 41.17
CA LEU J 164 21.26 -16.51 41.25
C LEU J 164 22.71 -16.50 41.71
N GLU J 165 23.03 -17.29 42.73
CA GLU J 165 24.39 -17.33 43.28
C GLU J 165 25.37 -17.85 42.23
N GLU J 166 25.00 -18.94 41.54
CA GLU J 166 25.88 -19.48 40.51
C GLU J 166 26.02 -18.54 39.32
N SER J 167 24.96 -17.80 38.99
CA SER J 167 25.06 -16.82 37.91
C SER J 167 26.03 -15.70 38.25
N GLU J 168 25.94 -15.17 39.47
CA GLU J 168 26.87 -14.11 39.86
C GLU J 168 28.29 -14.65 39.96
N ARG J 169 28.45 -15.89 40.42
CA ARG J 169 29.79 -16.50 40.46
C ARG J 169 30.36 -16.70 39.07
N PHE J 170 29.52 -17.10 38.11
CA PHE J 170 29.97 -17.26 36.74
C PHE J 170 30.38 -15.93 36.14
N VAL J 171 29.60 -14.88 36.40
CA VAL J 171 29.96 -13.55 35.88
C VAL J 171 31.30 -13.09 36.45
N ASN J 172 31.48 -13.26 37.76
CA ASN J 172 32.73 -12.84 38.40
C ASN J 172 33.91 -13.67 37.87
N GLU J 173 33.71 -14.97 37.69
CA GLU J 173 34.79 -15.83 37.18
C GLU J 173 35.14 -15.46 35.74
N LEU J 174 34.14 -15.14 34.93
CA LEU J 174 34.39 -14.69 33.56
C LEU J 174 35.20 -13.40 33.55
N SER J 175 34.82 -12.45 34.42
CA SER J 175 35.57 -11.21 34.50
C SER J 175 37.01 -11.45 34.97
N HIS J 176 37.19 -12.37 35.92
CA HIS J 176 38.53 -12.66 36.43
C HIS J 176 39.40 -13.32 35.38
N ARG J 177 38.86 -14.32 34.68
CA ARG J 177 39.63 -15.06 33.69
C ARG J 177 39.78 -14.31 32.38
N MET J 178 39.01 -13.25 32.16
CA MET J 178 39.21 -12.42 30.98
C MET J 178 40.59 -11.77 31.00
N ALA J 179 41.07 -11.40 32.18
CA ALA J 179 42.40 -10.84 32.34
C ALA J 179 43.39 -11.91 32.80
N LEU J 324 35.12 -7.78 38.85
CA LEU J 324 34.81 -6.36 38.81
C LEU J 324 33.38 -6.12 38.31
N LYS J 325 32.55 -7.15 38.44
CA LYS J 325 31.14 -7.07 38.08
C LYS J 325 30.30 -7.60 39.22
N SER J 326 29.06 -7.11 39.30
CA SER J 326 28.15 -7.50 40.37
C SER J 326 26.76 -7.75 39.79
N LEU J 327 26.00 -8.60 40.45
CA LEU J 327 24.64 -8.92 40.07
C LEU J 327 23.68 -8.05 40.89
N VAL J 328 22.88 -7.24 40.20
CA VAL J 328 21.90 -6.38 40.87
C VAL J 328 20.60 -7.17 40.95
N VAL J 329 20.08 -7.32 42.17
CA VAL J 329 18.88 -8.10 42.43
C VAL J 329 17.76 -7.11 42.71
N VAL J 330 16.99 -6.78 41.66
CA VAL J 330 15.85 -5.90 41.84
C VAL J 330 14.78 -6.57 42.70
N GLU J 331 14.48 -7.83 42.43
CA GLU J 331 13.52 -8.60 43.21
C GLU J 331 14.16 -9.90 43.65
N PRO J 332 14.42 -10.09 44.94
CA PRO J 332 14.99 -11.35 45.42
C PRO J 332 13.98 -12.48 45.29
N PRO J 333 14.42 -13.73 45.28
CA PRO J 333 13.48 -14.86 45.17
C PRO J 333 12.48 -14.86 46.32
N VAL J 334 11.22 -15.16 45.98
CA VAL J 334 10.14 -15.13 46.94
C VAL J 334 9.76 -16.57 47.29
N LEU J 335 9.08 -16.70 48.43
CA LEU J 335 8.58 -18.01 48.85
C LEU J 335 7.10 -18.09 48.49
N PRO J 336 6.72 -18.92 47.52
CA PRO J 336 5.30 -18.98 47.14
C PRO J 336 4.45 -19.59 48.24
N GLU J 337 3.18 -19.19 48.26
CA GLU J 337 2.21 -19.70 49.22
C GLU J 337 1.35 -20.82 48.66
N ILE J 338 0.90 -20.69 47.41
CA ILE J 338 0.10 -21.72 46.76
C ILE J 338 0.62 -21.97 45.34
N ALA J 339 0.23 -23.11 44.79
CA ALA J 339 0.57 -23.44 43.41
C ALA J 339 -0.22 -22.56 42.45
N GLU J 340 0.39 -22.27 41.30
CA GLU J 340 -0.26 -21.38 40.35
C GLU J 340 -0.30 -21.96 38.94
N TYR J 341 0.67 -22.79 38.59
CA TYR J 341 0.76 -23.26 37.21
C TYR J 341 -0.16 -24.42 36.86
N PRO J 342 -0.35 -25.46 37.71
CA PRO J 342 -1.34 -26.48 37.36
C PRO J 342 -2.76 -25.94 37.45
N ARG J 343 -3.09 -25.02 36.54
CA ARG J 343 -4.39 -24.34 36.57
C ARG J 343 -5.43 -25.28 35.97
N ARG J 344 -6.35 -25.74 36.82
CA ARG J 344 -7.27 -26.80 36.40
C ARG J 344 -8.47 -26.25 35.64
N TRP J 345 -9.15 -25.25 36.20
CA TRP J 345 -10.40 -24.79 35.61
C TRP J 345 -10.17 -24.07 34.29
N TYR J 346 -9.12 -23.25 34.19
CA TYR J 346 -8.82 -22.55 32.95
C TYR J 346 -8.50 -23.54 31.83
N ASN J 347 -7.67 -24.55 32.14
CA ASN J 347 -7.34 -25.56 31.15
C ASN J 347 -8.56 -26.38 30.76
N LEU J 348 -9.43 -26.67 31.73
CA LEU J 348 -10.65 -27.41 31.43
C LEU J 348 -11.56 -26.62 30.51
N ALA J 349 -11.70 -25.32 30.74
CA ALA J 349 -12.52 -24.49 29.87
C ALA J 349 -11.92 -24.39 28.47
N THR J 350 -10.59 -24.24 28.39
CA THR J 350 -9.93 -24.20 27.08
C THR J 350 -10.15 -25.50 26.32
N LEU J 351 -10.00 -26.64 27.00
CA LEU J 351 -10.22 -27.92 26.34
C LEU J 351 -11.68 -28.11 25.95
N LEU J 352 -12.62 -27.59 26.76
CA LEU J 352 -14.02 -27.66 26.40
C LEU J 352 -14.30 -26.89 25.12
N VAL J 353 -13.75 -25.68 25.00
CA VAL J 353 -13.95 -24.88 23.80
C VAL J 353 -13.33 -25.58 22.59
N VAL J 354 -12.11 -26.10 22.75
CA VAL J 354 -11.42 -26.77 21.65
C VAL J 354 -12.19 -28.02 21.21
N CYS J 355 -12.64 -28.81 22.17
CA CYS J 355 -13.38 -30.04 21.85
C CYS J 355 -14.71 -29.71 21.19
N CYS J 356 -15.40 -28.66 21.64
CA CYS J 356 -16.67 -28.29 21.02
C CYS J 356 -16.45 -27.87 19.57
N LEU J 357 -15.43 -27.04 19.31
CA LEU J 357 -15.15 -26.62 17.93
C LEU J 357 -14.76 -27.81 17.06
N ILE J 358 -13.91 -28.69 17.59
CA ILE J 358 -13.47 -29.86 16.82
C ILE J 358 -14.64 -30.77 16.51
N TYR J 359 -15.51 -31.00 17.50
CA TYR J 359 -16.67 -31.85 17.28
C TYR J 359 -17.61 -31.25 16.24
N GLY J 360 -17.84 -29.94 16.30
CA GLY J 360 -18.70 -29.31 15.31
C GLY J 360 -18.15 -29.44 13.91
N VAL J 361 -16.85 -29.17 13.74
CA VAL J 361 -16.22 -29.26 12.43
C VAL J 361 -16.26 -30.69 11.90
N VAL J 362 -15.92 -31.65 12.77
CA VAL J 362 -15.88 -33.05 12.36
C VAL J 362 -17.27 -33.56 12.02
N SER J 363 -18.28 -33.18 12.81
CA SER J 363 -19.65 -33.60 12.52
C SER J 363 -20.13 -33.03 11.19
N LEU J 364 -19.83 -31.75 10.93
CA LEU J 364 -20.23 -31.17 9.65
C LEU J 364 -19.55 -31.87 8.49
N VAL J 365 -18.25 -32.15 8.62
CA VAL J 365 -17.50 -32.80 7.54
C VAL J 365 -18.03 -34.22 7.31
N VAL J 366 -18.31 -34.95 8.39
CA VAL J 366 -18.78 -36.33 8.25
C VAL J 366 -20.18 -36.34 7.65
N ALA J 367 -21.02 -35.35 7.97
CA ALA J 367 -22.33 -35.26 7.32
C ALA J 367 -22.18 -34.98 5.83
N THR J 368 -21.25 -34.09 5.47
CA THR J 368 -21.05 -33.78 4.05
C THR J 368 -20.57 -35.00 3.28
N ILE J 369 -19.61 -35.75 3.83
CA ILE J 369 -19.08 -36.90 3.10
C ILE J 369 -20.11 -38.03 3.07
N ARG J 370 -20.91 -38.18 4.13
CA ARG J 370 -21.98 -39.18 4.11
C ARG J 370 -23.01 -38.84 3.03
N ASP J 371 -23.35 -37.56 2.89
CA ASP J 371 -24.28 -37.15 1.84
C ASP J 371 -23.68 -37.36 0.45
N HIS J 372 -22.39 -37.07 0.29
CA HIS J 372 -21.77 -37.12 -1.03
C HIS J 372 -21.51 -38.55 -1.48
N GLN J 373 -21.24 -39.46 -0.54
CA GLN J 373 -20.83 -40.82 -0.91
C GLN J 373 -21.95 -41.57 -1.62
N ASP J 374 -23.18 -41.44 -1.15
CA ASP J 374 -24.30 -42.15 -1.75
C ASP J 374 -25.04 -41.27 -2.76
N LEU K 8 -39.81 -22.47 26.99
CA LEU K 8 -39.15 -22.87 25.76
C LEU K 8 -38.81 -21.65 24.91
N VAL K 9 -38.10 -21.88 23.80
CA VAL K 9 -37.71 -20.79 22.91
C VAL K 9 -38.96 -20.17 22.27
N SER K 10 -39.90 -21.01 21.83
CA SER K 10 -41.10 -20.51 21.17
C SER K 10 -42.08 -19.86 22.14
N ARG K 11 -41.92 -20.08 23.44
CA ARG K 11 -42.82 -19.52 24.44
C ARG K 11 -42.32 -18.21 25.03
N LEU K 12 -41.17 -17.71 24.58
CA LEU K 12 -40.66 -16.45 25.08
C LEU K 12 -41.49 -15.28 24.57
N THR K 13 -41.73 -14.31 25.44
CA THR K 13 -42.48 -13.10 25.10
C THR K 13 -41.57 -11.88 25.25
N ALA K 14 -42.07 -10.74 24.79
CA ALA K 14 -41.29 -9.50 24.84
C ALA K 14 -41.02 -9.06 26.27
N LYS K 15 -42.03 -9.15 27.14
CA LYS K 15 -41.86 -8.70 28.52
C LYS K 15 -40.90 -9.60 29.28
N ARG K 16 -40.94 -10.92 29.00
CA ARG K 16 -39.98 -11.83 29.63
C ARG K 16 -38.56 -11.52 29.19
N LEU K 17 -38.37 -11.23 27.90
CA LEU K 17 -37.05 -10.85 27.41
C LEU K 17 -36.57 -9.55 28.05
N GLN K 18 -37.47 -8.58 28.18
CA GLN K 18 -37.10 -7.30 28.80
C GLN K 18 -36.72 -7.50 30.27
N TRP K 19 -37.47 -8.32 30.99
CA TRP K 19 -37.17 -8.54 32.41
C TRP K 19 -35.87 -9.33 32.58
N ALA K 20 -35.65 -10.35 31.75
CA ALA K 20 -34.45 -11.17 31.91
C ALA K 20 -33.20 -10.43 31.46
N LEU K 21 -33.31 -9.63 30.40
CA LEU K 21 -32.14 -8.97 29.84
C LEU K 21 -31.88 -7.61 30.46
N VAL K 22 -32.88 -6.73 30.46
CA VAL K 22 -32.65 -5.32 30.78
C VAL K 22 -32.88 -5.03 32.27
N TYR K 23 -34.03 -5.45 32.80
CA TYR K 23 -34.46 -4.93 34.10
C TYR K 23 -33.62 -5.50 35.24
N LEU K 24 -33.39 -6.82 35.23
CA LEU K 24 -32.66 -7.44 36.34
C LEU K 24 -31.22 -6.95 36.48
N PRO K 25 -30.39 -6.91 35.43
CA PRO K 25 -29.07 -6.29 35.59
C PRO K 25 -29.13 -4.83 35.98
N MET K 26 -30.13 -4.09 35.49
CA MET K 26 -30.27 -2.69 35.89
C MET K 26 -30.47 -2.56 37.39
N LEU K 27 -31.41 -3.35 37.94
CA LEU K 27 -31.65 -3.30 39.38
C LEU K 27 -30.43 -3.76 40.16
N VAL K 28 -29.77 -4.83 39.71
CA VAL K 28 -28.62 -5.35 40.44
C VAL K 28 -27.49 -4.32 40.47
N ALA K 29 -27.19 -3.73 39.31
CA ALA K 29 -26.12 -2.74 39.23
C ALA K 29 -26.46 -1.49 40.04
N THR K 30 -27.71 -1.01 39.96
CA THR K 30 -28.10 0.17 40.71
C THR K 30 -28.01 -0.07 42.21
N VAL K 31 -28.48 -1.24 42.67
CA VAL K 31 -28.43 -1.55 44.09
C VAL K 31 -26.99 -1.66 44.56
N TYR K 32 -26.13 -2.32 43.78
CA TYR K 32 -24.73 -2.47 44.18
C TYR K 32 -24.02 -1.13 44.21
N PHE K 33 -24.22 -0.30 43.18
CA PHE K 33 -23.45 0.93 43.07
C PHE K 33 -23.93 1.99 44.07
N LEU K 34 -25.24 2.12 44.25
CA LEU K 34 -25.78 3.19 45.08
C LEU K 34 -25.86 2.83 46.56
N VAL K 35 -25.67 1.56 46.92
CA VAL K 35 -25.79 1.16 48.31
C VAL K 35 -24.52 0.42 48.77
N PHE K 36 -24.13 -0.62 48.03
CA PHE K 36 -23.10 -1.53 48.47
C PHE K 36 -21.72 -1.21 47.94
N SER K 37 -21.55 -0.10 47.22
CA SER K 37 -20.25 0.26 46.68
C SER K 37 -19.50 1.12 47.67
N ALA K 38 -18.20 0.84 47.82
CA ALA K 38 -17.35 1.55 48.77
C ALA K 38 -16.48 2.57 48.03
N ASP K 39 -16.32 3.74 48.65
CA ASP K 39 -15.51 4.80 48.07
C ASP K 39 -14.03 4.41 48.05
N ARG K 40 -13.33 4.86 47.02
CA ARG K 40 -11.90 4.57 46.85
C ARG K 40 -11.18 5.86 46.46
N TYR K 41 -10.68 6.58 47.45
CA TYR K 41 -9.93 7.81 47.22
C TYR K 41 -8.57 7.49 46.60
N VAL K 42 -8.11 8.41 45.75
CA VAL K 42 -6.88 8.24 44.99
C VAL K 42 -5.94 9.39 45.32
N SER K 43 -4.68 9.05 45.63
CA SER K 43 -3.63 10.04 45.83
C SER K 43 -2.61 9.89 44.71
N GLU K 44 -2.31 11.00 44.04
CA GLU K 44 -1.45 11.00 42.86
C GLU K 44 -0.16 11.74 43.16
N SER K 45 0.96 11.15 42.72
CA SER K 45 2.26 11.79 42.83
C SER K 45 3.02 11.58 41.53
N VAL K 46 3.98 12.47 41.27
CA VAL K 46 4.80 12.41 40.06
C VAL K 46 6.26 12.56 40.47
N ILE K 47 7.09 11.60 40.09
CA ILE K 47 8.48 11.54 40.55
C ILE K 47 9.39 11.24 39.37
N THR K 48 10.69 11.39 39.64
CA THR K 48 11.77 11.06 38.72
C THR K 48 13.00 10.78 39.57
N VAL K 49 13.96 10.07 39.00
CA VAL K 49 15.22 9.77 39.68
C VAL K 49 16.38 10.25 38.80
N ARG K 50 17.27 11.05 39.38
CA ARG K 50 18.44 11.56 38.70
C ARG K 50 19.63 11.54 39.64
N GLN K 51 20.82 11.46 39.06
CA GLN K 51 22.04 11.50 39.85
C GLN K 51 22.25 12.88 40.45
N THR K 52 22.96 12.92 41.58
CA THR K 52 23.20 14.17 42.29
C THR K 52 24.60 14.73 42.07
N SER K 53 25.55 13.89 41.67
CA SER K 53 26.91 14.35 41.43
C SER K 53 27.47 13.77 40.14
N ALA K 74 21.46 8.04 32.04
CA ALA K 74 21.39 6.78 32.76
C ALA K 74 20.21 6.75 33.71
N SER K 75 19.43 7.84 33.71
CA SER K 75 18.27 7.92 34.58
C SER K 75 17.14 7.00 34.12
N ARG K 76 17.12 6.67 32.83
CA ARG K 76 16.08 5.80 32.30
C ARG K 76 16.16 4.41 32.90
N GLU K 77 17.39 3.89 33.09
CA GLU K 77 17.55 2.60 33.72
C GLU K 77 17.05 2.61 35.16
N ASP K 78 17.24 3.72 35.87
CA ASP K 78 16.77 3.80 37.24
C ASP K 78 15.25 3.94 37.31
N THR K 79 14.66 4.65 36.34
CA THR K 79 13.21 4.71 36.29
C THR K 79 12.61 3.33 36.01
N CYS K 80 13.26 2.56 35.11
CA CYS K 80 12.80 1.19 34.86
C CYS K 80 12.95 0.32 36.09
N TYR K 81 14.07 0.47 36.81
CA TYR K 81 14.26 -0.27 38.06
C TYR K 81 13.17 0.05 39.06
N LEU K 82 12.83 1.34 39.20
CA LEU K 82 11.79 1.73 40.14
C LEU K 82 10.42 1.22 39.71
N GLN K 83 10.15 1.25 38.40
CA GLN K 83 8.88 0.75 37.88
C GLN K 83 8.72 -0.73 38.17
N THR K 84 9.81 -1.50 38.04
CA THR K 84 9.75 -2.92 38.37
C THR K 84 9.66 -3.13 39.88
N TYR K 85 10.36 -2.32 40.66
CA TYR K 85 10.46 -2.54 42.09
C TYR K 85 9.18 -2.16 42.82
N ILE K 86 8.42 -1.20 42.30
CA ILE K 86 7.20 -0.76 42.97
C ILE K 86 6.19 -1.90 43.03
N HIS K 87 6.03 -2.63 41.93
CA HIS K 87 5.10 -3.75 41.87
C HIS K 87 5.72 -5.07 42.31
N SER K 88 6.83 -5.03 43.05
CA SER K 88 7.49 -6.24 43.50
C SER K 88 6.79 -6.78 44.74
N MET K 89 7.37 -7.82 45.34
CA MET K 89 6.81 -8.44 46.53
C MET K 89 7.52 -8.03 47.81
N GLY K 90 8.85 -7.83 47.75
CA GLY K 90 9.57 -7.36 48.93
C GLY K 90 9.11 -5.99 49.38
N LEU K 91 8.86 -5.09 48.43
CA LEU K 91 8.29 -3.80 48.78
C LEU K 91 6.91 -3.96 49.40
N LEU K 92 6.10 -4.87 48.86
CA LEU K 92 4.79 -5.13 49.45
C LEU K 92 4.94 -5.68 50.86
N GLN K 93 5.94 -6.54 51.09
CA GLN K 93 6.19 -7.06 52.43
C GLN K 93 6.52 -5.93 53.41
N LYS K 94 7.41 -5.03 53.00
CA LYS K 94 7.76 -3.89 53.86
C LYS K 94 6.56 -3.00 54.11
N LEU K 95 5.77 -2.72 53.07
CA LEU K 95 4.61 -1.85 53.22
C LEU K 95 3.57 -2.48 54.14
N ASP K 96 3.34 -3.79 54.02
CA ASP K 96 2.40 -4.47 54.89
C ASP K 96 2.89 -4.48 56.33
N GLN K 97 4.19 -4.69 56.53
CA GLN K 97 4.74 -4.67 57.89
C GLN K 97 4.67 -3.27 58.49
N GLN K 98 4.73 -2.23 57.66
CA GLN K 98 4.77 -0.87 58.18
C GLN K 98 3.38 -0.28 58.41
N LEU K 99 2.48 -0.40 57.43
CA LEU K 99 1.20 0.29 57.46
C LEU K 99 0.00 -0.63 57.64
N LYS K 100 0.20 -1.95 57.67
CA LYS K 100 -0.87 -2.93 57.80
C LYS K 100 -1.90 -2.77 56.68
N LEU K 101 -1.44 -3.00 55.44
CA LEU K 101 -2.33 -2.86 54.28
C LEU K 101 -3.43 -3.91 54.30
N ARG K 102 -3.12 -5.13 54.71
CA ARG K 102 -4.10 -6.21 54.69
C ARG K 102 -5.25 -5.93 55.65
N GLU K 103 -4.96 -5.37 56.82
CA GLU K 103 -6.02 -5.00 57.75
C GLU K 103 -6.86 -3.87 57.21
N HIS K 104 -6.24 -2.88 56.55
CA HIS K 104 -6.96 -1.72 56.04
C HIS K 104 -7.89 -2.10 54.90
N PHE K 105 -7.38 -2.88 53.94
CA PHE K 105 -8.16 -3.15 52.73
C PHE K 105 -9.34 -4.08 52.98
N GLY K 106 -9.33 -4.83 54.08
CA GLY K 106 -10.46 -5.66 54.45
C GLY K 106 -11.54 -4.97 55.24
N THR K 107 -11.35 -3.70 55.58
CA THR K 107 -12.34 -2.99 56.39
C THR K 107 -13.72 -2.85 55.76
N PRO K 108 -13.89 -2.49 54.45
CA PRO K 108 -15.26 -2.36 53.93
C PRO K 108 -15.94 -3.70 53.74
N LEU K 109 -16.90 -4.02 54.63
CA LEU K 109 -17.62 -5.28 54.51
C LEU K 109 -18.76 -5.20 53.51
N ARG K 110 -19.32 -4.01 53.27
CA ARG K 110 -20.47 -3.87 52.40
C ARG K 110 -20.13 -4.02 50.93
N ASP K 111 -18.85 -3.94 50.55
CA ASP K 111 -18.45 -4.07 49.16
C ASP K 111 -17.67 -5.37 48.99
N PRO K 112 -18.29 -6.44 48.48
CA PRO K 112 -17.56 -7.70 48.35
C PRO K 112 -16.66 -7.79 47.13
N LEU K 113 -16.90 -6.98 46.11
CA LEU K 113 -16.10 -7.08 44.88
C LEU K 113 -14.70 -6.50 45.07
N PHE K 114 -14.59 -5.35 45.73
CA PHE K 114 -13.35 -4.62 45.81
C PHE K 114 -12.68 -4.68 47.18
N ARG K 115 -13.15 -5.54 48.08
CA ARG K 115 -12.51 -5.71 49.37
C ARG K 115 -11.55 -6.89 49.32
N LEU K 116 -10.52 -6.83 50.16
CA LEU K 116 -9.54 -7.91 50.27
C LEU K 116 -10.03 -8.87 51.34
N TRP K 117 -10.57 -10.00 50.90
CA TRP K 117 -11.10 -10.99 51.84
C TRP K 117 -9.99 -11.57 52.70
N GLY K 118 -10.27 -11.72 53.99
CA GLY K 118 -9.28 -12.23 54.90
C GLY K 118 -8.95 -13.69 54.65
N GLY K 119 -7.72 -14.06 54.98
CA GLY K 119 -7.28 -15.43 54.80
C GLY K 119 -7.02 -15.84 53.38
N THR K 120 -6.78 -14.88 52.49
CA THR K 120 -6.49 -15.19 51.09
C THR K 120 -5.02 -15.57 50.96
N SER K 121 -4.56 -15.73 49.72
CA SER K 121 -3.20 -16.16 49.45
C SER K 121 -2.27 -14.97 49.27
N GLN K 122 -0.97 -15.25 49.40
CA GLN K 122 0.04 -14.21 49.18
C GLN K 122 0.04 -13.74 47.74
N GLU K 123 -0.14 -14.67 46.80
CA GLU K 123 -0.20 -14.31 45.38
C GLU K 123 -1.39 -13.41 45.10
N TRP K 124 -2.56 -13.74 45.68
CA TRP K 124 -3.73 -12.88 45.50
C TRP K 124 -3.55 -11.53 46.18
N PHE K 125 -2.86 -11.51 47.32
CA PHE K 125 -2.55 -10.24 47.96
C PHE K 125 -1.68 -9.37 47.08
N LEU K 126 -0.67 -9.97 46.44
CA LEU K 126 0.18 -9.23 45.52
C LEU K 126 -0.61 -8.73 44.32
N GLU K 127 -1.51 -9.56 43.78
CA GLU K 127 -2.33 -9.13 42.66
C GLU K 127 -3.24 -7.97 43.06
N TYR K 128 -3.82 -8.04 44.25
CA TYR K 128 -4.68 -6.96 44.74
C TYR K 128 -3.90 -5.67 44.92
N TYR K 129 -2.68 -5.77 45.48
CA TYR K 129 -1.86 -4.58 45.65
C TYR K 129 -1.46 -3.98 44.31
N ARG K 130 -1.14 -4.83 43.33
CA ARG K 130 -0.81 -4.35 42.00
C ARG K 130 -2.01 -3.71 41.32
N SER K 131 -3.22 -4.20 41.62
CA SER K 131 -4.42 -3.58 41.06
C SER K 131 -4.69 -2.22 41.69
N ARG K 132 -4.46 -2.09 43.01
CA ARG K 132 -4.77 -0.84 43.69
C ARG K 132 -3.79 0.26 43.29
N VAL K 133 -2.50 -0.05 43.21
CA VAL K 133 -1.48 0.94 42.89
C VAL K 133 -1.23 0.93 41.39
N GLU K 134 -1.40 2.09 40.76
CA GLU K 134 -1.18 2.24 39.32
C GLU K 134 0.08 3.06 39.09
N VAL K 135 0.93 2.58 38.20
CA VAL K 135 2.18 3.24 37.86
C VAL K 135 2.20 3.46 36.36
N LEU K 136 2.32 4.72 35.94
CA LEU K 136 2.42 5.07 34.53
C LEU K 136 3.73 5.81 34.29
N MET K 137 4.25 5.67 33.07
CA MET K 137 5.55 6.22 32.71
C MET K 137 5.41 7.06 31.45
N ASP K 138 5.96 8.28 31.50
CA ASP K 138 6.09 9.12 30.32
C ASP K 138 7.55 9.07 29.88
N ASP K 139 7.79 8.39 28.75
CA ASP K 139 9.16 8.18 28.29
C ASP K 139 9.74 9.45 27.68
N ILE K 140 8.93 10.20 26.93
CA ILE K 140 9.40 11.46 26.35
C ILE K 140 9.76 12.45 27.44
N CYS K 141 8.93 12.55 28.48
CA CYS K 141 9.24 13.37 29.64
C CYS K 141 10.06 12.62 30.68
N GLY K 142 10.03 11.29 30.66
CA GLY K 142 10.75 10.50 31.65
C GLY K 142 10.23 10.69 33.06
N LEU K 143 8.90 10.76 33.22
CA LEU K 143 8.28 11.03 34.51
C LEU K 143 7.43 9.84 34.91
N LEU K 144 7.59 9.38 36.16
CA LEU K 144 6.83 8.25 36.66
C LEU K 144 5.74 8.76 37.58
N THR K 145 4.48 8.54 37.19
CA THR K 145 3.35 8.95 38.01
C THR K 145 2.76 7.74 38.72
N VAL K 146 2.49 7.90 40.01
CA VAL K 146 1.98 6.84 40.86
C VAL K 146 0.63 7.29 41.40
N ARG K 147 -0.41 6.50 41.15
CA ARG K 147 -1.75 6.76 41.66
C ARG K 147 -2.11 5.63 42.61
N VAL K 148 -2.24 5.96 43.89
CA VAL K 148 -2.46 4.97 44.94
C VAL K 148 -3.91 5.07 45.39
N GLN K 149 -4.60 3.94 45.38
CA GLN K 149 -5.99 3.87 45.82
C GLN K 149 -6.06 3.44 47.29
N GLY K 150 -7.10 3.90 47.96
CA GLY K 150 -7.32 3.53 49.35
C GLY K 150 -8.76 3.80 49.72
N PHE K 151 -9.16 3.28 50.87
CA PHE K 151 -10.51 3.50 51.35
C PHE K 151 -10.64 4.73 52.23
N GLU K 152 -9.52 5.38 52.55
CA GLU K 152 -9.51 6.66 53.25
C GLU K 152 -8.45 7.54 52.61
N PRO K 153 -8.67 8.85 52.54
CA PRO K 153 -7.69 9.72 51.88
C PRO K 153 -6.35 9.78 52.61
N GLU K 154 -6.38 9.82 53.95
CA GLU K 154 -5.14 9.88 54.71
C GLU K 154 -4.31 8.62 54.49
N PHE K 155 -4.95 7.45 54.47
CA PHE K 155 -4.22 6.21 54.25
C PHE K 155 -3.62 6.17 52.85
N ALA K 156 -4.36 6.65 51.84
CA ALA K 156 -3.82 6.69 50.48
C ALA K 156 -2.61 7.60 50.39
N GLN K 157 -2.68 8.78 51.00
CA GLN K 157 -1.54 9.68 50.99
C GLN K 157 -0.34 9.09 51.73
N ALA K 158 -0.59 8.45 52.87
CA ALA K 158 0.49 7.84 53.63
C ALA K 158 1.13 6.69 52.85
N LEU K 159 0.31 5.89 52.17
CA LEU K 159 0.85 4.80 51.35
C LEU K 159 1.70 5.34 50.22
N ASN K 160 1.24 6.41 49.55
CA ASN K 160 2.05 7.00 48.48
C ASN K 160 3.37 7.54 49.01
N ARG K 161 3.33 8.22 50.15
CA ARG K 161 4.57 8.74 50.75
C ARG K 161 5.53 7.61 51.12
N ALA K 162 5.00 6.54 51.70
CA ALA K 162 5.83 5.40 52.06
C ALA K 162 6.44 4.74 50.82
N ILE K 163 5.66 4.63 49.75
CA ILE K 163 6.17 4.07 48.50
C ILE K 163 7.31 4.92 47.96
N LEU K 164 7.14 6.24 47.97
CA LEU K 164 8.20 7.13 47.47
C LEU K 164 9.46 7.01 48.33
N GLU K 165 9.29 7.01 49.65
CA GLU K 165 10.44 6.91 50.54
C GLU K 165 11.18 5.59 50.36
N GLU K 166 10.43 4.50 50.23
CA GLU K 166 11.06 3.20 50.02
C GLU K 166 11.74 3.09 48.67
N SER K 167 11.17 3.73 47.64
CA SER K 167 11.83 3.74 46.33
C SER K 167 13.16 4.48 46.39
N GLU K 168 13.17 5.65 47.03
CA GLU K 168 14.41 6.39 47.18
C GLU K 168 15.44 5.60 47.98
N ARG K 169 14.99 4.97 49.07
CA ARG K 169 15.90 4.17 49.90
C ARG K 169 16.44 2.97 49.12
N PHE K 170 15.61 2.36 48.28
CA PHE K 170 16.06 1.23 47.46
C PHE K 170 17.11 1.67 46.45
N VAL K 171 16.91 2.82 45.81
CA VAL K 171 17.90 3.32 44.86
C VAL K 171 19.22 3.60 45.57
N ASN K 172 19.15 4.26 46.73
CA ASN K 172 20.36 4.56 47.49
C ASN K 172 21.05 3.29 47.95
N GLU K 173 20.27 2.29 48.38
CA GLU K 173 20.85 1.03 48.82
C GLU K 173 21.53 0.29 47.67
N LEU K 174 20.93 0.32 46.48
CA LEU K 174 21.56 -0.30 45.31
C LEU K 174 22.90 0.37 45.00
N SER K 175 22.93 1.71 45.03
CA SER K 175 24.18 2.41 44.81
C SER K 175 25.22 2.05 45.87
N HIS K 176 24.78 1.97 47.14
CA HIS K 176 25.69 1.67 48.23
C HIS K 176 26.27 0.27 48.11
N ARG K 177 25.44 -0.72 47.76
CA ARG K 177 25.96 -2.08 47.66
C ARG K 177 26.85 -2.24 46.43
N MET K 178 26.55 -1.53 45.34
CA MET K 178 27.48 -1.53 44.21
C MET K 178 28.83 -0.95 44.60
N ALA K 179 28.82 0.17 45.33
CA ALA K 179 30.07 0.79 45.76
C ALA K 179 30.84 -0.12 46.72
N ARG K 180 30.13 -0.82 47.61
CA ARG K 180 30.79 -1.71 48.55
C ARG K 180 31.37 -2.94 47.85
N GLU K 181 30.65 -3.49 46.87
CA GLU K 181 31.19 -4.60 46.11
C GLU K 181 32.35 -4.17 45.24
N GLN K 182 32.42 -2.88 44.86
CA GLN K 182 33.60 -2.38 44.20
C GLN K 182 34.83 -2.46 45.11
N GLY K 183 34.66 -2.09 46.38
CA GLY K 183 35.75 -2.13 47.33
C GLY K 183 35.76 -3.38 48.19
N ARG K 322 27.56 7.98 51.81
CA ARG K 322 27.35 9.18 51.01
C ARG K 322 26.32 8.93 49.91
N LYS K 323 25.30 9.77 49.85
CA LYS K 323 24.24 9.63 48.87
C LYS K 323 24.75 10.02 47.50
N LEU K 324 24.82 9.07 46.58
CA LEU K 324 25.25 9.32 45.21
C LEU K 324 24.08 9.38 44.22
N LYS K 325 22.89 8.96 44.63
CA LYS K 325 21.72 8.99 43.77
C LYS K 325 20.54 9.51 44.57
N SER K 326 19.69 10.31 43.92
CA SER K 326 18.56 10.94 44.59
C SER K 326 17.32 10.79 43.73
N LEU K 327 16.16 10.84 44.40
CA LEU K 327 14.87 10.79 43.73
C LEU K 327 14.24 12.18 43.81
N VAL K 328 13.90 12.74 42.66
CA VAL K 328 13.33 14.08 42.56
C VAL K 328 11.83 13.96 42.36
N VAL K 329 11.06 14.58 43.25
CA VAL K 329 9.60 14.51 43.24
C VAL K 329 9.07 15.81 42.62
N VAL K 330 8.49 15.68 41.42
CA VAL K 330 7.89 16.84 40.77
C VAL K 330 6.60 17.24 41.47
N GLU K 331 5.75 16.27 41.78
CA GLU K 331 4.48 16.53 42.47
C GLU K 331 4.39 15.58 43.66
N PRO K 332 4.36 16.11 44.89
CA PRO K 332 4.23 15.25 46.07
C PRO K 332 2.85 14.61 46.13
N PRO K 333 2.68 13.56 46.95
CA PRO K 333 1.34 12.95 47.07
C PRO K 333 0.31 13.93 47.61
N VAL K 334 -0.80 14.03 46.89
CA VAL K 334 -1.86 14.97 47.22
C VAL K 334 -2.94 14.26 48.01
N LEU K 335 -3.39 14.88 49.09
CA LEU K 335 -4.47 14.33 49.89
C LEU K 335 -5.79 14.54 49.17
N PRO K 336 -6.49 13.49 48.78
CA PRO K 336 -7.76 13.67 48.07
C PRO K 336 -8.87 14.12 49.01
N GLU K 337 -9.87 14.77 48.42
CA GLU K 337 -11.05 15.22 49.16
C GLU K 337 -12.26 14.32 48.90
N ILE K 338 -12.44 13.83 47.68
CA ILE K 338 -13.57 12.99 47.34
C ILE K 338 -13.08 11.74 46.60
N ALA K 339 -13.93 10.71 46.60
CA ALA K 339 -13.62 9.49 45.88
C ALA K 339 -13.65 9.73 44.38
N GLU K 340 -12.76 9.05 43.67
CA GLU K 340 -12.61 9.25 42.22
C GLU K 340 -12.99 8.01 41.43
N TYR K 341 -12.39 6.85 41.72
CA TYR K 341 -12.50 5.68 40.84
C TYR K 341 -13.87 5.00 40.83
N PRO K 342 -14.63 4.94 41.93
CA PRO K 342 -16.01 4.43 41.79
C PRO K 342 -16.87 5.42 41.02
N ARG K 343 -17.15 5.08 39.76
CA ARG K 343 -17.94 5.92 38.85
C ARG K 343 -19.28 5.24 38.67
N ARG K 344 -20.23 5.54 39.55
CA ARG K 344 -21.52 4.87 39.52
C ARG K 344 -22.32 5.28 38.29
N TRP K 345 -22.41 6.58 38.01
CA TRP K 345 -23.33 7.04 36.98
C TRP K 345 -22.84 6.72 35.57
N TYR K 346 -21.55 6.91 35.33
CA TYR K 346 -21.00 6.61 34.00
C TYR K 346 -21.13 5.11 33.70
N ASN K 347 -20.78 4.26 34.67
CA ASN K 347 -20.90 2.83 34.49
C ASN K 347 -22.36 2.42 34.28
N LEU K 348 -23.27 3.01 35.05
CA LEU K 348 -24.68 2.70 34.89
C LEU K 348 -25.19 3.09 33.50
N ALA K 349 -24.78 4.27 33.01
CA ALA K 349 -25.23 4.71 31.69
C ALA K 349 -24.69 3.82 30.59
N THR K 350 -23.38 3.50 30.63
CA THR K 350 -22.82 2.69 29.56
C THR K 350 -23.35 1.26 29.61
N LEU K 351 -23.59 0.72 30.80
CA LEU K 351 -24.17 -0.61 30.91
C LEU K 351 -25.62 -0.61 30.43
N LEU K 352 -26.36 0.47 30.69
CA LEU K 352 -27.72 0.57 30.17
C LEU K 352 -27.73 0.60 28.64
N VAL K 353 -26.80 1.36 28.04
CA VAL K 353 -26.73 1.41 26.58
C VAL K 353 -26.40 0.04 26.01
N VAL K 354 -25.40 -0.63 26.59
CA VAL K 354 -24.99 -1.95 26.11
C VAL K 354 -26.13 -2.95 26.29
N CYS K 355 -26.84 -2.87 27.42
CA CYS K 355 -27.94 -3.78 27.69
C CYS K 355 -29.09 -3.58 26.71
N CYS K 356 -29.41 -2.32 26.39
CA CYS K 356 -30.46 -2.05 25.40
C CYS K 356 -30.06 -2.58 24.03
N LEU K 357 -28.79 -2.41 23.64
CA LEU K 357 -28.33 -2.94 22.36
C LEU K 357 -28.44 -4.47 22.34
N ILE K 358 -28.04 -5.12 23.44
CA ILE K 358 -28.09 -6.58 23.51
C ILE K 358 -29.53 -7.06 23.42
N TYR K 359 -30.45 -6.40 24.14
CA TYR K 359 -31.85 -6.78 24.09
C TYR K 359 -32.42 -6.61 22.69
N GLY K 360 -32.08 -5.50 22.02
CA GLY K 360 -32.55 -5.30 20.66
C GLY K 360 -32.05 -6.38 19.70
N VAL K 361 -30.77 -6.73 19.82
CA VAL K 361 -30.20 -7.77 18.95
C VAL K 361 -30.88 -9.10 19.21
N VAL K 362 -31.08 -9.45 20.48
CA VAL K 362 -31.71 -10.73 20.82
C VAL K 362 -33.14 -10.78 20.32
N SER K 363 -33.89 -9.68 20.49
CA SER K 363 -35.27 -9.65 20.01
C SER K 363 -35.33 -9.78 18.49
N LEU K 364 -34.42 -9.10 17.78
CA LEU K 364 -34.40 -9.23 16.32
C LEU K 364 -34.06 -10.66 15.89
N VAL K 365 -33.11 -11.29 16.59
CA VAL K 365 -32.74 -12.66 16.25
C VAL K 365 -33.90 -13.62 16.49
N VAL K 366 -34.60 -13.46 17.62
CA VAL K 366 -35.71 -14.37 17.91
C VAL K 366 -36.88 -14.12 16.96
N ALA K 367 -37.07 -12.87 16.52
CA ALA K 367 -38.10 -12.60 15.52
C ALA K 367 -37.74 -13.24 14.18
N THR K 368 -36.47 -13.17 13.80
CA THR K 368 -36.03 -13.83 12.58
C THR K 368 -36.23 -15.33 12.66
N ILE K 369 -35.95 -15.92 13.82
CA ILE K 369 -36.16 -17.36 14.00
C ILE K 369 -37.65 -17.70 13.90
N ARG K 370 -38.50 -16.88 14.54
CA ARG K 370 -39.94 -17.13 14.51
C ARG K 370 -40.54 -16.87 13.13
N ASP K 371 -39.83 -16.14 12.27
CA ASP K 371 -40.31 -15.90 10.91
C ASP K 371 -40.50 -17.19 10.12
N HIS K 372 -39.81 -18.27 10.51
CA HIS K 372 -39.88 -19.54 9.80
C HIS K 372 -41.06 -20.40 10.25
N GLN K 373 -42.11 -19.79 10.81
CA GLN K 373 -43.23 -20.57 11.32
C GLN K 373 -44.03 -21.23 10.20
N ASP K 374 -44.01 -20.66 9.00
CA ASP K 374 -44.77 -21.22 7.89
C ASP K 374 -43.86 -21.94 6.91
N VAL L 22 -35.17 23.18 17.34
CA VAL L 22 -34.11 23.89 16.63
C VAL L 22 -34.15 25.38 16.98
N TYR L 23 -35.35 25.97 16.90
CA TYR L 23 -35.48 27.38 17.23
C TYR L 23 -35.33 27.64 18.72
N LEU L 24 -35.86 26.75 19.56
CA LEU L 24 -35.71 26.91 21.01
C LEU L 24 -34.27 26.81 21.48
N PRO L 25 -33.47 25.81 21.05
CA PRO L 25 -32.05 25.84 21.45
C PRO L 25 -31.31 27.08 21.01
N MET L 26 -31.58 27.58 19.80
CA MET L 26 -30.96 28.83 19.36
C MET L 26 -31.39 30.01 20.22
N LEU L 27 -32.68 30.07 20.57
CA LEU L 27 -33.16 31.15 21.41
C LEU L 27 -32.49 31.14 22.77
N VAL L 28 -32.42 29.98 23.41
CA VAL L 28 -31.84 29.92 24.75
C VAL L 28 -30.33 30.17 24.69
N ALA L 29 -29.66 29.67 23.65
CA ALA L 29 -28.22 29.92 23.50
C ALA L 29 -27.94 31.40 23.29
N THR L 30 -28.74 32.06 22.46
CA THR L 30 -28.54 33.49 22.21
C THR L 30 -28.80 34.31 23.46
N VAL L 31 -29.90 34.03 24.18
CA VAL L 31 -30.18 34.82 25.38
C VAL L 31 -29.19 34.51 26.49
N TYR L 32 -28.57 33.34 26.49
CA TYR L 32 -27.51 33.08 27.47
C TYR L 32 -26.22 33.81 27.09
N PHE L 33 -25.85 33.78 25.81
CA PHE L 33 -24.56 34.33 25.41
C PHE L 33 -24.57 35.86 25.42
N LEU L 34 -25.66 36.47 24.95
CA LEU L 34 -25.69 37.92 24.82
C LEU L 34 -26.13 38.64 26.10
N VAL L 35 -26.57 37.91 27.11
CA VAL L 35 -27.05 38.55 28.34
C VAL L 35 -26.34 37.96 29.55
N PHE L 36 -26.31 36.64 29.65
CA PHE L 36 -25.84 35.97 30.86
C PHE L 36 -24.35 35.67 30.85
N SER L 37 -23.76 35.44 29.68
CA SER L 37 -22.36 35.02 29.61
C SER L 37 -21.43 36.12 30.11
N ALA L 38 -20.41 35.72 30.86
CA ALA L 38 -19.46 36.64 31.45
C ALA L 38 -18.17 36.67 30.65
N ASP L 39 -17.58 37.86 30.54
CA ASP L 39 -16.33 38.03 29.79
C ASP L 39 -15.17 37.36 30.51
N ARG L 40 -14.22 36.84 29.73
CA ARG L 40 -13.05 36.17 30.25
C ARG L 40 -11.82 36.70 29.53
N TYR L 41 -11.02 37.50 30.22
CA TYR L 41 -9.83 38.11 29.65
C TYR L 41 -8.65 37.15 29.75
N VAL L 42 -7.77 37.20 28.75
CA VAL L 42 -6.66 36.27 28.60
C VAL L 42 -5.36 37.04 28.57
N SER L 43 -4.39 36.61 29.38
CA SER L 43 -3.04 37.16 29.37
C SER L 43 -2.08 36.09 28.86
N GLU L 44 -1.18 36.49 27.97
CA GLU L 44 -0.28 35.56 27.29
C GLU L 44 1.15 35.79 27.72
N SER L 45 1.87 34.68 27.96
CA SER L 45 3.29 34.72 28.25
C SER L 45 3.99 33.62 27.48
N VAL L 46 5.24 33.88 27.08
CA VAL L 46 6.04 32.91 26.35
C VAL L 46 7.40 32.82 27.03
N ILE L 47 7.77 31.62 27.49
CA ILE L 47 8.94 31.40 28.32
C ILE L 47 9.72 30.21 27.79
N THR L 48 10.90 30.03 28.37
CA THR L 48 11.75 28.85 28.21
C THR L 48 12.83 28.91 29.28
N VAL L 49 13.26 27.74 29.74
CA VAL L 49 14.28 27.61 30.79
C VAL L 49 15.57 27.15 30.12
N ARG L 50 16.68 27.80 30.47
CA ARG L 50 17.97 27.48 29.89
C ARG L 50 19.04 27.45 30.97
N GLN L 51 19.97 26.51 30.84
CA GLN L 51 21.09 26.40 31.76
C GLN L 51 22.04 27.58 31.55
N THR L 52 22.42 28.23 32.66
CA THR L 52 23.34 29.35 32.59
C THR L 52 24.77 28.84 32.56
N SER L 53 25.41 28.91 31.40
CA SER L 53 26.77 28.41 31.24
C SER L 53 27.79 29.39 31.81
N ALA L 74 19.72 19.66 27.33
CA ALA L 74 19.26 19.27 28.66
C ALA L 74 18.11 20.15 29.13
N SER L 75 17.94 21.29 28.46
CA SER L 75 16.88 22.23 28.85
C SER L 75 15.49 21.66 28.58
N ARG L 76 15.38 20.69 27.68
CA ARG L 76 14.09 20.07 27.40
C ARG L 76 13.56 19.34 28.61
N GLU L 77 14.46 18.72 29.39
CA GLU L 77 14.05 18.04 30.61
C GLU L 77 13.40 19.00 31.59
N ASP L 78 14.07 20.12 31.88
CA ASP L 78 13.50 21.09 32.81
C ASP L 78 12.24 21.74 32.24
N THR L 79 12.17 21.91 30.93
CA THR L 79 10.96 22.47 30.32
C THR L 79 9.78 21.52 30.51
N CYS L 80 10.00 20.21 30.34
CA CYS L 80 8.91 19.25 30.54
C CYS L 80 8.53 19.13 32.02
N TYR L 81 9.53 19.20 32.91
CA TYR L 81 9.21 19.26 34.35
C TYR L 81 8.34 20.46 34.65
N LEU L 82 8.67 21.63 34.10
CA LEU L 82 7.85 22.82 34.31
C LEU L 82 6.45 22.63 33.73
N GLN L 83 6.36 22.05 32.53
CA GLN L 83 5.05 21.85 31.90
C GLN L 83 4.16 20.96 32.75
N THR L 84 4.73 19.90 33.34
CA THR L 84 3.97 19.10 34.29
C THR L 84 3.63 19.91 35.55
N TYR L 85 4.56 20.74 36.01
CA TYR L 85 4.40 21.45 37.28
C TYR L 85 3.31 22.51 37.22
N ILE L 86 3.07 23.11 36.05
CA ILE L 86 2.08 24.19 35.96
C ILE L 86 0.70 23.66 36.32
N HIS L 87 0.37 22.46 35.89
CA HIS L 87 -0.95 21.87 36.12
C HIS L 87 -0.98 20.98 37.36
N SER L 88 0.02 21.09 38.23
CA SER L 88 0.06 20.29 39.44
C SER L 88 -0.89 20.85 40.50
N MET L 89 -0.90 20.21 41.66
CA MET L 89 -1.77 20.61 42.75
C MET L 89 -1.10 21.48 43.80
N GLY L 90 0.19 21.23 44.08
CA GLY L 90 0.90 22.09 45.02
C GLY L 90 1.04 23.50 44.51
N LEU L 91 1.28 23.65 43.19
CA LEU L 91 1.32 24.97 42.59
C LEU L 91 -0.03 25.66 42.71
N LEU L 92 -1.13 24.92 42.50
CA LEU L 92 -2.45 25.49 42.65
C LEU L 92 -2.70 25.93 44.07
N GLN L 93 -2.23 25.14 45.05
CA GLN L 93 -2.36 25.53 46.45
C GLN L 93 -1.61 26.83 46.74
N LYS L 94 -0.36 26.93 46.26
CA LYS L 94 0.42 28.14 46.46
C LYS L 94 -0.27 29.35 45.85
N LEU L 95 -0.79 29.19 44.63
CA LEU L 95 -1.58 30.24 44.01
C LEU L 95 -2.85 30.56 44.81
N ASP L 96 -3.42 29.56 45.49
CA ASP L 96 -4.66 29.80 46.23
C ASP L 96 -4.42 30.64 47.46
N GLN L 97 -3.39 30.33 48.25
CA GLN L 97 -3.12 31.25 49.35
C GLN L 97 -2.24 32.43 48.96
N GLN L 98 -1.89 32.58 47.67
CA GLN L 98 -1.26 33.83 47.24
C GLN L 98 -2.28 34.83 46.72
N LEU L 99 -3.07 34.44 45.71
CA LEU L 99 -3.98 35.36 45.03
C LEU L 99 -5.46 35.11 45.30
N LYS L 100 -5.80 34.03 46.00
CA LYS L 100 -7.19 33.66 46.31
C LYS L 100 -8.00 33.51 45.02
N LEU L 101 -7.61 32.50 44.24
CA LEU L 101 -8.32 32.20 43.00
C LEU L 101 -9.74 31.71 43.25
N ARG L 102 -9.98 31.08 44.39
CA ARG L 102 -11.31 30.56 44.70
C ARG L 102 -12.33 31.69 44.79
N GLU L 103 -11.96 32.79 45.46
CA GLU L 103 -12.86 33.93 45.55
C GLU L 103 -13.04 34.61 44.20
N HIS L 104 -11.95 34.77 43.44
CA HIS L 104 -12.03 35.50 42.17
C HIS L 104 -12.88 34.75 41.15
N PHE L 105 -12.70 33.44 41.03
CA PHE L 105 -13.41 32.68 40.01
C PHE L 105 -14.90 32.52 40.33
N GLY L 106 -15.32 32.82 41.55
CA GLY L 106 -16.72 32.79 41.92
C GLY L 106 -17.41 34.14 41.93
N THR L 107 -16.69 35.22 41.63
CA THR L 107 -17.31 36.55 41.62
C THR L 107 -18.47 36.70 40.63
N PRO L 108 -18.43 36.16 39.40
CA PRO L 108 -19.64 36.23 38.56
C PRO L 108 -20.79 35.45 39.19
N LEU L 109 -22.01 35.92 38.96
CA LEU L 109 -23.20 35.26 39.45
C LEU L 109 -24.21 34.93 38.37
N ARG L 110 -24.13 35.54 37.19
CA ARG L 110 -25.08 35.30 36.12
C ARG L 110 -24.54 34.37 35.04
N ASP L 111 -23.40 33.73 35.28
CA ASP L 111 -22.78 32.82 34.32
C ASP L 111 -22.51 31.49 35.01
N PRO L 112 -23.56 30.69 35.25
CA PRO L 112 -23.36 29.43 35.98
C PRO L 112 -22.54 28.39 35.22
N LEU L 113 -22.39 28.53 33.92
CA LEU L 113 -21.62 27.55 33.15
C LEU L 113 -20.13 27.66 33.43
N PHE L 114 -19.61 28.88 33.50
CA PHE L 114 -18.19 29.13 33.73
C PHE L 114 -17.95 29.74 35.10
N ARG L 115 -18.67 29.26 36.10
CA ARG L 115 -18.58 29.75 37.47
C ARG L 115 -18.00 28.68 38.37
N LEU L 116 -17.11 29.10 39.27
CA LEU L 116 -16.58 28.21 40.30
C LEU L 116 -17.54 28.26 41.48
N TRP L 117 -18.43 27.28 41.55
CA TRP L 117 -19.47 27.27 42.57
C TRP L 117 -18.89 27.13 43.96
N GLY L 118 -19.61 27.65 44.95
CA GLY L 118 -19.17 27.54 46.32
C GLY L 118 -19.29 26.12 46.84
N GLY L 119 -18.34 25.74 47.68
CA GLY L 119 -18.36 24.43 48.29
C GLY L 119 -18.02 23.28 47.36
N THR L 120 -17.36 23.55 46.24
CA THR L 120 -16.95 22.49 45.34
C THR L 120 -15.74 21.73 45.89
N SER L 121 -15.51 20.55 45.34
CA SER L 121 -14.44 19.69 45.83
C SER L 121 -13.08 20.21 45.35
N GLN L 122 -12.04 19.68 45.99
CA GLN L 122 -10.67 20.03 45.61
C GLN L 122 -10.33 19.54 44.21
N GLU L 123 -10.80 18.32 43.86
CA GLU L 123 -10.52 17.78 42.55
C GLU L 123 -11.21 18.58 41.45
N TRP L 124 -12.47 18.97 41.66
CA TRP L 124 -13.16 19.78 40.67
C TRP L 124 -12.52 21.16 40.56
N PHE L 125 -12.04 21.72 41.67
CA PHE L 125 -11.32 22.99 41.62
C PHE L 125 -10.04 22.87 40.81
N LEU L 126 -9.33 21.74 40.97
CA LEU L 126 -8.13 21.51 40.17
C LEU L 126 -8.47 21.39 38.69
N GLU L 127 -9.57 20.69 38.37
CA GLU L 127 -9.99 20.57 36.98
C GLU L 127 -10.35 21.93 36.40
N TYR L 128 -11.05 22.76 37.19
CA TYR L 128 -11.41 24.11 36.75
C TYR L 128 -10.16 24.95 36.48
N TYR L 129 -9.18 24.88 37.39
CA TYR L 129 -7.94 25.62 37.19
C TYR L 129 -7.19 25.14 35.96
N ARG L 130 -7.17 23.83 35.73
CA ARG L 130 -6.54 23.30 34.53
C ARG L 130 -7.25 23.77 33.27
N SER L 131 -8.57 23.89 33.33
CA SER L 131 -9.32 24.40 32.18
C SER L 131 -9.04 25.89 31.95
N ARG L 132 -8.85 26.65 33.02
CA ARG L 132 -8.66 28.09 32.88
C ARG L 132 -7.26 28.45 32.40
N VAL L 133 -6.24 27.68 32.79
CA VAL L 133 -4.86 27.97 32.43
C VAL L 133 -4.43 26.98 31.35
N GLU L 134 -4.03 27.50 30.19
CA GLU L 134 -3.66 26.69 29.04
C GLU L 134 -2.16 26.76 28.83
N VAL L 135 -1.53 25.60 28.70
CA VAL L 135 -0.09 25.48 28.49
C VAL L 135 0.15 24.79 27.16
N LEU L 136 0.92 25.42 26.29
CA LEU L 136 1.26 24.88 24.98
C LEU L 136 2.77 24.78 24.84
N MET L 137 3.20 23.77 24.07
CA MET L 137 4.62 23.50 23.86
C MET L 137 4.95 23.55 22.38
N ASP L 138 6.07 24.20 22.06
CA ASP L 138 6.64 24.17 20.72
C ASP L 138 7.99 23.47 20.82
N ASP L 139 8.04 22.22 20.33
CA ASP L 139 9.23 21.39 20.49
C ASP L 139 10.34 21.79 19.52
N ILE L 140 9.97 22.21 18.31
CA ILE L 140 10.99 22.60 17.33
C ILE L 140 11.70 23.87 17.76
N CYS L 141 11.10 24.67 18.65
CA CYS L 141 11.78 25.79 19.29
C CYS L 141 11.98 25.59 20.78
N GLY L 142 11.28 24.65 21.39
CA GLY L 142 11.38 24.44 22.82
C GLY L 142 10.85 25.61 23.63
N LEU L 143 9.70 26.14 23.26
CA LEU L 143 9.13 27.31 23.92
C LEU L 143 7.79 26.93 24.55
N LEU L 144 7.53 27.48 25.74
CA LEU L 144 6.31 27.18 26.49
C LEU L 144 5.44 28.42 26.52
N THR L 145 4.20 28.30 26.04
CA THR L 145 3.24 29.39 26.02
C THR L 145 2.20 29.16 27.10
N VAL L 146 1.98 30.18 27.94
CA VAL L 146 1.02 30.11 29.03
C VAL L 146 -0.05 31.17 28.77
N ARG L 147 -1.30 30.73 28.64
CA ARG L 147 -2.44 31.62 28.50
C ARG L 147 -3.30 31.50 29.73
N VAL L 148 -3.52 32.62 30.42
CA VAL L 148 -4.25 32.65 31.68
C VAL L 148 -5.57 33.37 31.46
N GLN L 149 -6.66 32.70 31.81
CA GLN L 149 -7.98 33.31 31.71
C GLN L 149 -8.34 34.01 33.02
N GLY L 150 -9.44 34.76 32.98
CA GLY L 150 -9.90 35.49 34.13
C GLY L 150 -10.95 36.52 33.81
N PHE L 151 -11.84 36.81 34.75
CA PHE L 151 -12.90 37.77 34.53
C PHE L 151 -12.42 39.22 34.69
N GLU L 152 -11.18 39.43 35.10
CA GLU L 152 -10.62 40.77 35.22
C GLU L 152 -9.20 40.71 34.65
N PRO L 153 -8.85 41.62 33.73
CA PRO L 153 -7.52 41.57 33.10
C PRO L 153 -6.37 41.71 34.09
N GLU L 154 -6.53 42.55 35.11
CA GLU L 154 -5.47 42.74 36.09
C GLU L 154 -5.20 41.45 36.86
N PHE L 155 -6.26 40.76 37.26
CA PHE L 155 -6.07 39.50 37.99
C PHE L 155 -5.47 38.43 37.10
N ALA L 156 -5.84 38.41 35.81
CA ALA L 156 -5.24 37.45 34.89
C ALA L 156 -3.74 37.70 34.73
N GLN L 157 -3.35 38.97 34.57
CA GLN L 157 -1.93 39.29 34.46
C GLN L 157 -1.18 38.94 35.72
N ALA L 158 -1.77 39.24 36.89
CA ALA L 158 -1.13 38.90 38.15
C ALA L 158 -1.00 37.40 38.31
N LEU L 159 -2.01 36.65 37.88
CA LEU L 159 -1.96 35.19 37.95
C LEU L 159 -0.85 34.64 37.06
N ASN L 160 -0.71 35.18 35.85
CA ASN L 160 0.36 34.75 34.96
C ASN L 160 1.73 35.05 35.56
N ARG L 161 1.90 36.25 36.13
CA ARG L 161 3.18 36.60 36.74
C ARG L 161 3.49 35.71 37.93
N ALA L 162 2.49 35.40 38.75
CA ALA L 162 2.69 34.50 39.87
C ALA L 162 3.08 33.10 39.40
N ILE L 163 2.43 32.62 38.34
CA ILE L 163 2.79 31.33 37.77
C ILE L 163 4.25 31.32 37.31
N LEU L 164 4.67 32.40 36.62
CA LEU L 164 6.04 32.46 36.13
C LEU L 164 7.05 32.47 37.27
N GLU L 165 6.81 33.30 38.30
CA GLU L 165 7.77 33.40 39.39
C GLU L 165 7.81 32.11 40.21
N GLU L 166 6.65 31.46 40.40
CA GLU L 166 6.64 30.19 41.11
C GLU L 166 7.34 29.11 40.29
N SER L 167 7.22 29.14 38.96
CA SER L 167 7.94 28.19 38.14
C SER L 167 9.45 28.38 38.25
N GLU L 168 9.90 29.63 38.23
CA GLU L 168 11.33 29.89 38.38
C GLU L 168 11.84 29.43 39.75
N ARG L 169 11.09 29.74 40.81
CA ARG L 169 11.48 29.30 42.14
C ARG L 169 11.47 27.78 42.25
N PHE L 170 10.50 27.13 41.60
CA PHE L 170 10.44 25.67 41.62
C PHE L 170 11.64 25.06 40.93
N VAL L 171 12.04 25.60 39.78
CA VAL L 171 13.22 25.10 39.09
C VAL L 171 14.46 25.28 39.97
N ASN L 172 14.61 26.45 40.58
CA ASN L 172 15.77 26.71 41.42
C ASN L 172 15.81 25.78 42.62
N GLU L 173 14.67 25.58 43.29
CA GLU L 173 14.63 24.70 44.45
C GLU L 173 14.81 23.24 44.06
N LEU L 174 14.28 22.84 42.91
CA LEU L 174 14.45 21.47 42.44
C LEU L 174 15.91 21.17 42.15
N SER L 175 16.64 22.14 41.60
CA SER L 175 18.08 21.94 41.44
C SER L 175 18.80 22.00 42.78
N HIS L 176 18.35 22.86 43.69
CA HIS L 176 19.06 23.07 44.95
C HIS L 176 18.93 21.87 45.89
N ARG L 177 17.80 21.16 45.85
CA ARG L 177 17.67 19.98 46.70
C ARG L 177 18.65 18.88 46.28
N MET L 178 18.75 18.63 44.97
CA MET L 178 19.77 17.71 44.47
C MET L 178 21.17 18.25 44.72
N ALA L 179 21.32 19.58 44.78
CA ALA L 179 22.62 20.17 45.05
C ALA L 179 23.08 19.88 46.48
N ARG L 180 22.24 20.15 47.47
CA ARG L 180 22.70 20.00 48.85
C ARG L 180 22.37 18.63 49.45
N GLU L 181 21.75 17.72 48.69
CA GLU L 181 21.66 16.34 49.15
C GLU L 181 23.03 15.72 49.35
N GLN L 182 24.03 16.16 48.60
CA GLN L 182 25.40 15.70 48.82
C GLN L 182 25.92 16.15 50.18
N GLY L 183 25.63 17.38 50.56
CA GLY L 183 26.09 17.92 51.83
C GLY L 183 25.38 17.32 53.03
N LYS L 323 21.70 29.37 42.72
CA LYS L 323 21.15 29.99 41.52
C LYS L 323 21.99 29.66 40.30
N LEU L 324 21.54 28.68 39.51
CA LEU L 324 22.23 28.29 38.29
C LEU L 324 21.33 28.13 37.09
N LYS L 325 20.03 27.91 37.26
CA LYS L 325 19.09 27.78 36.17
C LYS L 325 18.09 28.93 36.22
N SER L 326 18.12 29.78 35.21
CA SER L 326 17.26 30.95 35.14
C SER L 326 16.27 30.79 34.00
N LEU L 327 15.05 31.26 34.22
CA LEU L 327 13.98 31.20 33.23
C LEU L 327 13.92 32.55 32.51
N VAL L 328 14.13 32.54 31.21
CA VAL L 328 14.05 33.77 30.42
C VAL L 328 12.65 33.91 29.87
N VAL L 329 12.20 35.15 29.72
CA VAL L 329 10.85 35.47 29.27
C VAL L 329 10.97 36.05 27.87
N VAL L 330 10.65 35.23 26.86
CA VAL L 330 10.61 35.74 25.50
C VAL L 330 9.50 36.77 25.34
N GLU L 331 8.32 36.49 25.91
CA GLU L 331 7.22 37.44 25.94
C GLU L 331 6.69 37.53 27.36
N PRO L 332 6.84 38.66 28.05
CA PRO L 332 6.32 38.80 29.40
C PRO L 332 4.79 38.85 29.38
N PRO L 333 4.15 38.59 30.52
CA PRO L 333 2.68 38.63 30.54
C PRO L 333 2.14 40.00 30.13
N VAL L 334 1.10 39.98 29.32
CA VAL L 334 0.51 41.19 28.78
C VAL L 334 -0.75 41.52 29.57
N LEU L 335 -1.19 42.77 29.47
CA LEU L 335 -2.41 43.21 30.12
C LEU L 335 -3.50 43.34 29.07
N PRO L 336 -4.45 42.42 29.00
CA PRO L 336 -5.47 42.48 27.94
C PRO L 336 -6.42 43.66 28.15
N GLU L 337 -7.00 44.09 27.04
CA GLU L 337 -7.97 45.18 27.04
C GLU L 337 -9.40 44.72 26.82
N ILE L 338 -9.61 43.68 26.00
CA ILE L 338 -10.94 43.16 25.71
C ILE L 338 -10.93 41.65 25.93
N ALA L 339 -12.13 41.10 26.13
CA ALA L 339 -12.28 39.67 26.30
C ALA L 339 -12.01 38.93 24.99
N GLU L 340 -11.46 37.72 25.11
CA GLU L 340 -11.09 36.93 23.95
C GLU L 340 -11.87 35.62 23.84
N TYR L 341 -11.90 34.84 24.91
CA TYR L 341 -12.45 33.48 24.85
C TYR L 341 -13.97 33.40 24.73
N PRO L 342 -14.78 34.29 25.36
CA PRO L 342 -16.22 34.23 25.08
C PRO L 342 -16.57 34.68 23.67
N ARG L 343 -16.18 33.86 22.68
CA ARG L 343 -16.45 34.14 21.27
C ARG L 343 -17.92 33.82 21.00
N ARG L 344 -18.78 34.79 21.24
CA ARG L 344 -20.22 34.55 21.16
C ARG L 344 -20.66 34.26 19.73
N TRP L 345 -20.25 35.12 18.78
CA TRP L 345 -20.71 34.96 17.40
C TRP L 345 -20.15 33.68 16.77
N TYR L 346 -18.88 33.37 17.02
CA TYR L 346 -18.27 32.17 16.45
C TYR L 346 -18.93 30.91 17.00
N ASN L 347 -19.19 30.88 18.31
CA ASN L 347 -19.86 29.72 18.91
C ASN L 347 -21.30 29.60 18.41
N LEU L 348 -21.98 30.73 18.23
CA LEU L 348 -23.34 30.69 17.68
C LEU L 348 -23.33 30.14 16.26
N ALA L 349 -22.36 30.55 15.44
CA ALA L 349 -22.26 30.01 14.08
C ALA L 349 -21.94 28.52 14.11
N THR L 350 -21.06 28.09 15.02
CA THR L 350 -20.73 26.68 15.13
C THR L 350 -21.95 25.86 15.54
N LEU L 351 -22.77 26.40 16.45
CA LEU L 351 -24.02 25.75 16.80
C LEU L 351 -24.99 25.72 15.62
N LEU L 352 -24.99 26.77 14.80
CA LEU L 352 -25.82 26.79 13.60
C LEU L 352 -25.38 25.74 12.60
N VAL L 353 -24.10 25.41 12.57
CA VAL L 353 -23.63 24.31 11.74
C VAL L 353 -24.25 22.99 12.21
N VAL L 354 -24.30 22.78 13.51
CA VAL L 354 -24.93 21.59 14.07
C VAL L 354 -26.41 21.86 14.37
#